data_2M5E
#
_entry.id   2M5E
#
_cell.length_a   1.000
_cell.length_b   1.000
_cell.length_c   1.000
_cell.angle_alpha   90.00
_cell.angle_beta   90.00
_cell.angle_gamma   90.00
#
_symmetry.space_group_name_H-M   'P 1'
#
loop_
_entity.id
_entity.type
_entity.pdbx_description
1 polymer Calmodulin
2 polymer 'Sodium channel protein type 2 subunit alpha'
3 non-polymer 'CALCIUM ION'
#
loop_
_entity_poly.entity_id
_entity_poly.type
_entity_poly.pdbx_seq_one_letter_code
_entity_poly.pdbx_strand_id
1 'polypeptide(L)' MKEQDSEEELIEAFKVFDRDGNGLISAAELRHVMTNLGEKLTDDEVDEMIREADIDGDGHINYEEFVRMMVSK A
2 'polypeptide(L)' KRKQEEVSAIVIQRAYRRYLLKQKVKK B
#
# COMPACT_ATOMS: atom_id res chain seq x y z
N MET A 1 -6.60 -11.57 10.47
CA MET A 1 -5.92 -11.69 11.78
C MET A 1 -4.40 -11.72 11.61
N LYS A 2 -3.95 -12.38 10.56
CA LYS A 2 -2.52 -12.48 10.28
C LYS A 2 -1.99 -11.20 9.65
N GLU A 3 -1.38 -10.35 10.47
CA GLU A 3 -0.84 -9.08 10.00
C GLU A 3 0.64 -8.96 10.34
N GLN A 4 0.96 -9.13 11.62
CA GLN A 4 2.35 -9.04 12.08
C GLN A 4 3.22 -10.07 11.39
N ASP A 5 2.63 -11.22 11.04
CA ASP A 5 3.36 -12.29 10.37
C ASP A 5 3.44 -12.04 8.87
N SER A 6 2.59 -11.16 8.36
CA SER A 6 2.58 -10.84 6.94
C SER A 6 3.92 -10.26 6.50
N GLU A 7 4.75 -9.85 7.46
CA GLU A 7 6.07 -9.28 7.16
C GLU A 7 6.74 -9.98 5.99
N GLU A 8 6.66 -11.31 5.98
CA GLU A 8 7.27 -12.10 4.92
C GLU A 8 6.72 -11.69 3.55
N GLU A 9 5.44 -11.38 3.51
CA GLU A 9 4.79 -10.95 2.27
C GLU A 9 4.85 -9.43 2.13
N LEU A 10 4.48 -8.73 3.20
CA LEU A 10 4.49 -7.27 3.20
C LEU A 10 5.86 -6.74 2.77
N ILE A 11 6.90 -7.52 3.05
CA ILE A 11 8.26 -7.13 2.70
C ILE A 11 8.51 -7.30 1.20
N GLU A 12 7.82 -8.26 0.59
CA GLU A 12 7.96 -8.52 -0.83
C GLU A 12 7.25 -7.44 -1.65
N ALA A 13 6.14 -6.93 -1.11
CA ALA A 13 5.37 -5.90 -1.79
C ALA A 13 6.16 -4.60 -1.88
N PHE A 14 7.01 -4.35 -0.89
CA PHE A 14 7.82 -3.15 -0.86
C PHE A 14 8.72 -3.06 -2.09
N LYS A 15 9.53 -4.10 -2.30
CA LYS A 15 10.44 -4.15 -3.44
C LYS A 15 9.68 -3.97 -4.75
N VAL A 16 8.42 -4.40 -4.78
CA VAL A 16 7.59 -4.28 -5.97
C VAL A 16 6.99 -2.89 -6.09
N PHE A 17 6.69 -2.27 -4.96
CA PHE A 17 6.10 -0.93 -4.94
C PHE A 17 7.17 0.13 -5.13
N ASP A 18 8.32 -0.05 -4.47
CA ASP A 18 9.42 0.89 -4.57
C ASP A 18 10.16 0.73 -5.89
N ARG A 19 9.76 1.50 -6.89
CA ARG A 19 10.39 1.44 -8.21
C ARG A 19 11.79 2.06 -8.17
N ASP A 20 11.94 3.11 -7.36
CA ASP A 20 13.22 3.79 -7.24
C ASP A 20 14.22 2.94 -6.45
N GLY A 21 13.71 2.00 -5.68
CA GLY A 21 14.58 1.13 -4.89
C GLY A 21 15.35 1.90 -3.83
N ASN A 22 14.77 3.00 -3.37
CA ASN A 22 15.41 3.83 -2.35
C ASN A 22 14.91 3.47 -0.95
N GLY A 23 13.72 2.88 -0.89
CA GLY A 23 13.14 2.50 0.39
C GLY A 23 12.09 3.48 0.86
N LEU A 24 11.49 4.20 -0.08
CA LEU A 24 10.46 5.18 0.25
C LEU A 24 9.41 5.27 -0.86
N ILE A 25 8.15 5.17 -0.47
CA ILE A 25 7.06 5.24 -1.44
C ILE A 25 6.36 6.60 -1.39
N SER A 26 6.31 7.27 -2.55
CA SER A 26 5.68 8.57 -2.64
C SER A 26 4.27 8.46 -3.21
N ALA A 27 3.62 9.60 -3.39
CA ALA A 27 2.26 9.63 -3.92
C ALA A 27 2.25 9.28 -5.41
N ALA A 28 3.33 9.62 -6.11
CA ALA A 28 3.44 9.34 -7.53
C ALA A 28 3.85 7.89 -7.78
N GLU A 29 4.59 7.32 -6.83
CA GLU A 29 5.05 5.94 -6.95
C GLU A 29 3.90 4.96 -6.66
N LEU A 30 3.15 5.24 -5.59
CA LEU A 30 2.03 4.38 -5.21
C LEU A 30 0.96 4.35 -6.30
N ARG A 31 0.55 5.52 -6.76
CA ARG A 31 -0.46 5.63 -7.79
C ARG A 31 -0.02 4.92 -9.07
N HIS A 32 1.29 4.90 -9.29
CA HIS A 32 1.85 4.25 -10.48
C HIS A 32 1.61 2.75 -10.44
N VAL A 33 1.72 2.17 -9.24
CA VAL A 33 1.52 0.73 -9.08
C VAL A 33 0.04 0.37 -9.15
N MET A 34 -0.81 1.24 -8.58
CA MET A 34 -2.25 1.01 -8.58
C MET A 34 -2.79 0.92 -10.00
N THR A 35 -2.21 1.72 -10.90
CA THR A 35 -2.63 1.73 -12.29
C THR A 35 -2.34 0.38 -12.96
N ASN A 36 -1.12 -0.10 -12.79
CA ASN A 36 -0.72 -1.37 -13.37
C ASN A 36 -1.48 -2.53 -12.74
N LEU A 37 -1.68 -2.45 -11.43
CA LEU A 37 -2.41 -3.49 -10.70
C LEU A 37 -3.87 -3.54 -11.12
N GLY A 38 -4.37 -2.45 -11.69
CA GLY A 38 -5.75 -2.39 -12.12
C GLY A 38 -6.62 -1.60 -11.18
N GLU A 39 -6.17 -0.41 -10.82
CA GLU A 39 -6.92 0.46 -9.92
C GLU A 39 -6.70 1.93 -10.26
N LYS A 40 -7.77 2.62 -10.60
CA LYS A 40 -7.70 4.04 -10.96
C LYS A 40 -7.85 4.92 -9.72
N LEU A 41 -6.86 5.79 -9.51
CA LEU A 41 -6.88 6.69 -8.35
C LEU A 41 -6.43 8.10 -8.76
N THR A 42 -7.13 9.10 -8.24
CA THR A 42 -6.80 10.49 -8.54
C THR A 42 -5.66 10.98 -7.65
N ASP A 43 -5.09 12.13 -8.01
CA ASP A 43 -4.00 12.71 -7.24
C ASP A 43 -4.43 12.99 -5.81
N ASP A 44 -5.71 13.32 -5.64
CA ASP A 44 -6.25 13.61 -4.31
C ASP A 44 -6.52 12.32 -3.54
N GLU A 45 -7.07 11.33 -4.22
CA GLU A 45 -7.37 10.05 -3.59
C GLU A 45 -6.10 9.38 -3.08
N VAL A 46 -5.03 9.47 -3.87
CA VAL A 46 -3.75 8.87 -3.50
C VAL A 46 -3.11 9.61 -2.34
N ASP A 47 -3.06 10.93 -2.45
CA ASP A 47 -2.46 11.76 -1.40
C ASP A 47 -3.13 11.50 -0.05
N GLU A 48 -4.40 11.13 -0.09
CA GLU A 48 -5.16 10.86 1.13
C GLU A 48 -4.69 9.55 1.77
N MET A 49 -4.22 8.62 0.93
CA MET A 49 -3.75 7.33 1.41
C MET A 49 -2.34 7.45 1.99
N ILE A 50 -1.55 8.35 1.43
CA ILE A 50 -0.18 8.56 1.88
C ILE A 50 -0.16 9.15 3.30
N ARG A 51 -1.00 10.14 3.53
CA ARG A 51 -1.07 10.79 4.84
C ARG A 51 -1.50 9.80 5.92
N GLU A 52 -2.46 8.94 5.58
CA GLU A 52 -2.95 7.94 6.52
C GLU A 52 -1.85 6.97 6.93
N ALA A 53 -0.89 6.75 6.02
CA ALA A 53 0.22 5.84 6.29
C ALA A 53 1.43 6.61 6.81
N ASP A 54 1.57 7.86 6.38
CA ASP A 54 2.69 8.69 6.82
C ASP A 54 2.60 9.00 8.31
N ILE A 55 3.42 8.34 9.10
CA ILE A 55 3.44 8.55 10.55
C ILE A 55 4.42 9.66 10.93
N ASP A 56 5.46 9.81 10.12
CA ASP A 56 6.47 10.83 10.39
C ASP A 56 6.05 12.18 9.82
N GLY A 57 5.11 12.17 8.88
CA GLY A 57 4.65 13.40 8.28
C GLY A 57 5.65 13.99 7.31
N ASP A 58 6.28 13.12 6.52
CA ASP A 58 7.28 13.56 5.55
C ASP A 58 6.75 13.42 4.12
N GLY A 59 5.74 12.58 3.94
CA GLY A 59 5.17 12.38 2.63
C GLY A 59 5.73 11.14 1.93
N HIS A 60 6.09 10.13 2.73
CA HIS A 60 6.64 8.90 2.19
C HIS A 60 6.29 7.71 3.09
N ILE A 61 6.00 6.57 2.48
CA ILE A 61 5.66 5.37 3.23
C ILE A 61 6.86 4.45 3.36
N ASN A 62 7.28 4.21 4.60
CA ASN A 62 8.43 3.35 4.87
C ASN A 62 7.97 1.95 5.27
N TYR A 63 8.90 1.14 5.75
CA TYR A 63 8.60 -0.22 6.17
C TYR A 63 7.69 -0.22 7.40
N GLU A 64 8.07 0.56 8.41
CA GLU A 64 7.29 0.65 9.63
C GLU A 64 5.88 1.16 9.35
N GLU A 65 5.77 2.03 8.34
CA GLU A 65 4.48 2.60 7.95
C GLU A 65 3.69 1.62 7.09
N PHE A 66 4.41 0.83 6.30
CA PHE A 66 3.77 -0.15 5.42
C PHE A 66 2.99 -1.18 6.23
N VAL A 67 3.64 -1.74 7.25
CA VAL A 67 3.00 -2.73 8.10
C VAL A 67 1.83 -2.13 8.86
N ARG A 68 1.99 -0.90 9.33
CA ARG A 68 0.95 -0.21 10.07
C ARG A 68 -0.32 -0.07 9.22
N MET A 69 -0.14 0.41 7.99
CA MET A 69 -1.27 0.59 7.07
C MET A 69 -1.96 -0.73 6.82
N MET A 70 -1.18 -1.81 6.70
CA MET A 70 -1.72 -3.13 6.45
C MET A 70 -2.36 -3.71 7.72
N VAL A 71 -1.81 -3.34 8.87
CA VAL A 71 -2.31 -3.82 10.15
C VAL A 71 -3.24 -2.79 10.79
N SER A 72 -3.91 -1.99 9.95
CA SER A 72 -4.83 -0.97 10.43
C SER A 72 -6.28 -1.40 10.25
N LYS A 73 -6.79 -2.18 11.21
CA LYS A 73 -8.16 -2.66 11.14
C LYS A 73 -8.39 -3.52 9.90
N LYS B 1 -17.65 15.70 3.66
CA LYS B 1 -16.40 14.89 3.80
C LYS B 1 -16.64 13.66 4.68
N ARG B 2 -16.19 12.51 4.21
CA ARG B 2 -16.36 11.26 4.96
C ARG B 2 -15.01 10.67 5.36
N LYS B 3 -13.93 11.17 4.77
CA LYS B 3 -12.58 10.70 5.07
C LYS B 3 -12.29 9.38 4.35
N GLN B 4 -13.18 8.41 4.50
CA GLN B 4 -13.01 7.11 3.85
C GLN B 4 -11.84 6.35 4.47
N GLU B 5 -11.74 6.40 5.80
CA GLU B 5 -10.67 5.72 6.50
C GLU B 5 -10.77 4.21 6.31
N GLU B 6 -11.99 3.71 6.27
CA GLU B 6 -12.22 2.28 6.08
C GLU B 6 -12.18 1.90 4.60
N VAL B 7 -12.89 2.67 3.79
CA VAL B 7 -12.93 2.43 2.35
C VAL B 7 -11.52 2.51 1.74
N SER B 8 -10.76 3.50 2.19
CA SER B 8 -9.40 3.69 1.69
C SER B 8 -8.54 2.47 1.99
N ALA B 9 -8.84 1.80 3.09
CA ALA B 9 -8.10 0.61 3.49
C ALA B 9 -8.40 -0.56 2.57
N ILE B 10 -9.65 -0.64 2.11
CA ILE B 10 -10.07 -1.70 1.21
C ILE B 10 -9.40 -1.57 -0.16
N VAL B 11 -9.26 -0.33 -0.61
CA VAL B 11 -8.64 -0.05 -1.90
C VAL B 11 -7.21 -0.60 -1.95
N ILE B 12 -6.51 -0.50 -0.83
CA ILE B 12 -5.14 -0.99 -0.74
C ILE B 12 -5.11 -2.48 -0.43
N GLN B 13 -6.03 -2.92 0.42
CA GLN B 13 -6.10 -4.33 0.78
C GLN B 13 -6.48 -5.19 -0.43
N ARG B 14 -7.48 -4.74 -1.18
CA ARG B 14 -7.93 -5.46 -2.37
C ARG B 14 -6.82 -5.50 -3.41
N ALA B 15 -6.11 -4.39 -3.58
CA ALA B 15 -5.03 -4.31 -4.55
C ALA B 15 -3.95 -5.34 -4.25
N TYR B 16 -3.67 -5.56 -2.97
CA TYR B 16 -2.67 -6.52 -2.56
C TYR B 16 -3.18 -7.95 -2.71
N ARG B 17 -4.49 -8.11 -2.52
CA ARG B 17 -5.12 -9.43 -2.63
C ARG B 17 -4.93 -10.00 -4.03
N ARG B 18 -5.12 -9.16 -5.04
CA ARG B 18 -4.97 -9.57 -6.43
C ARG B 18 -3.52 -9.95 -6.72
N TYR B 19 -2.59 -9.18 -6.17
CA TYR B 19 -1.16 -9.43 -6.36
C TYR B 19 -0.78 -10.81 -5.85
N LEU B 20 -1.40 -11.21 -4.74
CA LEU B 20 -1.12 -12.51 -4.14
C LEU B 20 -1.76 -13.63 -4.95
N LEU B 21 -3.02 -13.43 -5.33
CA LEU B 21 -3.74 -14.43 -6.12
C LEU B 21 -3.06 -14.66 -7.46
N LYS B 22 -2.39 -13.63 -7.96
CA LYS B 22 -1.69 -13.72 -9.24
C LYS B 22 -0.30 -14.32 -9.07
N GLN B 23 0.45 -13.82 -8.10
CA GLN B 23 1.80 -14.31 -7.83
C GLN B 23 1.75 -15.70 -7.23
N LYS B 24 0.91 -15.88 -6.22
CA LYS B 24 0.78 -17.18 -5.55
C LYS B 24 0.06 -18.18 -6.45
N VAL B 25 0.75 -18.64 -7.49
CA VAL B 25 0.17 -19.60 -8.42
C VAL B 25 -0.03 -20.96 -7.76
N LYS B 26 0.80 -21.25 -6.76
CA LYS B 26 0.72 -22.52 -6.04
C LYS B 26 1.12 -23.69 -6.93
N LYS B 27 0.32 -23.96 -7.95
CA LYS B 27 0.62 -25.05 -8.88
C LYS B 27 0.79 -24.53 -10.30
N MET A 1 -4.09 -7.51 9.60
CA MET A 1 -4.66 -8.58 10.45
C MET A 1 -3.56 -9.45 11.05
N LYS A 2 -2.55 -9.77 10.23
CA LYS A 2 -1.44 -10.60 10.69
C LYS A 2 -0.26 -9.73 11.13
N GLU A 3 0.54 -10.26 12.05
CA GLU A 3 1.70 -9.54 12.56
C GLU A 3 3.00 -10.10 11.97
N GLN A 4 3.22 -11.39 12.20
CA GLN A 4 4.42 -12.06 11.70
C GLN A 4 4.35 -12.27 10.19
N ASP A 5 3.15 -12.62 9.71
CA ASP A 5 2.95 -12.86 8.28
C ASP A 5 3.15 -11.56 7.48
N SER A 6 2.93 -10.43 8.14
CA SER A 6 3.09 -9.13 7.49
C SER A 6 4.57 -8.79 7.26
N GLU A 7 5.46 -9.63 7.80
CA GLU A 7 6.89 -9.40 7.64
C GLU A 7 7.43 -10.05 6.37
N GLU A 8 6.85 -11.18 5.99
CA GLU A 8 7.29 -11.90 4.80
C GLU A 8 6.41 -11.57 3.59
N GLU A 9 5.16 -11.17 3.85
CA GLU A 9 4.24 -10.83 2.77
C GLU A 9 4.39 -9.37 2.35
N LEU A 10 4.42 -8.47 3.32
CA LEU A 10 4.55 -7.04 3.02
C LEU A 10 5.94 -6.71 2.49
N ILE A 11 6.95 -7.44 2.96
CA ILE A 11 8.32 -7.21 2.53
C ILE A 11 8.46 -7.40 1.02
N GLU A 12 7.79 -8.42 0.49
CA GLU A 12 7.83 -8.71 -0.94
C GLU A 12 7.11 -7.63 -1.74
N ALA A 13 6.00 -7.15 -1.20
CA ALA A 13 5.21 -6.12 -1.86
C ALA A 13 5.93 -4.78 -1.83
N PHE A 14 6.62 -4.51 -0.73
CA PHE A 14 7.35 -3.25 -0.58
C PHE A 14 8.42 -3.11 -1.67
N LYS A 15 9.11 -4.21 -1.95
CA LYS A 15 10.15 -4.20 -2.98
C LYS A 15 9.57 -3.91 -4.36
N VAL A 16 8.38 -4.44 -4.61
CA VAL A 16 7.71 -4.23 -5.90
C VAL A 16 7.05 -2.86 -5.94
N PHE A 17 6.50 -2.43 -4.82
CA PHE A 17 5.84 -1.13 -4.74
C PHE A 17 6.83 0.01 -4.92
N ASP A 18 7.96 -0.09 -4.23
CA ASP A 18 9.00 0.94 -4.31
C ASP A 18 9.87 0.73 -5.56
N ARG A 19 9.37 1.19 -6.70
CA ARG A 19 10.09 1.07 -7.95
C ARG A 19 11.35 1.93 -7.96
N ASP A 20 11.36 2.97 -7.12
CA ASP A 20 12.50 3.87 -7.03
C ASP A 20 13.70 3.18 -6.41
N GLY A 21 13.45 2.09 -5.69
CA GLY A 21 14.54 1.35 -5.06
C GLY A 21 15.28 2.19 -4.04
N ASN A 22 14.56 3.08 -3.36
CA ASN A 22 15.17 3.94 -2.35
C ASN A 22 14.73 3.53 -0.94
N GLY A 23 13.59 2.83 -0.85
CA GLY A 23 13.09 2.40 0.43
C GLY A 23 11.83 3.14 0.85
N LEU A 24 11.70 4.38 0.37
CA LEU A 24 10.54 5.20 0.69
C LEU A 24 9.62 5.34 -0.52
N ILE A 25 8.33 5.12 -0.30
CA ILE A 25 7.36 5.23 -1.38
C ILE A 25 6.64 6.59 -1.34
N SER A 26 6.72 7.32 -2.44
CA SER A 26 6.09 8.64 -2.53
C SER A 26 4.66 8.51 -3.04
N ALA A 27 3.99 9.65 -3.19
CA ALA A 27 2.62 9.67 -3.67
C ALA A 27 2.55 9.21 -5.13
N ALA A 28 3.47 9.69 -5.94
CA ALA A 28 3.51 9.33 -7.35
C ALA A 28 3.89 7.86 -7.53
N GLU A 29 4.76 7.37 -6.66
CA GLU A 29 5.20 5.98 -6.73
C GLU A 29 4.04 5.03 -6.47
N LEU A 30 3.18 5.39 -5.52
CA LEU A 30 2.02 4.57 -5.18
C LEU A 30 1.02 4.53 -6.33
N ARG A 31 0.86 5.67 -7.00
CA ARG A 31 -0.06 5.77 -8.12
C ARG A 31 0.44 4.97 -9.32
N HIS A 32 1.75 4.89 -9.46
CA HIS A 32 2.36 4.15 -10.56
C HIS A 32 2.09 2.66 -10.44
N VAL A 33 2.04 2.18 -9.20
CA VAL A 33 1.78 0.77 -8.94
C VAL A 33 0.29 0.46 -8.99
N MET A 34 -0.52 1.42 -8.55
CA MET A 34 -1.97 1.25 -8.53
C MET A 34 -2.51 1.14 -9.95
N THR A 35 -1.90 1.87 -10.87
CA THR A 35 -2.32 1.86 -12.27
C THR A 35 -1.97 0.52 -12.93
N ASN A 36 -0.87 -0.07 -12.50
CA ASN A 36 -0.42 -1.35 -13.05
C ASN A 36 -1.24 -2.50 -12.48
N LEU A 37 -1.54 -2.42 -11.19
CA LEU A 37 -2.32 -3.45 -10.52
C LEU A 37 -3.75 -3.49 -11.04
N GLY A 38 -4.19 -2.39 -11.66
CA GLY A 38 -5.54 -2.33 -12.19
C GLY A 38 -6.46 -1.47 -11.36
N GLU A 39 -5.96 -0.32 -10.91
CA GLU A 39 -6.75 0.60 -10.09
C GLU A 39 -6.60 2.02 -10.59
N LYS A 40 -7.72 2.74 -10.69
CA LYS A 40 -7.70 4.11 -11.15
C LYS A 40 -8.23 5.05 -10.07
N LEU A 41 -7.35 5.92 -9.57
CA LEU A 41 -7.71 6.87 -8.53
C LEU A 41 -7.19 8.26 -8.86
N THR A 42 -7.93 9.28 -8.44
CA THR A 42 -7.54 10.66 -8.68
C THR A 42 -6.30 11.03 -7.88
N ASP A 43 -5.84 12.27 -8.04
CA ASP A 43 -4.66 12.75 -7.33
C ASP A 43 -4.93 12.82 -5.82
N ASP A 44 -6.07 13.40 -5.47
CA ASP A 44 -6.44 13.53 -4.06
C ASP A 44 -6.59 12.16 -3.41
N GLU A 45 -7.09 11.19 -4.16
CA GLU A 45 -7.28 9.84 -3.65
C GLU A 45 -5.94 9.22 -3.26
N VAL A 46 -4.90 9.55 -4.01
CA VAL A 46 -3.56 9.02 -3.74
C VAL A 46 -2.97 9.65 -2.49
N ASP A 47 -3.05 10.98 -2.40
CA ASP A 47 -2.52 11.71 -1.26
C ASP A 47 -3.20 11.27 0.03
N GLU A 48 -4.49 10.94 -0.07
CA GLU A 48 -5.27 10.51 1.09
C GLU A 48 -4.71 9.21 1.66
N MET A 49 -4.17 8.36 0.78
CA MET A 49 -3.61 7.09 1.19
C MET A 49 -2.26 7.29 1.89
N ILE A 50 -1.52 8.31 1.47
CA ILE A 50 -0.23 8.61 2.06
C ILE A 50 -0.38 9.17 3.47
N ARG A 51 -1.32 10.08 3.64
CA ARG A 51 -1.57 10.69 4.94
C ARG A 51 -2.02 9.64 5.95
N GLU A 52 -2.74 8.63 5.48
CA GLU A 52 -3.22 7.56 6.34
C GLU A 52 -2.06 6.73 6.89
N ALA A 53 -1.00 6.60 6.10
CA ALA A 53 0.17 5.84 6.50
C ALA A 53 1.38 6.75 6.68
N ASP A 54 1.13 7.99 7.07
CA ASP A 54 2.20 8.96 7.28
C ASP A 54 2.45 9.18 8.77
N ILE A 55 3.51 8.58 9.29
CA ILE A 55 3.86 8.71 10.70
C ILE A 55 4.71 9.96 10.94
N ASP A 56 5.78 10.08 10.17
CA ASP A 56 6.68 11.24 10.30
C ASP A 56 6.15 12.44 9.52
N GLY A 57 5.27 12.18 8.56
CA GLY A 57 4.71 13.25 7.77
C GLY A 57 5.72 13.87 6.83
N ASP A 58 6.61 13.03 6.28
CA ASP A 58 7.63 13.50 5.36
C ASP A 58 7.13 13.46 3.91
N GLY A 59 6.09 12.66 3.67
CA GLY A 59 5.55 12.56 2.33
C GLY A 59 5.94 11.26 1.65
N HIS A 60 6.13 10.21 2.43
CA HIS A 60 6.52 8.90 1.90
C HIS A 60 6.03 7.78 2.80
N ILE A 61 6.32 6.54 2.41
CA ILE A 61 5.91 5.38 3.18
C ILE A 61 7.04 4.37 3.30
N ASN A 62 7.63 4.27 4.48
CA ASN A 62 8.72 3.34 4.72
C ASN A 62 8.19 1.95 5.05
N TYR A 63 9.10 1.03 5.36
CA TYR A 63 8.72 -0.34 5.71
C TYR A 63 7.82 -0.36 6.94
N GLU A 64 8.22 0.37 7.97
CA GLU A 64 7.44 0.44 9.21
C GLU A 64 6.04 0.97 8.95
N GLU A 65 5.95 2.00 8.11
CA GLU A 65 4.66 2.60 7.78
C GLU A 65 3.80 1.64 6.95
N PHE A 66 4.46 0.80 6.17
CA PHE A 66 3.76 -0.16 5.32
C PHE A 66 3.13 -1.27 6.17
N VAL A 67 3.78 -1.60 7.28
CA VAL A 67 3.28 -2.63 8.17
C VAL A 67 2.01 -2.17 8.89
N ARG A 68 1.91 -0.88 9.15
CA ARG A 68 0.76 -0.32 9.82
C ARG A 68 -0.38 -0.06 8.83
N MET A 69 -0.02 0.28 7.61
CA MET A 69 -1.01 0.55 6.56
C MET A 69 -1.81 -0.71 6.22
N MET A 70 -1.10 -1.83 6.08
CA MET A 70 -1.75 -3.10 5.75
C MET A 70 -2.35 -3.74 6.99
N VAL A 71 -1.58 -3.75 8.08
CA VAL A 71 -2.05 -4.33 9.34
C VAL A 71 -2.62 -3.26 10.26
N SER A 72 -3.35 -2.32 9.68
CA SER A 72 -3.96 -1.24 10.46
C SER A 72 -5.20 -1.73 11.20
N LYS A 73 -5.06 -1.95 12.50
CA LYS A 73 -6.17 -2.42 13.32
C LYS A 73 -6.69 -3.77 12.80
N LYS B 1 -16.31 18.79 6.44
CA LYS B 1 -15.25 17.91 5.90
C LYS B 1 -15.65 16.44 5.99
N ARG B 2 -15.61 15.76 4.86
CA ARG B 2 -15.96 14.34 4.80
C ARG B 2 -14.71 13.46 4.83
N LYS B 3 -13.83 13.66 3.86
CA LYS B 3 -12.60 12.88 3.77
C LYS B 3 -12.90 11.40 3.61
N GLN B 4 -11.92 10.64 3.13
CA GLN B 4 -12.08 9.21 2.94
C GLN B 4 -10.96 8.44 3.63
N GLU B 5 -11.17 8.14 4.91
CA GLU B 5 -10.18 7.40 5.69
C GLU B 5 -10.40 5.89 5.57
N GLU B 6 -11.67 5.50 5.55
CA GLU B 6 -12.02 4.09 5.44
C GLU B 6 -11.85 3.59 4.01
N VAL B 7 -12.44 4.32 3.06
CA VAL B 7 -12.36 3.96 1.65
C VAL B 7 -10.90 3.83 1.20
N SER B 8 -10.02 4.59 1.84
CA SER B 8 -8.60 4.55 1.49
C SER B 8 -7.91 3.35 2.13
N ALA B 9 -8.50 2.82 3.19
CA ALA B 9 -7.94 1.66 3.88
C ALA B 9 -8.38 0.35 3.23
N ILE B 10 -9.64 0.30 2.80
CA ILE B 10 -10.17 -0.89 2.16
C ILE B 10 -9.60 -1.08 0.76
N VAL B 11 -9.42 0.03 0.04
CA VAL B 11 -8.88 -0.02 -1.31
C VAL B 11 -7.49 -0.65 -1.32
N ILE B 12 -6.66 -0.27 -0.36
CA ILE B 12 -5.30 -0.80 -0.27
C ILE B 12 -5.33 -2.32 -0.09
N GLN B 13 -6.31 -2.81 0.67
CA GLN B 13 -6.44 -4.23 0.93
C GLN B 13 -6.95 -4.97 -0.31
N ARG B 14 -7.81 -4.30 -1.07
CA ARG B 14 -8.37 -4.90 -2.28
C ARG B 14 -7.30 -5.03 -3.36
N ALA B 15 -6.35 -4.11 -3.37
CA ALA B 15 -5.28 -4.12 -4.35
C ALA B 15 -4.32 -5.29 -4.11
N TYR B 16 -4.00 -5.54 -2.84
CA TYR B 16 -3.09 -6.63 -2.49
C TYR B 16 -3.76 -7.98 -2.70
N ARG B 17 -5.08 -8.03 -2.53
CA ARG B 17 -5.84 -9.26 -2.71
C ARG B 17 -5.67 -9.80 -4.13
N ARG B 18 -5.48 -8.90 -5.08
CA ARG B 18 -5.31 -9.30 -6.48
C ARG B 18 -3.88 -9.74 -6.74
N TYR B 19 -2.93 -9.14 -6.03
CA TYR B 19 -1.51 -9.47 -6.19
C TYR B 19 -1.26 -10.92 -5.81
N LEU B 20 -1.98 -11.41 -4.81
CA LEU B 20 -1.82 -12.78 -4.35
C LEU B 20 -2.43 -13.77 -5.35
N LEU B 21 -3.64 -13.46 -5.81
CA LEU B 21 -4.33 -14.32 -6.76
C LEU B 21 -3.58 -14.39 -8.09
N LYS B 22 -2.88 -13.31 -8.42
CA LYS B 22 -2.11 -13.25 -9.67
C LYS B 22 -0.79 -13.99 -9.52
N GLN B 23 -0.02 -13.66 -8.50
CA GLN B 23 1.26 -14.30 -8.26
C GLN B 23 1.07 -15.74 -7.82
N LYS B 24 0.01 -16.01 -7.07
CA LYS B 24 -0.28 -17.35 -6.58
C LYS B 24 -1.63 -17.84 -7.12
N VAL B 25 -1.65 -19.09 -7.56
CA VAL B 25 -2.88 -19.69 -8.10
C VAL B 25 -3.39 -18.89 -9.30
N LYS B 26 -3.14 -19.40 -10.50
CA LYS B 26 -3.57 -18.74 -11.72
C LYS B 26 -3.36 -19.64 -12.93
N LYS B 27 -3.53 -20.94 -12.73
CA LYS B 27 -3.36 -21.92 -13.81
C LYS B 27 -4.71 -22.35 -14.37
N MET A 1 -6.25 -9.40 14.14
CA MET A 1 -4.99 -8.77 14.59
C MET A 1 -3.85 -9.77 14.64
N LYS A 2 -2.78 -9.50 13.88
CA LYS A 2 -1.63 -10.38 13.84
C LYS A 2 -0.34 -9.58 13.71
N GLU A 3 -0.17 -8.92 12.58
CA GLU A 3 1.01 -8.11 12.33
C GLU A 3 2.27 -8.97 12.23
N GLN A 4 2.09 -10.28 12.10
CA GLN A 4 3.21 -11.20 12.00
C GLN A 4 3.47 -11.59 10.55
N ASP A 5 2.39 -11.84 9.81
CA ASP A 5 2.50 -12.23 8.40
C ASP A 5 2.80 -11.02 7.53
N SER A 6 2.82 -9.83 8.11
CA SER A 6 3.09 -8.61 7.37
C SER A 6 4.59 -8.31 7.32
N GLU A 7 5.40 -9.26 7.77
CA GLU A 7 6.85 -9.09 7.76
C GLU A 7 7.47 -9.69 6.51
N GLU A 8 6.95 -10.84 6.09
CA GLU A 8 7.45 -11.53 4.90
C GLU A 8 6.61 -11.20 3.67
N GLU A 9 5.38 -10.75 3.91
CA GLU A 9 4.47 -10.41 2.81
C GLU A 9 4.68 -8.96 2.38
N LEU A 10 4.64 -8.05 3.33
CA LEU A 10 4.82 -6.63 3.05
C LEU A 10 6.21 -6.35 2.49
N ILE A 11 7.21 -7.00 3.07
CA ILE A 11 8.59 -6.83 2.62
C ILE A 11 8.75 -7.21 1.15
N GLU A 12 8.05 -8.25 0.74
CA GLU A 12 8.11 -8.71 -0.65
C GLU A 12 7.45 -7.71 -1.58
N ALA A 13 6.29 -7.19 -1.17
CA ALA A 13 5.56 -6.22 -1.97
C ALA A 13 6.23 -4.85 -1.92
N PHE A 14 6.89 -4.56 -0.81
CA PHE A 14 7.58 -3.29 -0.64
C PHE A 14 8.63 -3.08 -1.72
N LYS A 15 9.30 -4.18 -2.09
CA LYS A 15 10.34 -4.12 -3.11
C LYS A 15 9.74 -3.87 -4.50
N VAL A 16 8.57 -4.46 -4.74
CA VAL A 16 7.88 -4.30 -6.01
C VAL A 16 7.39 -2.87 -6.20
N PHE A 17 6.87 -2.28 -5.12
CA PHE A 17 6.37 -0.91 -5.17
C PHE A 17 7.52 0.08 -5.31
N ASP A 18 8.57 -0.12 -4.53
CA ASP A 18 9.73 0.75 -4.56
C ASP A 18 10.55 0.52 -5.83
N ARG A 19 10.19 1.21 -6.91
CA ARG A 19 10.90 1.07 -8.17
C ARG A 19 12.25 1.74 -8.12
N ASP A 20 12.36 2.81 -7.33
CA ASP A 20 13.60 3.54 -7.18
C ASP A 20 14.64 2.72 -6.43
N GLY A 21 14.18 1.71 -5.69
CA GLY A 21 15.10 0.87 -4.94
C GLY A 21 15.78 1.61 -3.80
N ASN A 22 15.08 2.59 -3.23
CA ASN A 22 15.62 3.37 -2.13
C ASN A 22 14.91 3.05 -0.83
N GLY A 23 13.70 2.50 -0.92
CA GLY A 23 12.94 2.15 0.26
C GLY A 23 11.96 3.24 0.67
N LEU A 24 11.45 3.97 -0.31
CA LEU A 24 10.50 5.03 -0.06
C LEU A 24 9.48 5.14 -1.18
N ILE A 25 8.20 5.17 -0.81
CA ILE A 25 7.13 5.26 -1.78
C ILE A 25 6.47 6.64 -1.75
N SER A 26 6.52 7.34 -2.88
CA SER A 26 5.92 8.67 -2.99
C SER A 26 4.50 8.60 -3.52
N ALA A 27 3.80 9.72 -3.49
CA ALA A 27 2.42 9.78 -3.98
C ALA A 27 2.34 9.40 -5.45
N ALA A 28 3.40 9.68 -6.20
CA ALA A 28 3.46 9.37 -7.62
C ALA A 28 3.83 7.91 -7.85
N GLU A 29 4.57 7.34 -6.90
CA GLU A 29 4.99 5.94 -7.01
C GLU A 29 3.84 4.99 -6.73
N LEU A 30 2.91 5.43 -5.89
CA LEU A 30 1.75 4.62 -5.53
C LEU A 30 0.79 4.50 -6.71
N ARG A 31 0.36 5.64 -7.24
CA ARG A 31 -0.56 5.67 -8.37
C ARG A 31 0.02 4.93 -9.57
N HIS A 32 1.35 4.95 -9.68
CA HIS A 32 2.03 4.28 -10.79
C HIS A 32 1.86 2.77 -10.69
N VAL A 33 1.93 2.24 -9.47
CA VAL A 33 1.78 0.80 -9.25
C VAL A 33 0.31 0.41 -9.21
N MET A 34 -0.53 1.31 -8.70
CA MET A 34 -1.96 1.04 -8.60
C MET A 34 -2.59 0.90 -9.98
N THR A 35 -2.20 1.77 -10.90
CA THR A 35 -2.72 1.75 -12.25
C THR A 35 -2.31 0.47 -12.98
N ASN A 36 -1.08 0.03 -12.74
CA ASN A 36 -0.56 -1.18 -13.36
C ASN A 36 -1.28 -2.41 -12.82
N LEU A 37 -1.63 -2.38 -11.54
CA LEU A 37 -2.32 -3.49 -10.91
C LEU A 37 -3.79 -3.55 -11.33
N GLY A 38 -4.31 -2.43 -11.82
CA GLY A 38 -5.70 -2.38 -12.25
C GLY A 38 -6.57 -1.59 -11.31
N GLU A 39 -6.11 -0.41 -10.92
CA GLU A 39 -6.87 0.44 -10.00
C GLU A 39 -6.50 1.91 -10.20
N LYS A 40 -7.47 2.70 -10.66
CA LYS A 40 -7.24 4.13 -10.88
C LYS A 40 -7.60 4.94 -9.64
N LEU A 41 -6.75 5.90 -9.29
CA LEU A 41 -6.98 6.75 -8.14
C LEU A 41 -6.60 8.20 -8.44
N THR A 42 -7.36 9.13 -7.90
CA THR A 42 -7.09 10.55 -8.10
C THR A 42 -5.95 11.03 -7.22
N ASP A 43 -5.42 12.21 -7.51
CA ASP A 43 -4.32 12.77 -6.73
C ASP A 43 -4.70 12.92 -5.27
N ASP A 44 -5.95 13.32 -5.03
CA ASP A 44 -6.46 13.51 -3.67
C ASP A 44 -6.75 12.17 -3.01
N GLU A 45 -7.14 11.19 -3.81
CA GLU A 45 -7.46 9.85 -3.31
C GLU A 45 -6.21 9.15 -2.81
N VAL A 46 -5.08 9.42 -3.46
CA VAL A 46 -3.80 8.81 -3.08
C VAL A 46 -3.12 9.62 -2.00
N ASP A 47 -3.22 10.94 -2.08
CA ASP A 47 -2.61 11.84 -1.10
C ASP A 47 -3.16 11.57 0.30
N GLU A 48 -4.42 11.15 0.35
CA GLU A 48 -5.07 10.87 1.63
C GLU A 48 -4.57 9.54 2.21
N MET A 49 -4.35 8.57 1.34
CA MET A 49 -3.87 7.26 1.76
C MET A 49 -2.46 7.35 2.35
N ILE A 50 -1.66 8.24 1.78
CA ILE A 50 -0.28 8.43 2.25
C ILE A 50 -0.26 9.11 3.61
N ARG A 51 -1.22 10.00 3.84
CA ARG A 51 -1.31 10.72 5.10
C ARG A 51 -1.68 9.78 6.25
N GLU A 52 -2.47 8.75 5.93
CA GLU A 52 -2.89 7.78 6.92
C GLU A 52 -1.77 6.80 7.26
N ALA A 53 -0.92 6.53 6.27
CA ALA A 53 0.20 5.61 6.46
C ALA A 53 1.44 6.35 6.96
N ASP A 54 1.66 7.54 6.43
CA ASP A 54 2.81 8.35 6.83
C ASP A 54 2.62 8.92 8.23
N ILE A 55 3.44 8.47 9.17
CA ILE A 55 3.36 8.93 10.55
C ILE A 55 4.24 10.16 10.77
N ASP A 56 5.40 10.18 10.13
CA ASP A 56 6.34 11.29 10.26
C ASP A 56 5.86 12.49 9.44
N GLY A 57 5.00 12.25 8.46
CA GLY A 57 4.50 13.32 7.63
C GLY A 57 5.56 13.89 6.70
N ASP A 58 6.46 13.03 6.24
CA ASP A 58 7.53 13.45 5.34
C ASP A 58 7.07 13.44 3.89
N GLY A 59 6.01 12.70 3.61
CA GLY A 59 5.49 12.62 2.26
C GLY A 59 5.92 11.35 1.54
N HIS A 60 6.16 10.30 2.30
CA HIS A 60 6.58 9.02 1.73
C HIS A 60 6.21 7.87 2.65
N ILE A 61 5.74 6.77 2.06
CA ILE A 61 5.35 5.59 2.83
C ILE A 61 6.56 4.72 3.15
N ASN A 62 6.78 4.48 4.44
CA ASN A 62 7.90 3.67 4.88
C ASN A 62 7.46 2.23 5.16
N TYR A 63 8.41 1.36 5.47
CA TYR A 63 8.12 -0.04 5.75
C TYR A 63 7.26 -0.16 7.00
N GLU A 64 7.72 0.42 8.10
CA GLU A 64 6.99 0.37 9.36
C GLU A 64 5.62 1.03 9.22
N GLU A 65 5.54 2.04 8.35
CA GLU A 65 4.29 2.75 8.13
C GLU A 65 3.30 1.89 7.35
N PHE A 66 3.82 1.10 6.41
CA PHE A 66 2.99 0.23 5.59
C PHE A 66 2.40 -0.90 6.43
N VAL A 67 3.12 -1.32 7.47
CA VAL A 67 2.67 -2.39 8.35
C VAL A 67 1.42 -1.98 9.10
N ARG A 68 1.31 -0.69 9.41
CA ARG A 68 0.16 -0.17 10.14
C ARG A 68 -1.08 -0.12 9.24
N MET A 69 -0.90 0.40 8.03
CA MET A 69 -2.00 0.52 7.08
C MET A 69 -2.54 -0.87 6.72
N MET A 70 -1.64 -1.78 6.38
CA MET A 70 -2.03 -3.13 6.01
C MET A 70 -2.72 -3.84 7.17
N VAL A 71 -2.21 -3.62 8.38
CA VAL A 71 -2.78 -4.23 9.57
C VAL A 71 -3.70 -3.26 10.30
N SER A 72 -4.37 -2.40 9.53
CA SER A 72 -5.28 -1.43 10.12
C SER A 72 -6.73 -1.80 9.84
N LYS A 73 -6.96 -2.41 8.68
CA LYS A 73 -8.31 -2.84 8.31
C LYS A 73 -9.26 -1.64 8.25
N LYS B 1 -14.22 9.88 -5.59
CA LYS B 1 -14.71 8.62 -4.96
C LYS B 1 -14.98 8.81 -3.47
N ARG B 2 -15.37 10.03 -3.10
CA ARG B 2 -15.66 10.35 -1.71
C ARG B 2 -14.44 10.12 -0.82
N LYS B 3 -14.51 10.60 0.41
CA LYS B 3 -13.41 10.44 1.36
C LYS B 3 -13.79 9.48 2.48
N GLN B 4 -13.18 8.30 2.48
CA GLN B 4 -13.45 7.30 3.49
C GLN B 4 -12.16 6.59 3.93
N GLU B 5 -12.15 6.10 5.16
CA GLU B 5 -10.98 5.40 5.69
C GLU B 5 -11.09 3.91 5.46
N GLU B 6 -12.32 3.40 5.49
CA GLU B 6 -12.56 1.97 5.29
C GLU B 6 -12.47 1.60 3.81
N VAL B 7 -13.11 2.40 2.96
CA VAL B 7 -13.11 2.16 1.52
C VAL B 7 -11.68 2.18 0.97
N SER B 8 -10.87 3.09 1.51
CA SER B 8 -9.48 3.20 1.06
C SER B 8 -8.68 1.96 1.44
N ALA B 9 -9.05 1.34 2.55
CA ALA B 9 -8.37 0.14 3.02
C ALA B 9 -8.63 -1.04 2.09
N ILE B 10 -9.80 -1.05 1.47
CA ILE B 10 -10.18 -2.13 0.56
C ILE B 10 -9.38 -2.05 -0.74
N VAL B 11 -9.02 -0.84 -1.13
CA VAL B 11 -8.25 -0.62 -2.36
C VAL B 11 -6.84 -1.18 -2.22
N ILE B 12 -6.26 -1.03 -1.04
CA ILE B 12 -4.90 -1.50 -0.78
C ILE B 12 -4.90 -2.98 -0.43
N GLN B 13 -5.97 -3.43 0.22
CA GLN B 13 -6.09 -4.82 0.62
C GLN B 13 -6.40 -5.72 -0.58
N ARG B 14 -7.11 -5.16 -1.56
CA ARG B 14 -7.46 -5.90 -2.76
C ARG B 14 -6.29 -5.98 -3.73
N ALA B 15 -5.45 -4.95 -3.71
CA ALA B 15 -4.28 -4.91 -4.59
C ALA B 15 -3.37 -6.10 -4.34
N TYR B 16 -3.02 -6.32 -3.08
CA TYR B 16 -2.14 -7.42 -2.71
C TYR B 16 -2.84 -8.76 -2.87
N ARG B 17 -4.17 -8.77 -2.72
CA ARG B 17 -4.95 -9.98 -2.85
C ARG B 17 -4.77 -10.60 -4.23
N ARG B 18 -4.84 -9.78 -5.27
CA ARG B 18 -4.68 -10.25 -6.64
C ARG B 18 -3.23 -10.57 -6.93
N TYR B 19 -2.31 -9.88 -6.26
CA TYR B 19 -0.88 -10.09 -6.45
C TYR B 19 -0.50 -11.53 -6.13
N LEU B 20 -0.80 -11.96 -4.91
CA LEU B 20 -0.49 -13.32 -4.48
C LEU B 20 -1.18 -14.35 -5.37
N LEU B 21 -2.42 -14.06 -5.75
CA LEU B 21 -3.19 -14.96 -6.61
C LEU B 21 -2.48 -15.18 -7.94
N LYS B 22 -2.09 -14.08 -8.58
CA LYS B 22 -1.41 -14.16 -9.87
C LYS B 22 0.03 -14.64 -9.69
N GLN B 23 0.62 -14.34 -8.54
CA GLN B 23 2.00 -14.75 -8.26
C GLN B 23 2.13 -16.27 -8.32
N LYS B 24 1.07 -16.97 -7.94
CA LYS B 24 1.08 -18.43 -7.96
C LYS B 24 0.87 -18.96 -9.37
N VAL B 25 1.96 -19.35 -10.02
CA VAL B 25 1.89 -19.89 -11.37
C VAL B 25 2.33 -21.35 -11.42
N LYS B 26 1.82 -22.08 -12.40
CA LYS B 26 2.15 -23.50 -12.56
C LYS B 26 3.57 -23.66 -13.08
N LYS B 27 4.05 -24.90 -13.09
CA LYS B 27 5.39 -25.19 -13.58
C LYS B 27 5.38 -25.49 -15.08
N MET A 1 -3.28 -9.33 13.93
CA MET A 1 -3.64 -10.77 13.90
C MET A 1 -2.40 -11.65 13.97
N LYS A 2 -1.56 -11.57 12.95
CA LYS A 2 -0.33 -12.36 12.91
C LYS A 2 0.89 -11.47 13.09
N GLU A 3 0.81 -10.24 12.61
CA GLU A 3 1.91 -9.29 12.71
C GLU A 3 3.09 -9.71 11.85
N GLN A 4 3.72 -10.83 12.21
CA GLN A 4 4.86 -11.34 11.46
C GLN A 4 4.49 -11.59 10.00
N ASP A 5 3.26 -12.04 9.77
CA ASP A 5 2.79 -12.33 8.43
C ASP A 5 2.90 -11.09 7.54
N SER A 6 2.82 -9.92 8.15
CA SER A 6 2.92 -8.66 7.43
C SER A 6 4.38 -8.27 7.20
N GLU A 7 5.30 -8.96 7.86
CA GLU A 7 6.72 -8.67 7.72
C GLU A 7 7.37 -9.58 6.67
N GLU A 8 6.75 -10.73 6.43
CA GLU A 8 7.27 -11.67 5.44
C GLU A 8 6.58 -11.52 4.09
N GLU A 9 5.34 -11.04 4.12
CA GLU A 9 4.57 -10.85 2.90
C GLU A 9 4.77 -9.45 2.33
N LEU A 10 4.52 -8.44 3.15
CA LEU A 10 4.67 -7.05 2.72
C LEU A 10 6.10 -6.76 2.26
N ILE A 11 7.06 -7.47 2.86
CA ILE A 11 8.46 -7.29 2.51
C ILE A 11 8.71 -7.55 1.03
N GLU A 12 8.02 -8.56 0.49
CA GLU A 12 8.16 -8.92 -0.91
C GLU A 12 7.44 -7.92 -1.80
N ALA A 13 6.26 -7.48 -1.37
CA ALA A 13 5.46 -6.53 -2.12
C ALA A 13 6.08 -5.13 -2.05
N PHE A 14 6.74 -4.83 -0.94
CA PHE A 14 7.38 -3.54 -0.75
C PHE A 14 8.49 -3.32 -1.76
N LYS A 15 9.25 -4.38 -2.03
CA LYS A 15 10.35 -4.30 -2.98
C LYS A 15 9.84 -4.03 -4.38
N VAL A 16 8.66 -4.57 -4.70
CA VAL A 16 8.06 -4.39 -6.02
C VAL A 16 7.37 -3.03 -6.11
N PHE A 17 6.80 -2.58 -5.01
CA PHE A 17 6.10 -1.30 -4.97
C PHE A 17 7.09 -0.14 -5.11
N ASP A 18 8.28 -0.32 -4.54
CA ASP A 18 9.31 0.70 -4.60
C ASP A 18 10.23 0.49 -5.80
N ARG A 19 9.80 0.99 -6.96
CA ARG A 19 10.58 0.85 -8.18
C ARG A 19 11.89 1.64 -8.08
N ASP A 20 11.88 2.69 -7.28
CA ASP A 20 13.06 3.52 -7.09
C ASP A 20 14.16 2.77 -6.35
N GLY A 21 13.78 1.71 -5.63
CA GLY A 21 14.75 0.93 -4.89
C GLY A 21 15.46 1.76 -3.82
N ASN A 22 14.75 2.73 -3.25
CA ASN A 22 15.32 3.58 -2.22
C ASN A 22 14.79 3.21 -0.84
N GLY A 23 13.63 2.55 -0.82
CA GLY A 23 13.03 2.16 0.44
C GLY A 23 11.80 2.97 0.79
N LEU A 24 11.74 4.20 0.28
CA LEU A 24 10.61 5.08 0.54
C LEU A 24 9.72 5.20 -0.71
N ILE A 25 8.41 5.20 -0.50
CA ILE A 25 7.45 5.32 -1.59
C ILE A 25 6.64 6.61 -1.47
N SER A 26 6.69 7.43 -2.52
CA SER A 26 5.96 8.69 -2.54
C SER A 26 4.55 8.48 -3.09
N ALA A 27 3.78 9.57 -3.17
CA ALA A 27 2.42 9.52 -3.69
C ALA A 27 2.42 9.13 -5.16
N ALA A 28 3.42 9.58 -5.90
CA ALA A 28 3.52 9.28 -7.32
C ALA A 28 4.01 7.86 -7.55
N GLU A 29 4.79 7.34 -6.60
CA GLU A 29 5.32 5.99 -6.70
C GLU A 29 4.23 4.96 -6.43
N LEU A 30 3.30 5.31 -5.55
CA LEU A 30 2.20 4.41 -5.19
C LEU A 30 1.20 4.29 -6.34
N ARG A 31 0.74 5.44 -6.83
CA ARG A 31 -0.22 5.46 -7.93
C ARG A 31 0.36 4.78 -9.18
N HIS A 32 1.67 4.85 -9.32
CA HIS A 32 2.35 4.25 -10.46
C HIS A 32 2.12 2.74 -10.49
N VAL A 33 2.07 2.13 -9.32
CA VAL A 33 1.86 0.69 -9.21
C VAL A 33 0.37 0.36 -9.20
N MET A 34 -0.43 1.25 -8.62
CA MET A 34 -1.87 1.05 -8.54
C MET A 34 -2.49 1.06 -9.93
N THR A 35 -2.09 2.02 -10.75
CA THR A 35 -2.60 2.15 -12.10
C THR A 35 -2.26 0.92 -12.93
N ASN A 36 -1.10 0.34 -12.68
CA ASN A 36 -0.66 -0.84 -13.40
C ASN A 36 -1.35 -2.10 -12.87
N LEU A 37 -1.54 -2.15 -11.55
CA LEU A 37 -2.19 -3.30 -10.91
C LEU A 37 -3.65 -3.39 -11.34
N GLY A 38 -4.21 -2.27 -11.81
CA GLY A 38 -5.60 -2.26 -12.24
C GLY A 38 -6.48 -1.46 -11.31
N GLU A 39 -5.92 -0.41 -10.72
CA GLU A 39 -6.67 0.43 -9.80
C GLU A 39 -6.61 1.90 -10.23
N LYS A 40 -7.76 2.50 -10.46
CA LYS A 40 -7.83 3.90 -10.89
C LYS A 40 -8.09 4.81 -9.69
N LEU A 41 -7.13 5.66 -9.37
CA LEU A 41 -7.26 6.59 -8.26
C LEU A 41 -6.89 8.01 -8.68
N THR A 42 -7.42 8.98 -7.96
CA THR A 42 -7.15 10.39 -8.25
C THR A 42 -6.01 10.92 -7.40
N ASP A 43 -5.52 12.10 -7.74
CA ASP A 43 -4.43 12.73 -7.00
C ASP A 43 -4.80 12.92 -5.54
N ASP A 44 -6.02 13.41 -5.30
CA ASP A 44 -6.51 13.64 -3.94
C ASP A 44 -6.81 12.32 -3.25
N GLU A 45 -7.25 11.33 -4.02
CA GLU A 45 -7.58 10.02 -3.47
C GLU A 45 -6.33 9.33 -2.93
N VAL A 46 -5.30 9.23 -3.77
CA VAL A 46 -4.06 8.60 -3.37
C VAL A 46 -3.38 9.35 -2.24
N ASP A 47 -3.35 10.68 -2.34
CA ASP A 47 -2.73 11.51 -1.32
C ASP A 47 -3.37 11.26 0.05
N GLU A 48 -4.69 11.07 0.06
CA GLU A 48 -5.41 10.83 1.30
C GLU A 48 -4.91 9.56 1.98
N MET A 49 -4.43 8.61 1.17
CA MET A 49 -3.92 7.35 1.70
C MET A 49 -2.52 7.53 2.27
N ILE A 50 -1.75 8.45 1.68
CA ILE A 50 -0.39 8.72 2.14
C ILE A 50 -0.39 9.37 3.51
N ARG A 51 -1.36 10.24 3.76
CA ARG A 51 -1.47 10.93 5.03
C ARG A 51 -1.78 9.95 6.16
N GLU A 52 -2.61 8.96 5.86
CA GLU A 52 -3.00 7.96 6.85
C GLU A 52 -1.80 7.09 7.23
N ALA A 53 -0.90 6.89 6.27
CA ALA A 53 0.29 6.08 6.50
C ALA A 53 1.46 6.93 7.00
N ASP A 54 1.49 8.19 6.56
CA ASP A 54 2.55 9.11 6.96
C ASP A 54 2.55 9.30 8.47
N ILE A 55 3.50 8.65 9.14
CA ILE A 55 3.62 8.76 10.59
C ILE A 55 4.48 9.96 10.98
N ASP A 56 5.44 10.30 10.12
CA ASP A 56 6.33 11.43 10.39
C ASP A 56 5.85 12.67 9.65
N GLY A 57 5.03 12.49 8.63
CA GLY A 57 4.53 13.62 7.87
C GLY A 57 5.58 14.24 6.97
N ASP A 58 6.38 13.39 6.33
CA ASP A 58 7.43 13.86 5.44
C ASP A 58 6.97 13.83 3.98
N GLY A 59 5.95 13.03 3.71
CA GLY A 59 5.44 12.92 2.36
C GLY A 59 5.87 11.65 1.67
N HIS A 60 6.11 10.61 2.44
CA HIS A 60 6.54 9.32 1.91
C HIS A 60 6.01 8.17 2.75
N ILE A 61 6.33 6.94 2.34
CA ILE A 61 5.88 5.76 3.07
C ILE A 61 7.00 4.73 3.19
N ASN A 62 7.38 4.43 4.43
CA ASN A 62 8.44 3.46 4.69
C ASN A 62 7.86 2.07 4.91
N TYR A 63 8.74 1.10 5.11
CA TYR A 63 8.32 -0.29 5.34
C TYR A 63 7.48 -0.40 6.60
N GLU A 64 7.88 0.33 7.63
CA GLU A 64 7.15 0.32 8.91
C GLU A 64 5.77 0.93 8.75
N GLU A 65 5.67 1.97 7.91
CA GLU A 65 4.41 2.65 7.68
C GLU A 65 3.47 1.78 6.84
N PHE A 66 4.05 0.98 5.96
CA PHE A 66 3.27 0.10 5.10
C PHE A 66 2.69 -1.07 5.89
N VAL A 67 3.41 -1.50 6.92
CA VAL A 67 2.96 -2.61 7.75
C VAL A 67 1.84 -2.16 8.70
N ARG A 68 1.90 -0.91 9.13
CA ARG A 68 0.89 -0.37 10.04
C ARG A 68 -0.45 -0.22 9.32
N MET A 69 -0.43 0.41 8.16
CA MET A 69 -1.65 0.62 7.37
C MET A 69 -2.31 -0.71 7.04
N MET A 70 -1.49 -1.71 6.72
CA MET A 70 -2.01 -3.03 6.38
C MET A 70 -2.78 -3.64 7.54
N VAL A 71 -2.13 -3.72 8.70
CA VAL A 71 -2.76 -4.29 9.89
C VAL A 71 -3.31 -3.18 10.78
N SER A 72 -3.89 -2.16 10.17
CA SER A 72 -4.45 -1.04 10.92
C SER A 72 -5.94 -1.25 11.16
N LYS A 73 -6.31 -2.47 11.55
CA LYS A 73 -7.70 -2.80 11.82
C LYS A 73 -7.83 -3.58 13.13
N LYS B 1 -15.80 14.43 9.55
CA LYS B 1 -15.38 15.36 8.47
C LYS B 1 -15.45 14.70 7.11
N ARG B 2 -14.64 13.66 6.91
CA ARG B 2 -14.62 12.94 5.65
C ARG B 2 -14.75 11.43 5.88
N LYS B 3 -13.95 10.91 6.79
CA LYS B 3 -13.97 9.48 7.10
C LYS B 3 -13.64 8.65 5.87
N GLN B 4 -12.43 8.11 5.85
CA GLN B 4 -11.98 7.28 4.73
C GLN B 4 -10.95 6.25 5.19
N GLU B 5 -11.11 5.77 6.42
CA GLU B 5 -10.19 4.77 6.97
C GLU B 5 -10.52 3.38 6.45
N GLU B 6 -11.81 3.04 6.45
CA GLU B 6 -12.26 1.74 5.97
C GLU B 6 -12.35 1.72 4.45
N VAL B 7 -12.66 2.87 3.86
CA VAL B 7 -12.78 2.98 2.41
C VAL B 7 -11.44 2.73 1.73
N SER B 8 -10.39 3.36 2.25
CA SER B 8 -9.05 3.22 1.68
C SER B 8 -8.32 2.02 2.28
N ALA B 9 -8.95 1.38 3.27
CA ALA B 9 -8.34 0.23 3.93
C ALA B 9 -8.51 -1.04 3.09
N ILE B 10 -9.58 -1.07 2.29
CA ILE B 10 -9.86 -2.24 1.45
C ILE B 10 -9.14 -2.13 0.10
N VAL B 11 -9.12 -0.92 -0.45
CA VAL B 11 -8.48 -0.68 -1.74
C VAL B 11 -7.02 -1.12 -1.71
N ILE B 12 -6.39 -1.03 -0.54
CA ILE B 12 -4.99 -1.41 -0.38
C ILE B 12 -4.84 -2.92 -0.29
N GLN B 13 -5.68 -3.55 0.54
CA GLN B 13 -5.63 -5.00 0.71
C GLN B 13 -6.06 -5.71 -0.56
N ARG B 14 -6.99 -5.12 -1.28
CA ARG B 14 -7.50 -5.70 -2.53
C ARG B 14 -6.40 -5.73 -3.59
N ALA B 15 -5.50 -4.75 -3.54
CA ALA B 15 -4.40 -4.68 -4.50
C ALA B 15 -3.43 -5.83 -4.33
N TYR B 16 -3.23 -6.26 -3.08
CA TYR B 16 -2.33 -7.37 -2.78
C TYR B 16 -2.99 -8.71 -3.09
N ARG B 17 -4.31 -8.75 -3.00
CA ARG B 17 -5.05 -9.98 -3.27
C ARG B 17 -4.78 -10.48 -4.69
N ARG B 18 -4.80 -9.57 -5.65
CA ARG B 18 -4.56 -9.92 -7.05
C ARG B 18 -3.09 -10.23 -7.28
N TYR B 19 -2.21 -9.53 -6.55
CA TYR B 19 -0.77 -9.72 -6.67
C TYR B 19 -0.39 -11.17 -6.37
N LEU B 20 -1.16 -11.82 -5.50
CA LEU B 20 -0.90 -13.20 -5.13
C LEU B 20 -1.61 -14.17 -6.07
N LEU B 21 -2.75 -13.74 -6.59
CA LEU B 21 -3.53 -14.56 -7.51
C LEU B 21 -2.90 -14.59 -8.90
N LYS B 22 -2.41 -13.42 -9.33
CA LYS B 22 -1.78 -13.31 -10.65
C LYS B 22 -0.56 -14.20 -10.75
N GLN B 23 0.45 -13.94 -9.93
CA GLN B 23 1.67 -14.72 -9.93
C GLN B 23 1.38 -16.18 -9.61
N LYS B 24 0.79 -16.41 -8.44
CA LYS B 24 0.46 -17.77 -8.00
C LYS B 24 1.71 -18.64 -7.93
N VAL B 25 2.84 -18.02 -7.61
CA VAL B 25 4.11 -18.74 -7.51
C VAL B 25 4.61 -18.75 -6.07
N LYS B 26 4.45 -19.89 -5.40
CA LYS B 26 4.89 -20.04 -4.02
C LYS B 26 5.90 -21.20 -3.89
N LYS B 27 5.60 -22.30 -4.56
CA LYS B 27 6.49 -23.47 -4.52
C LYS B 27 6.60 -24.01 -3.10
N MET A 1 -6.58 -8.77 13.32
CA MET A 1 -6.01 -10.02 12.75
C MET A 1 -4.68 -9.75 12.05
N LYS A 2 -3.94 -10.82 11.78
CA LYS A 2 -2.65 -10.71 11.12
C LYS A 2 -1.66 -9.90 11.96
N GLU A 3 -0.39 -10.28 11.90
CA GLU A 3 0.66 -9.60 12.65
C GLU A 3 2.03 -10.07 12.22
N GLN A 4 2.20 -11.38 12.13
CA GLN A 4 3.48 -11.98 11.73
C GLN A 4 3.52 -12.19 10.22
N ASP A 5 2.37 -12.46 9.63
CA ASP A 5 2.28 -12.69 8.20
C ASP A 5 2.58 -11.41 7.41
N SER A 6 2.48 -10.27 8.08
CA SER A 6 2.74 -8.98 7.45
C SER A 6 4.24 -8.68 7.39
N GLU A 7 5.05 -9.61 7.86
CA GLU A 7 6.50 -9.44 7.85
C GLU A 7 7.13 -10.06 6.62
N GLU A 8 6.53 -11.15 6.14
CA GLU A 8 7.03 -11.85 4.97
C GLU A 8 6.28 -11.42 3.71
N GLU A 9 5.04 -10.98 3.87
CA GLU A 9 4.23 -10.54 2.73
C GLU A 9 4.50 -9.07 2.40
N LEU A 10 4.32 -8.21 3.39
CA LEU A 10 4.54 -6.78 3.21
C LEU A 10 5.95 -6.50 2.73
N ILE A 11 6.92 -7.24 3.27
CA ILE A 11 8.32 -7.06 2.89
C ILE A 11 8.52 -7.30 1.39
N GLU A 12 7.84 -8.32 0.87
CA GLU A 12 7.95 -8.66 -0.54
C GLU A 12 7.34 -7.56 -1.41
N ALA A 13 6.19 -7.05 -0.99
CA ALA A 13 5.51 -5.98 -1.73
C ALA A 13 6.34 -4.70 -1.74
N PHE A 14 7.08 -4.47 -0.66
CA PHE A 14 7.92 -3.28 -0.53
C PHE A 14 8.95 -3.24 -1.65
N LYS A 15 9.41 -4.42 -2.08
CA LYS A 15 10.40 -4.51 -3.14
C LYS A 15 9.78 -4.24 -4.49
N VAL A 16 8.53 -4.67 -4.67
CA VAL A 16 7.82 -4.46 -5.92
C VAL A 16 7.31 -3.03 -6.04
N PHE A 17 6.92 -2.45 -4.92
CA PHE A 17 6.42 -1.08 -4.90
C PHE A 17 7.54 -0.09 -5.19
N ASP A 18 8.73 -0.39 -4.69
CA ASP A 18 9.89 0.47 -4.90
C ASP A 18 10.41 0.37 -6.32
N ARG A 19 9.92 1.26 -7.19
CA ARG A 19 10.34 1.27 -8.58
C ARG A 19 11.77 1.76 -8.73
N ASP A 20 12.15 2.71 -7.90
CA ASP A 20 13.51 3.27 -7.93
C ASP A 20 14.41 2.57 -6.92
N GLY A 21 13.81 1.91 -5.93
CA GLY A 21 14.58 1.20 -4.93
C GLY A 21 15.38 2.15 -4.05
N ASN A 22 14.72 3.19 -3.56
CA ASN A 22 15.38 4.17 -2.71
C ASN A 22 15.17 3.83 -1.23
N GLY A 23 14.14 3.06 -0.94
CA GLY A 23 13.86 2.67 0.43
C GLY A 23 12.54 3.23 0.93
N LEU A 24 12.13 4.36 0.37
CA LEU A 24 10.88 5.01 0.76
C LEU A 24 9.97 5.22 -0.45
N ILE A 25 8.68 5.00 -0.26
CA ILE A 25 7.70 5.17 -1.32
C ILE A 25 7.00 6.52 -1.22
N SER A 26 6.70 7.11 -2.37
CA SER A 26 6.03 8.41 -2.41
C SER A 26 4.57 8.25 -2.80
N ALA A 27 3.90 9.39 -3.03
CA ALA A 27 2.49 9.37 -3.42
C ALA A 27 2.33 9.07 -4.90
N ALA A 28 3.30 9.53 -5.70
CA ALA A 28 3.26 9.31 -7.14
C ALA A 28 3.58 7.87 -7.49
N GLU A 29 4.37 7.22 -6.64
CA GLU A 29 4.75 5.82 -6.86
C GLU A 29 3.59 4.88 -6.52
N LEU A 30 2.76 5.30 -5.57
CA LEU A 30 1.62 4.49 -5.16
C LEU A 30 0.56 4.44 -6.25
N ARG A 31 0.47 5.51 -7.03
CA ARG A 31 -0.51 5.59 -8.12
C ARG A 31 0.02 4.91 -9.37
N HIS A 32 1.34 4.87 -9.52
CA HIS A 32 1.96 4.25 -10.67
C HIS A 32 1.83 2.74 -10.62
N VAL A 33 1.78 2.19 -9.41
CA VAL A 33 1.66 0.75 -9.21
C VAL A 33 0.20 0.32 -9.23
N MET A 34 -0.69 1.22 -8.80
CA MET A 34 -2.11 0.93 -8.76
C MET A 34 -2.73 1.00 -10.15
N THR A 35 -2.24 1.92 -10.97
CA THR A 35 -2.74 2.09 -12.32
C THR A 35 -2.40 0.87 -13.18
N ASN A 36 -1.25 0.27 -12.91
CA ASN A 36 -0.80 -0.90 -13.65
C ASN A 36 -1.51 -2.15 -13.15
N LEU A 37 -1.72 -2.23 -11.84
CA LEU A 37 -2.38 -3.37 -11.24
C LEU A 37 -3.82 -3.51 -11.73
N GLY A 38 -4.37 -2.41 -12.24
CA GLY A 38 -5.74 -2.42 -12.73
C GLY A 38 -6.69 -1.65 -11.85
N GLU A 39 -6.26 -0.48 -11.41
CA GLU A 39 -7.08 0.37 -10.55
C GLU A 39 -6.95 1.84 -10.93
N LYS A 40 -7.99 2.61 -10.70
CA LYS A 40 -7.98 4.04 -11.02
C LYS A 40 -8.07 4.88 -9.75
N LEU A 41 -7.02 5.66 -9.50
CA LEU A 41 -6.98 6.51 -8.31
C LEU A 41 -6.69 7.95 -8.69
N THR A 42 -7.36 8.89 -8.04
CA THR A 42 -7.17 10.30 -8.31
C THR A 42 -5.99 10.86 -7.51
N ASP A 43 -5.57 12.08 -7.85
CA ASP A 43 -4.46 12.72 -7.17
C ASP A 43 -4.78 12.95 -5.70
N ASP A 44 -6.01 13.37 -5.42
CA ASP A 44 -6.45 13.63 -4.06
C ASP A 44 -6.69 12.32 -3.32
N GLU A 45 -7.27 11.34 -4.00
CA GLU A 45 -7.54 10.04 -3.40
C GLU A 45 -6.26 9.37 -2.92
N VAL A 46 -5.21 9.46 -3.73
CA VAL A 46 -3.93 8.86 -3.38
C VAL A 46 -3.27 9.61 -2.23
N ASP A 47 -3.24 10.94 -2.34
CA ASP A 47 -2.64 11.77 -1.30
C ASP A 47 -3.27 11.50 0.06
N GLU A 48 -4.55 11.14 0.05
CA GLU A 48 -5.27 10.86 1.28
C GLU A 48 -4.80 9.56 1.91
N MET A 49 -4.34 8.63 1.06
CA MET A 49 -3.85 7.34 1.54
C MET A 49 -2.46 7.47 2.12
N ILE A 50 -1.64 8.33 1.52
CA ILE A 50 -0.28 8.55 1.98
C ILE A 50 -0.26 9.25 3.34
N ARG A 51 -1.21 10.16 3.54
CA ARG A 51 -1.30 10.89 4.80
C ARG A 51 -1.53 9.95 5.97
N GLU A 52 -2.48 9.03 5.80
CA GLU A 52 -2.80 8.06 6.85
C GLU A 52 -1.60 7.18 7.16
N ALA A 53 -0.84 6.83 6.12
CA ALA A 53 0.34 5.98 6.29
C ALA A 53 1.51 6.79 6.81
N ASP A 54 1.62 8.04 6.37
CA ASP A 54 2.71 8.90 6.80
C ASP A 54 2.63 9.18 8.30
N ILE A 55 3.49 8.50 9.06
CA ILE A 55 3.52 8.66 10.51
C ILE A 55 4.47 9.80 10.91
N ASP A 56 5.50 10.00 10.11
CA ASP A 56 6.48 11.05 10.38
C ASP A 56 6.04 12.38 9.77
N GLY A 57 5.14 12.31 8.78
CA GLY A 57 4.67 13.52 8.14
C GLY A 57 5.69 14.11 7.17
N ASP A 58 6.30 13.24 6.37
CA ASP A 58 7.30 13.68 5.41
C ASP A 58 6.79 13.54 3.97
N GLY A 59 5.77 12.70 3.79
CA GLY A 59 5.21 12.51 2.46
C GLY A 59 5.53 11.14 1.88
N HIS A 60 6.50 10.46 2.48
CA HIS A 60 6.90 9.14 2.02
C HIS A 60 6.48 8.07 3.02
N ILE A 61 6.38 6.82 2.53
CA ILE A 61 5.99 5.71 3.38
C ILE A 61 7.17 4.77 3.63
N ASN A 62 7.28 4.29 4.87
CA ASN A 62 8.36 3.40 5.25
C ASN A 62 7.83 1.98 5.48
N TYR A 63 8.75 1.04 5.69
CA TYR A 63 8.39 -0.35 5.93
C TYR A 63 7.50 -0.48 7.17
N GLU A 64 7.83 0.28 8.21
CA GLU A 64 7.07 0.25 9.44
C GLU A 64 5.66 0.80 9.23
N GLU A 65 5.57 1.90 8.49
CA GLU A 65 4.29 2.54 8.22
C GLU A 65 3.43 1.65 7.33
N PHE A 66 4.08 0.92 6.43
CA PHE A 66 3.37 0.04 5.51
C PHE A 66 2.62 -1.05 6.28
N VAL A 67 3.15 -1.43 7.43
CA VAL A 67 2.53 -2.46 8.25
C VAL A 67 1.31 -1.91 8.99
N ARG A 68 1.37 -0.62 9.34
CA ARG A 68 0.27 0.02 10.05
C ARG A 68 -0.93 0.20 9.14
N MET A 69 -0.68 0.56 7.88
CA MET A 69 -1.74 0.77 6.91
C MET A 69 -2.47 -0.54 6.61
N MET A 70 -1.73 -1.55 6.18
CA MET A 70 -2.30 -2.85 5.86
C MET A 70 -2.88 -3.50 7.10
N VAL A 71 -2.10 -3.53 8.18
CA VAL A 71 -2.54 -4.13 9.43
C VAL A 71 -3.08 -3.07 10.39
N SER A 72 -3.80 -2.10 9.84
CA SER A 72 -4.37 -1.03 10.64
C SER A 72 -5.45 -1.56 11.57
N LYS A 73 -6.10 -0.66 12.31
CA LYS A 73 -7.16 -1.03 13.24
C LYS A 73 -8.31 -0.05 13.18
N LYS B 1 -15.80 11.34 11.16
CA LYS B 1 -14.43 10.77 11.21
C LYS B 1 -14.25 9.68 10.16
N ARG B 2 -15.20 8.75 10.10
CA ARG B 2 -15.15 7.66 9.15
C ARG B 2 -15.77 8.07 7.81
N LYS B 3 -14.93 8.44 6.86
CA LYS B 3 -15.40 8.86 5.54
C LYS B 3 -14.70 8.06 4.45
N GLN B 4 -13.37 7.99 4.52
CA GLN B 4 -12.59 7.27 3.54
C GLN B 4 -11.47 6.48 4.21
N GLU B 5 -11.71 6.04 5.43
CA GLU B 5 -10.71 5.28 6.18
C GLU B 5 -10.84 3.78 5.89
N GLU B 6 -12.08 3.33 5.72
CA GLU B 6 -12.34 1.92 5.44
C GLU B 6 -12.16 1.62 3.95
N VAL B 7 -12.61 2.55 3.11
CA VAL B 7 -12.50 2.39 1.67
C VAL B 7 -11.04 2.42 1.22
N SER B 8 -10.21 3.15 1.96
CA SER B 8 -8.79 3.27 1.64
C SER B 8 -8.03 2.03 2.12
N ALA B 9 -8.57 1.34 3.11
CA ALA B 9 -7.93 0.14 3.64
C ALA B 9 -8.30 -1.09 2.83
N ILE B 10 -9.51 -1.11 2.29
CA ILE B 10 -9.97 -2.24 1.49
C ILE B 10 -9.37 -2.21 0.09
N VAL B 11 -9.24 -1.01 -0.48
CA VAL B 11 -8.69 -0.84 -1.82
C VAL B 11 -7.27 -1.40 -1.89
N ILE B 12 -6.49 -1.15 -0.84
CA ILE B 12 -5.11 -1.63 -0.79
C ILE B 12 -5.06 -3.11 -0.45
N GLN B 13 -6.03 -3.57 0.34
CA GLN B 13 -6.08 -4.97 0.74
C GLN B 13 -6.56 -5.85 -0.42
N ARG B 14 -7.64 -5.43 -1.08
CA ARG B 14 -8.19 -6.18 -2.20
C ARG B 14 -7.19 -6.23 -3.36
N ALA B 15 -6.49 -5.11 -3.57
CA ALA B 15 -5.50 -5.03 -4.64
C ALA B 15 -4.41 -6.08 -4.47
N TYR B 16 -3.91 -6.21 -3.24
CA TYR B 16 -2.86 -7.18 -2.94
C TYR B 16 -3.36 -8.61 -3.12
N ARG B 17 -4.66 -8.80 -2.90
CA ARG B 17 -5.27 -10.12 -3.04
C ARG B 17 -5.07 -10.67 -4.43
N ARG B 18 -5.02 -9.77 -5.42
CA ARG B 18 -4.83 -10.17 -6.81
C ARG B 18 -3.37 -10.50 -7.09
N TYR B 19 -2.47 -9.77 -6.45
CA TYR B 19 -1.03 -9.97 -6.63
C TYR B 19 -0.64 -11.38 -6.20
N LEU B 20 -1.33 -11.92 -5.20
CA LEU B 20 -1.06 -13.25 -4.70
C LEU B 20 -1.89 -14.31 -5.44
N LEU B 21 -3.00 -13.87 -6.03
CA LEU B 21 -3.87 -14.77 -6.75
C LEU B 21 -3.38 -14.96 -8.19
N LYS B 22 -2.94 -13.87 -8.81
CA LYS B 22 -2.45 -13.92 -10.18
C LYS B 22 -1.00 -14.40 -10.23
N GLN B 23 -0.09 -13.57 -9.76
CA GLN B 23 1.33 -13.91 -9.75
C GLN B 23 1.58 -15.19 -8.97
N LYS B 24 0.89 -15.33 -7.83
CA LYS B 24 1.04 -16.51 -6.99
C LYS B 24 2.49 -16.70 -6.55
N VAL B 25 2.74 -17.72 -5.74
CA VAL B 25 4.07 -18.02 -5.25
C VAL B 25 4.76 -19.06 -6.13
N LYS B 26 3.97 -19.96 -6.70
CA LYS B 26 4.50 -21.01 -7.57
C LYS B 26 4.56 -20.54 -9.02
N LYS B 27 5.42 -21.19 -9.80
CA LYS B 27 5.58 -20.84 -11.21
C LYS B 27 6.03 -19.39 -11.36
N MET A 1 -3.92 -7.10 9.37
CA MET A 1 -4.61 -8.26 9.97
C MET A 1 -3.65 -9.14 10.76
N LYS A 2 -2.59 -9.59 10.09
CA LYS A 2 -1.59 -10.45 10.73
C LYS A 2 -0.48 -9.61 11.35
N GLU A 3 0.35 -10.25 12.16
CA GLU A 3 1.47 -9.58 12.82
C GLU A 3 2.80 -10.14 12.34
N GLN A 4 2.84 -11.45 12.16
CA GLN A 4 4.06 -12.11 11.70
C GLN A 4 4.09 -12.22 10.18
N ASP A 5 2.93 -12.52 9.60
CA ASP A 5 2.82 -12.64 8.16
C ASP A 5 3.10 -11.32 7.46
N SER A 6 2.82 -10.22 8.15
CA SER A 6 3.05 -8.89 7.60
C SER A 6 4.54 -8.60 7.45
N GLU A 7 5.38 -9.45 8.05
CA GLU A 7 6.82 -9.28 7.97
C GLU A 7 7.38 -9.82 6.66
N GLU A 8 6.84 -10.95 6.21
CA GLU A 8 7.29 -11.58 4.98
C GLU A 8 6.40 -11.19 3.80
N GLU A 9 5.17 -10.78 4.08
CA GLU A 9 4.24 -10.40 3.04
C GLU A 9 4.42 -8.93 2.64
N LEU A 10 4.43 -8.04 3.63
CA LEU A 10 4.59 -6.62 3.38
C LEU A 10 6.00 -6.30 2.85
N ILE A 11 7.00 -7.00 3.40
CA ILE A 11 8.38 -6.78 2.98
C ILE A 11 8.54 -7.03 1.49
N GLU A 12 7.93 -8.09 0.99
CA GLU A 12 8.02 -8.43 -0.43
C GLU A 12 7.29 -7.40 -1.29
N ALA A 13 6.10 -7.01 -0.86
CA ALA A 13 5.31 -6.03 -1.60
C ALA A 13 5.99 -4.68 -1.60
N PHE A 14 6.73 -4.38 -0.54
CA PHE A 14 7.44 -3.11 -0.42
C PHE A 14 8.43 -2.94 -1.57
N LYS A 15 9.11 -4.02 -1.93
CA LYS A 15 10.09 -3.98 -3.01
C LYS A 15 9.41 -3.79 -4.36
N VAL A 16 8.28 -4.47 -4.55
CA VAL A 16 7.53 -4.37 -5.80
C VAL A 16 6.84 -3.01 -5.91
N PHE A 17 6.41 -2.47 -4.78
CA PHE A 17 5.73 -1.19 -4.76
C PHE A 17 6.71 -0.05 -5.08
N ASP A 18 7.81 0.00 -4.33
CA ASP A 18 8.81 1.03 -4.52
C ASP A 18 9.59 0.80 -5.83
N ARG A 19 9.02 1.24 -6.93
CA ARG A 19 9.66 1.07 -8.24
C ARG A 19 10.98 1.82 -8.30
N ASP A 20 11.09 2.88 -7.50
CA ASP A 20 12.31 3.68 -7.47
C ASP A 20 13.46 2.91 -6.83
N GLY A 21 13.13 1.88 -6.06
CA GLY A 21 14.15 1.09 -5.41
C GLY A 21 15.04 1.90 -4.50
N ASN A 22 14.46 2.91 -3.84
CA ASN A 22 15.20 3.77 -2.94
C ASN A 22 14.86 3.46 -1.48
N GLY A 23 13.70 2.85 -1.26
CA GLY A 23 13.28 2.52 0.09
C GLY A 23 12.06 3.30 0.52
N LEU A 24 11.90 4.50 -0.03
CA LEU A 24 10.76 5.36 0.32
C LEU A 24 9.81 5.49 -0.87
N ILE A 25 8.53 5.26 -0.62
CA ILE A 25 7.52 5.36 -1.67
C ILE A 25 6.76 6.69 -1.57
N SER A 26 6.83 7.48 -2.63
CA SER A 26 6.15 8.77 -2.67
C SER A 26 4.71 8.60 -3.15
N ALA A 27 4.03 9.73 -3.33
CA ALA A 27 2.63 9.71 -3.76
C ALA A 27 2.53 9.37 -5.24
N ALA A 28 3.47 9.88 -6.04
CA ALA A 28 3.49 9.63 -7.47
C ALA A 28 3.80 8.16 -7.76
N GLU A 29 4.62 7.55 -6.90
CA GLU A 29 4.99 6.15 -7.06
C GLU A 29 3.80 5.24 -6.83
N LEU A 30 2.95 5.62 -5.89
CA LEU A 30 1.76 4.83 -5.57
C LEU A 30 0.78 4.81 -6.74
N ARG A 31 0.54 5.97 -7.34
CA ARG A 31 -0.36 6.09 -8.46
C ARG A 31 0.14 5.28 -9.65
N HIS A 32 1.46 5.22 -9.80
CA HIS A 32 2.08 4.49 -10.89
C HIS A 32 1.89 2.99 -10.71
N VAL A 33 2.03 2.52 -9.48
CA VAL A 33 1.88 1.11 -9.16
C VAL A 33 0.41 0.73 -9.07
N MET A 34 -0.42 1.68 -8.63
CA MET A 34 -1.85 1.43 -8.50
C MET A 34 -2.49 1.14 -9.85
N THR A 35 -2.08 1.91 -10.87
CA THR A 35 -2.61 1.74 -12.21
C THR A 35 -2.21 0.38 -12.78
N ASN A 36 -0.96 0.00 -12.55
CA ASN A 36 -0.45 -1.28 -13.04
C ASN A 36 -1.11 -2.44 -12.32
N LEU A 37 -1.35 -2.27 -11.02
CA LEU A 37 -1.97 -3.31 -10.21
C LEU A 37 -3.43 -3.53 -10.62
N GLY A 38 -4.02 -2.53 -11.28
CA GLY A 38 -5.39 -2.65 -11.72
C GLY A 38 -6.33 -1.78 -10.92
N GLU A 39 -5.89 -0.55 -10.62
CA GLU A 39 -6.70 0.39 -9.86
C GLU A 39 -6.49 1.82 -10.34
N LYS A 40 -7.58 2.56 -10.49
CA LYS A 40 -7.52 3.94 -10.95
C LYS A 40 -7.99 4.90 -9.87
N LEU A 41 -7.16 5.90 -9.56
CA LEU A 41 -7.50 6.87 -8.54
C LEU A 41 -6.87 8.23 -8.85
N THR A 42 -7.59 9.30 -8.56
CA THR A 42 -7.09 10.65 -8.80
C THR A 42 -5.94 10.99 -7.86
N ASP A 43 -5.35 12.16 -8.06
CA ASP A 43 -4.23 12.60 -7.23
C ASP A 43 -4.66 12.72 -5.77
N ASP A 44 -5.83 13.32 -5.55
CA ASP A 44 -6.35 13.51 -4.21
C ASP A 44 -6.53 12.16 -3.51
N GLU A 45 -6.96 11.15 -4.27
CA GLU A 45 -7.16 9.82 -3.71
C GLU A 45 -5.84 9.21 -3.25
N VAL A 46 -4.78 9.48 -4.01
CA VAL A 46 -3.46 8.95 -3.68
C VAL A 46 -2.88 9.66 -2.45
N ASP A 47 -2.94 10.99 -2.45
CA ASP A 47 -2.42 11.78 -1.34
C ASP A 47 -3.10 11.39 -0.03
N GLU A 48 -4.34 10.94 -0.13
CA GLU A 48 -5.10 10.54 1.06
C GLU A 48 -4.55 9.23 1.63
N MET A 49 -4.09 8.35 0.75
CA MET A 49 -3.53 7.07 1.17
C MET A 49 -2.16 7.25 1.80
N ILE A 50 -1.33 8.10 1.19
CA ILE A 50 0.00 8.37 1.69
C ILE A 50 -0.04 9.02 3.07
N ARG A 51 -0.95 9.97 3.23
CA ARG A 51 -1.09 10.68 4.50
C ARG A 51 -1.43 9.70 5.63
N GLU A 52 -2.42 8.85 5.40
CA GLU A 52 -2.84 7.87 6.39
C GLU A 52 -1.70 6.91 6.71
N ALA A 53 -0.91 6.56 5.70
CA ALA A 53 0.20 5.64 5.88
C ALA A 53 1.39 6.34 6.52
N ASP A 54 1.59 7.62 6.17
CA ASP A 54 2.69 8.40 6.71
C ASP A 54 2.42 8.78 8.16
N ILE A 55 3.05 8.07 9.09
CA ILE A 55 2.88 8.34 10.51
C ILE A 55 3.87 9.40 10.99
N ASP A 56 5.02 9.46 10.33
CA ASP A 56 6.06 10.43 10.69
C ASP A 56 5.91 11.72 9.88
N GLY A 57 4.77 11.89 9.23
CA GLY A 57 4.53 13.09 8.45
C GLY A 57 5.64 13.37 7.46
N ASP A 58 6.35 12.33 7.07
CA ASP A 58 7.46 12.46 6.12
C ASP A 58 6.94 12.53 4.68
N GLY A 59 5.73 12.06 4.46
CA GLY A 59 5.15 12.09 3.13
C GLY A 59 5.45 10.84 2.33
N HIS A 60 6.39 10.04 2.81
CA HIS A 60 6.76 8.80 2.14
C HIS A 60 6.36 7.58 2.96
N ILE A 61 6.16 6.45 2.28
CA ILE A 61 5.77 5.22 2.94
C ILE A 61 6.98 4.33 3.22
N ASN A 62 7.40 4.29 4.48
CA ASN A 62 8.54 3.48 4.88
C ASN A 62 8.11 2.07 5.28
N TYR A 63 9.08 1.27 5.71
CA TYR A 63 8.78 -0.10 6.12
C TYR A 63 7.88 -0.13 7.35
N GLU A 64 8.18 0.72 8.32
CA GLU A 64 7.40 0.79 9.54
C GLU A 64 6.01 1.35 9.26
N GLU A 65 5.93 2.33 8.36
CA GLU A 65 4.66 2.94 8.00
C GLU A 65 3.79 1.97 7.22
N PHE A 66 4.43 1.09 6.46
CA PHE A 66 3.72 0.10 5.66
C PHE A 66 3.10 -0.98 6.54
N VAL A 67 3.74 -1.25 7.67
CA VAL A 67 3.25 -2.27 8.59
C VAL A 67 1.97 -1.81 9.28
N ARG A 68 1.89 -0.52 9.59
CA ARG A 68 0.73 0.05 10.25
C ARG A 68 -0.42 0.25 9.26
N MET A 69 -0.07 0.60 8.02
CA MET A 69 -1.07 0.83 6.99
C MET A 69 -1.82 -0.45 6.66
N MET A 70 -1.09 -1.47 6.18
CA MET A 70 -1.69 -2.74 5.83
C MET A 70 -2.30 -3.42 7.06
N VAL A 71 -1.55 -3.45 8.14
CA VAL A 71 -2.00 -4.08 9.38
C VAL A 71 -2.61 -3.03 10.33
N SER A 72 -3.35 -2.09 9.77
CA SER A 72 -3.97 -1.04 10.57
C SER A 72 -5.12 -1.60 11.40
N LYS A 73 -4.94 -1.60 12.72
CA LYS A 73 -5.95 -2.12 13.63
C LYS A 73 -6.25 -3.58 13.34
N LYS B 1 -16.09 19.25 5.76
CA LYS B 1 -14.99 18.29 5.53
C LYS B 1 -15.43 16.86 5.81
N ARG B 2 -15.35 16.00 4.79
CA ARG B 2 -15.75 14.60 4.93
C ARG B 2 -14.54 13.69 4.87
N LYS B 3 -13.69 13.89 3.87
CA LYS B 3 -12.49 13.08 3.71
C LYS B 3 -12.85 11.60 3.52
N GLN B 4 -11.89 10.83 3.03
CA GLN B 4 -12.10 9.41 2.79
C GLN B 4 -10.97 8.58 3.40
N GLU B 5 -11.10 8.28 4.70
CA GLU B 5 -10.08 7.50 5.40
C GLU B 5 -10.36 6.01 5.24
N GLU B 6 -11.59 5.61 5.48
CA GLU B 6 -11.98 4.21 5.38
C GLU B 6 -11.79 3.69 3.95
N VAL B 7 -12.37 4.40 2.98
CA VAL B 7 -12.27 4.02 1.58
C VAL B 7 -10.81 3.88 1.16
N SER B 8 -9.94 4.65 1.80
CA SER B 8 -8.51 4.62 1.49
C SER B 8 -7.87 3.34 2.00
N ALA B 9 -8.47 2.73 3.03
CA ALA B 9 -7.94 1.51 3.60
C ALA B 9 -8.45 0.28 2.85
N ILE B 10 -9.68 0.36 2.35
CA ILE B 10 -10.28 -0.74 1.61
C ILE B 10 -9.56 -0.98 0.29
N VAL B 11 -9.26 0.10 -0.42
CA VAL B 11 -8.58 0.01 -1.70
C VAL B 11 -7.22 -0.67 -1.55
N ILE B 12 -6.49 -0.30 -0.50
CA ILE B 12 -5.19 -0.88 -0.25
C ILE B 12 -5.28 -2.39 -0.06
N GLN B 13 -6.23 -2.83 0.75
CA GLN B 13 -6.42 -4.24 1.02
C GLN B 13 -6.88 -4.98 -0.24
N ARG B 14 -7.84 -4.39 -0.95
CA ARG B 14 -8.36 -4.98 -2.16
C ARG B 14 -7.29 -5.06 -3.25
N ALA B 15 -6.37 -4.10 -3.23
CA ALA B 15 -5.30 -4.06 -4.20
C ALA B 15 -4.34 -5.24 -4.02
N TYR B 16 -4.01 -5.54 -2.78
CA TYR B 16 -3.12 -6.64 -2.46
C TYR B 16 -3.81 -7.99 -2.65
N ARG B 17 -5.12 -8.00 -2.47
CA ARG B 17 -5.90 -9.23 -2.62
C ARG B 17 -5.75 -9.80 -4.03
N ARG B 18 -5.52 -8.93 -5.00
CA ARG B 18 -5.36 -9.34 -6.39
C ARG B 18 -3.92 -9.79 -6.65
N TYR B 19 -2.98 -9.16 -5.96
CA TYR B 19 -1.56 -9.48 -6.13
C TYR B 19 -1.29 -10.93 -5.71
N LEU B 20 -2.06 -11.43 -4.74
CA LEU B 20 -1.90 -12.80 -4.26
C LEU B 20 -2.59 -13.79 -5.19
N LEU B 21 -3.65 -13.34 -5.86
CA LEU B 21 -4.39 -14.20 -6.77
C LEU B 21 -3.74 -14.20 -8.15
N LYS B 22 -3.08 -13.10 -8.50
CA LYS B 22 -2.41 -12.99 -9.79
C LYS B 22 -1.02 -13.62 -9.74
N GLN B 23 -0.34 -13.45 -8.61
CA GLN B 23 0.99 -14.01 -8.45
C GLN B 23 0.93 -15.46 -8.00
N LYS B 24 -0.04 -15.78 -7.15
CA LYS B 24 -0.21 -17.13 -6.64
C LYS B 24 -1.54 -17.73 -7.10
N VAL B 25 -1.52 -19.01 -7.45
CA VAL B 25 -2.72 -19.69 -7.90
C VAL B 25 -3.23 -19.09 -9.22
N LYS B 26 -3.21 -19.89 -10.28
CA LYS B 26 -3.67 -19.44 -11.58
C LYS B 26 -3.88 -20.61 -12.53
N LYS B 27 -2.95 -21.56 -12.50
CA LYS B 27 -3.04 -22.74 -13.36
C LYS B 27 -3.71 -23.91 -12.62
N MET A 1 -5.37 -8.80 10.12
CA MET A 1 -4.59 -8.50 11.35
C MET A 1 -3.76 -9.70 11.78
N LYS A 2 -2.66 -9.94 11.07
CA LYS A 2 -1.78 -11.06 11.38
C LYS A 2 -0.46 -10.57 11.98
N GLU A 3 -0.04 -9.38 11.57
CA GLU A 3 1.21 -8.79 12.06
C GLU A 3 2.41 -9.57 11.55
N GLN A 4 2.58 -10.79 12.04
CA GLN A 4 3.70 -11.64 11.64
C GLN A 4 3.71 -11.85 10.13
N ASP A 5 2.54 -12.12 9.57
CA ASP A 5 2.42 -12.33 8.14
C ASP A 5 2.76 -11.08 7.35
N SER A 6 2.78 -9.93 8.02
CA SER A 6 3.09 -8.67 7.38
C SER A 6 4.60 -8.40 7.39
N GLU A 7 5.39 -9.40 7.80
CA GLU A 7 6.83 -9.26 7.85
C GLU A 7 7.48 -9.80 6.58
N GLU A 8 6.94 -10.90 6.07
CA GLU A 8 7.47 -11.51 4.86
C GLU A 8 6.71 -11.07 3.62
N GLU A 9 5.46 -10.62 3.81
CA GLU A 9 4.63 -10.17 2.70
C GLU A 9 4.89 -8.71 2.38
N LEU A 10 4.75 -7.85 3.38
CA LEU A 10 4.97 -6.42 3.20
C LEU A 10 6.39 -6.14 2.71
N ILE A 11 7.35 -6.86 3.26
CA ILE A 11 8.75 -6.69 2.88
C ILE A 11 8.96 -6.96 1.39
N GLU A 12 8.20 -7.91 0.86
CA GLU A 12 8.29 -8.27 -0.55
C GLU A 12 7.59 -7.23 -1.43
N ALA A 13 6.37 -6.86 -1.03
CA ALA A 13 5.59 -5.88 -1.77
C ALA A 13 6.32 -4.55 -1.87
N PHE A 14 7.13 -4.25 -0.86
CA PHE A 14 7.89 -3.01 -0.84
C PHE A 14 8.86 -2.93 -2.02
N LYS A 15 9.56 -4.03 -2.28
CA LYS A 15 10.51 -4.09 -3.39
C LYS A 15 9.80 -3.89 -4.72
N VAL A 16 8.58 -4.40 -4.82
CA VAL A 16 7.80 -4.28 -6.04
C VAL A 16 7.22 -2.87 -6.20
N PHE A 17 6.83 -2.28 -5.07
CA PHE A 17 6.26 -0.93 -5.08
C PHE A 17 7.35 0.12 -5.27
N ASP A 18 8.42 0.00 -4.49
CA ASP A 18 9.53 0.94 -4.57
C ASP A 18 10.25 0.82 -5.91
N ARG A 19 9.74 1.57 -6.90
CA ARG A 19 10.33 1.56 -8.23
C ARG A 19 11.69 2.24 -8.24
N ASP A 20 11.85 3.24 -7.37
CA ASP A 20 13.11 3.97 -7.27
C ASP A 20 14.17 3.15 -6.56
N GLY A 21 13.74 2.15 -5.80
CA GLY A 21 14.68 1.30 -5.08
C GLY A 21 15.50 2.08 -4.08
N ASN A 22 14.87 3.06 -3.42
CA ASN A 22 15.57 3.87 -2.43
C ASN A 22 15.09 3.56 -1.01
N GLY A 23 13.89 2.98 -0.91
CA GLY A 23 13.36 2.64 0.39
C GLY A 23 12.17 3.51 0.78
N LEU A 24 11.94 4.58 0.03
CA LEU A 24 10.83 5.48 0.31
C LEU A 24 9.79 5.45 -0.81
N ILE A 25 8.53 5.36 -0.43
CA ILE A 25 7.44 5.32 -1.40
C ILE A 25 6.66 6.63 -1.42
N SER A 26 6.68 7.30 -2.56
CA SER A 26 5.97 8.58 -2.70
C SER A 26 4.59 8.37 -3.30
N ALA A 27 3.77 9.41 -3.25
CA ALA A 27 2.41 9.34 -3.79
C ALA A 27 2.43 9.00 -5.28
N ALA A 28 3.36 9.61 -6.00
CA ALA A 28 3.49 9.38 -7.44
C ALA A 28 3.85 7.93 -7.73
N GLU A 29 4.47 7.27 -6.76
CA GLU A 29 4.88 5.87 -6.91
C GLU A 29 3.74 4.92 -6.56
N LEU A 30 2.78 5.39 -5.78
CA LEU A 30 1.64 4.57 -5.37
C LEU A 30 0.50 4.66 -6.37
N ARG A 31 0.58 5.61 -7.30
CA ARG A 31 -0.46 5.79 -8.31
C ARG A 31 -0.18 4.94 -9.56
N HIS A 32 1.09 4.77 -9.88
CA HIS A 32 1.47 3.99 -11.05
C HIS A 32 1.31 2.49 -10.79
N VAL A 33 1.49 2.09 -9.53
CA VAL A 33 1.37 0.70 -9.15
C VAL A 33 -0.09 0.27 -9.10
N MET A 34 -0.96 1.18 -8.70
CA MET A 34 -2.39 0.90 -8.61
C MET A 34 -3.01 0.81 -10.00
N THR A 35 -2.46 1.56 -10.95
CA THR A 35 -2.95 1.56 -12.32
C THR A 35 -2.68 0.22 -12.99
N ASN A 36 -1.52 -0.35 -12.69
CA ASN A 36 -1.13 -1.64 -13.27
C ASN A 36 -1.88 -2.79 -12.62
N LEU A 37 -2.06 -2.69 -11.30
CA LEU A 37 -2.76 -3.72 -10.55
C LEU A 37 -4.22 -3.81 -10.97
N GLY A 38 -4.73 -2.74 -11.56
CA GLY A 38 -6.12 -2.72 -12.00
C GLY A 38 -6.98 -1.79 -11.17
N GLU A 39 -6.51 -0.56 -10.98
CA GLU A 39 -7.24 0.43 -10.21
C GLU A 39 -7.11 1.83 -10.83
N LYS A 40 -7.99 2.73 -10.42
CA LYS A 40 -7.96 4.10 -10.94
C LYS A 40 -8.22 5.10 -9.82
N LEU A 41 -7.27 6.01 -9.61
CA LEU A 41 -7.40 7.03 -8.57
C LEU A 41 -6.66 8.30 -8.96
N THR A 42 -7.21 9.44 -8.56
CA THR A 42 -6.60 10.73 -8.87
C THR A 42 -5.48 11.05 -7.88
N ASP A 43 -4.76 12.13 -8.15
CA ASP A 43 -3.65 12.55 -7.29
C ASP A 43 -4.14 12.81 -5.87
N ASP A 44 -5.27 13.50 -5.76
CA ASP A 44 -5.84 13.82 -4.46
C ASP A 44 -6.19 12.55 -3.69
N GLU A 45 -6.73 11.56 -4.40
CA GLU A 45 -7.10 10.30 -3.78
C GLU A 45 -5.88 9.58 -3.21
N VAL A 46 -4.74 9.74 -3.88
CA VAL A 46 -3.50 9.12 -3.44
C VAL A 46 -2.95 9.81 -2.20
N ASP A 47 -2.91 11.14 -2.25
CA ASP A 47 -2.40 11.93 -1.13
C ASP A 47 -3.12 11.58 0.16
N GLU A 48 -4.38 11.18 0.05
CA GLU A 48 -5.18 10.82 1.21
C GLU A 48 -4.74 9.47 1.77
N MET A 49 -4.25 8.60 0.89
CA MET A 49 -3.80 7.27 1.29
C MET A 49 -2.41 7.34 1.92
N ILE A 50 -1.54 8.17 1.35
CA ILE A 50 -0.19 8.33 1.86
C ILE A 50 -0.18 9.00 3.22
N ARG A 51 -1.05 9.99 3.39
CA ARG A 51 -1.13 10.72 4.66
C ARG A 51 -1.61 9.80 5.77
N GLU A 52 -2.47 8.84 5.44
CA GLU A 52 -2.99 7.89 6.41
C GLU A 52 -1.95 6.84 6.78
N ALA A 53 -1.08 6.52 5.82
CA ALA A 53 -0.03 5.53 6.04
C ALA A 53 1.21 6.17 6.66
N ASP A 54 1.54 7.36 6.20
CA ASP A 54 2.70 8.08 6.70
C ASP A 54 2.47 8.55 8.14
N ILE A 55 3.17 7.91 9.08
CA ILE A 55 3.05 8.27 10.48
C ILE A 55 4.05 9.33 10.89
N ASP A 56 5.21 9.32 10.24
CA ASP A 56 6.26 10.29 10.52
C ASP A 56 5.90 11.67 9.95
N GLY A 57 4.98 11.69 8.99
CA GLY A 57 4.57 12.94 8.39
C GLY A 57 5.66 13.56 7.53
N ASP A 58 6.32 12.73 6.73
CA ASP A 58 7.38 13.19 5.85
C ASP A 58 6.94 13.18 4.39
N GLY A 59 5.91 12.40 4.09
CA GLY A 59 5.42 12.31 2.72
C GLY A 59 5.68 10.96 2.09
N HIS A 60 6.70 10.26 2.58
CA HIS A 60 7.05 8.94 2.07
C HIS A 60 6.72 7.86 3.09
N ILE A 61 6.14 6.76 2.60
CA ILE A 61 5.78 5.64 3.47
C ILE A 61 6.94 4.66 3.62
N ASN A 62 7.32 4.39 4.86
CA ASN A 62 8.41 3.47 5.15
C ASN A 62 7.89 2.06 5.38
N TYR A 63 8.77 1.18 5.84
CA TYR A 63 8.40 -0.21 6.10
C TYR A 63 7.61 -0.32 7.40
N GLU A 64 8.03 0.43 8.41
CA GLU A 64 7.36 0.42 9.70
C GLU A 64 5.98 1.06 9.62
N GLU A 65 5.84 2.01 8.72
CA GLU A 65 4.56 2.70 8.52
C GLU A 65 3.62 1.87 7.64
N PHE A 66 4.21 1.13 6.70
CA PHE A 66 3.43 0.30 5.80
C PHE A 66 2.72 -0.81 6.56
N VAL A 67 3.33 -1.27 7.64
CA VAL A 67 2.75 -2.34 8.45
C VAL A 67 1.49 -1.86 9.16
N ARG A 68 1.59 -0.73 9.86
CA ARG A 68 0.45 -0.17 10.58
C ARG A 68 -0.70 0.14 9.63
N MET A 69 -0.36 0.47 8.38
CA MET A 69 -1.37 0.78 7.38
C MET A 69 -2.06 -0.49 6.87
N MET A 70 -1.27 -1.53 6.66
CA MET A 70 -1.79 -2.80 6.17
C MET A 70 -2.69 -3.46 7.23
N VAL A 71 -2.16 -3.58 8.45
CA VAL A 71 -2.90 -4.19 9.53
C VAL A 71 -3.54 -3.12 10.43
N SER A 72 -3.93 -2.00 9.82
CA SER A 72 -4.55 -0.91 10.56
C SER A 72 -5.90 -1.34 11.12
N LYS A 73 -6.25 -0.79 12.29
CA LYS A 73 -7.52 -1.11 12.93
C LYS A 73 -7.62 -2.60 13.24
N LYS B 1 -9.13 16.20 4.12
CA LYS B 1 -8.59 16.18 5.51
C LYS B 1 -9.06 14.93 6.26
N ARG B 2 -10.35 14.62 6.13
CA ARG B 2 -10.92 13.45 6.80
C ARG B 2 -12.16 12.97 6.06
N LYS B 3 -11.99 12.01 5.15
CA LYS B 3 -13.10 11.47 4.39
C LYS B 3 -12.84 10.02 4.00
N GLN B 4 -13.67 9.11 4.52
CA GLN B 4 -13.53 7.69 4.22
C GLN B 4 -12.16 7.17 4.69
N GLU B 5 -12.10 6.76 5.95
CA GLU B 5 -10.86 6.25 6.52
C GLU B 5 -10.78 4.74 6.36
N GLU B 6 -11.92 4.07 6.41
CA GLU B 6 -11.98 2.62 6.27
C GLU B 6 -11.87 2.22 4.80
N VAL B 7 -12.54 2.95 3.93
CA VAL B 7 -12.51 2.67 2.50
C VAL B 7 -11.08 2.71 1.96
N SER B 8 -10.31 3.69 2.42
CA SER B 8 -8.93 3.84 1.97
C SER B 8 -8.11 2.59 2.31
N ALA B 9 -8.43 1.98 3.45
CA ALA B 9 -7.72 0.79 3.90
C ALA B 9 -8.03 -0.40 2.99
N ILE B 10 -9.26 -0.48 2.51
CA ILE B 10 -9.67 -1.55 1.63
C ILE B 10 -8.96 -1.47 0.28
N VAL B 11 -8.78 -0.25 -0.20
CA VAL B 11 -8.12 -0.03 -1.49
C VAL B 11 -6.72 -0.66 -1.51
N ILE B 12 -6.10 -0.73 -0.34
CA ILE B 12 -4.77 -1.31 -0.22
C ILE B 12 -4.84 -2.81 0.03
N GLN B 13 -5.91 -3.25 0.67
CA GLN B 13 -6.09 -4.67 0.96
C GLN B 13 -6.63 -5.42 -0.25
N ARG B 14 -7.45 -4.73 -1.04
CA ARG B 14 -8.05 -5.33 -2.23
C ARG B 14 -7.02 -5.43 -3.36
N ALA B 15 -6.22 -4.38 -3.52
CA ALA B 15 -5.20 -4.36 -4.56
C ALA B 15 -4.18 -5.47 -4.36
N TYR B 16 -3.66 -5.57 -3.14
CA TYR B 16 -2.67 -6.60 -2.82
C TYR B 16 -3.25 -7.99 -3.03
N ARG B 17 -4.55 -8.12 -2.84
CA ARG B 17 -5.22 -9.41 -3.01
C ARG B 17 -5.04 -9.94 -4.42
N ARG B 18 -5.06 -9.04 -5.40
CA ARG B 18 -4.89 -9.43 -6.79
C ARG B 18 -3.46 -9.87 -7.07
N TYR B 19 -2.52 -9.29 -6.33
CA TYR B 19 -1.11 -9.63 -6.49
C TYR B 19 -0.86 -11.11 -6.20
N LEU B 20 -1.60 -11.64 -5.23
CA LEU B 20 -1.46 -13.05 -4.85
C LEU B 20 -2.15 -13.95 -5.87
N LEU B 21 -3.23 -13.46 -6.47
CA LEU B 21 -3.97 -14.22 -7.46
C LEU B 21 -3.26 -14.21 -8.81
N LYS B 22 -2.59 -13.11 -9.11
CA LYS B 22 -1.86 -12.97 -10.37
C LYS B 22 -0.58 -13.81 -10.36
N GLN B 23 0.06 -13.87 -9.19
CA GLN B 23 1.30 -14.63 -9.05
C GLN B 23 1.01 -16.13 -9.02
N LYS B 24 0.02 -16.51 -8.23
CA LYS B 24 -0.36 -17.92 -8.11
C LYS B 24 0.80 -18.76 -7.59
N VAL B 25 0.68 -19.25 -6.36
CA VAL B 25 1.73 -20.06 -5.76
C VAL B 25 1.20 -21.46 -5.42
N LYS B 26 0.10 -21.51 -4.68
CA LYS B 26 -0.49 -22.77 -4.29
C LYS B 26 -2.01 -22.65 -4.16
N LYS B 27 -2.73 -23.41 -4.97
CA LYS B 27 -4.19 -23.38 -4.95
C LYS B 27 -4.72 -21.98 -5.27
N MET A 1 -5.07 -11.54 14.98
CA MET A 1 -3.93 -10.61 15.06
C MET A 1 -2.80 -11.01 14.11
N LYS A 2 -2.01 -10.03 13.69
CA LYS A 2 -0.91 -10.29 12.76
C LYS A 2 0.32 -9.49 13.16
N GLU A 3 1.50 -9.99 12.79
CA GLU A 3 2.75 -9.31 13.11
C GLU A 3 3.91 -9.89 12.30
N GLN A 4 4.01 -11.22 12.29
CA GLN A 4 5.07 -11.90 11.55
C GLN A 4 4.66 -12.16 10.11
N ASP A 5 3.36 -12.40 9.90
CA ASP A 5 2.84 -12.67 8.57
C ASP A 5 3.01 -11.46 7.67
N SER A 6 3.09 -10.27 8.27
CA SER A 6 3.25 -9.04 7.52
C SER A 6 4.73 -8.64 7.40
N GLU A 7 5.62 -9.55 7.79
CA GLU A 7 7.06 -9.29 7.72
C GLU A 7 7.65 -9.82 6.43
N GLU A 8 7.39 -11.10 6.15
CA GLU A 8 7.92 -11.73 4.95
C GLU A 8 7.00 -11.50 3.75
N GLU A 9 5.75 -11.15 4.02
CA GLU A 9 4.79 -10.90 2.95
C GLU A 9 4.87 -9.45 2.46
N LEU A 10 4.86 -8.52 3.40
CA LEU A 10 4.93 -7.09 3.07
C LEU A 10 6.31 -6.73 2.51
N ILE A 11 7.36 -7.30 3.09
CA ILE A 11 8.72 -7.03 2.65
C ILE A 11 8.90 -7.33 1.17
N GLU A 12 8.22 -8.38 0.70
CA GLU A 12 8.31 -8.77 -0.70
C GLU A 12 7.53 -7.81 -1.59
N ALA A 13 6.47 -7.23 -1.04
CA ALA A 13 5.64 -6.29 -1.79
C ALA A 13 6.33 -4.93 -1.90
N PHE A 14 7.13 -4.59 -0.90
CA PHE A 14 7.83 -3.31 -0.88
C PHE A 14 8.76 -3.20 -2.09
N LYS A 15 9.41 -4.30 -2.45
CA LYS A 15 10.33 -4.31 -3.58
C LYS A 15 9.59 -4.03 -4.88
N VAL A 16 8.42 -4.66 -5.04
CA VAL A 16 7.61 -4.46 -6.24
C VAL A 16 7.15 -3.02 -6.37
N PHE A 17 6.64 -2.46 -5.28
CA PHE A 17 6.15 -1.09 -5.26
C PHE A 17 7.30 -0.11 -5.49
N ASP A 18 8.44 -0.36 -4.85
CA ASP A 18 9.60 0.50 -4.98
C ASP A 18 10.22 0.36 -6.38
N ARG A 19 9.79 1.24 -7.28
CA ARG A 19 10.30 1.23 -8.65
C ARG A 19 11.76 1.65 -8.70
N ASP A 20 12.09 2.69 -7.94
CA ASP A 20 13.46 3.20 -7.89
C ASP A 20 14.31 2.41 -6.89
N GLY A 21 13.64 1.74 -5.96
CA GLY A 21 14.36 0.96 -4.96
C GLY A 21 15.17 1.83 -4.01
N ASN A 22 14.66 3.02 -3.74
CA ASN A 22 15.34 3.95 -2.83
C ASN A 22 15.10 3.58 -1.38
N GLY A 23 14.03 2.83 -1.12
CA GLY A 23 13.71 2.43 0.24
C GLY A 23 12.50 3.16 0.79
N LEU A 24 11.64 3.64 -0.09
CA LEU A 24 10.44 4.36 0.32
C LEU A 24 9.40 4.37 -0.80
N ILE A 25 8.15 4.68 -0.43
CA ILE A 25 7.07 4.73 -1.41
C ILE A 25 6.33 6.06 -1.34
N SER A 26 6.55 6.90 -2.35
CA SER A 26 5.90 8.20 -2.41
C SER A 26 4.51 8.10 -3.02
N ALA A 27 3.79 9.22 -3.03
CA ALA A 27 2.45 9.25 -3.60
C ALA A 27 2.47 8.99 -5.10
N ALA A 28 3.44 9.60 -5.78
CA ALA A 28 3.57 9.43 -7.22
C ALA A 28 4.00 8.01 -7.57
N GLU A 29 4.77 7.39 -6.68
CA GLU A 29 5.25 6.03 -6.89
C GLU A 29 4.16 5.01 -6.57
N LEU A 30 3.34 5.33 -5.58
CA LEU A 30 2.26 4.44 -5.17
C LEU A 30 1.15 4.42 -6.21
N ARG A 31 0.73 5.59 -6.66
CA ARG A 31 -0.32 5.71 -7.67
C ARG A 31 0.10 5.05 -8.98
N HIS A 32 1.39 5.11 -9.27
CA HIS A 32 1.93 4.51 -10.49
C HIS A 32 1.77 2.99 -10.47
N VAL A 33 1.99 2.40 -9.30
CA VAL A 33 1.87 0.95 -9.15
C VAL A 33 0.41 0.53 -9.01
N MET A 34 -0.39 1.38 -8.40
CA MET A 34 -1.81 1.10 -8.21
C MET A 34 -2.54 1.07 -9.55
N THR A 35 -2.13 1.96 -10.46
CA THR A 35 -2.74 2.03 -11.78
C THR A 35 -2.52 0.75 -12.56
N ASN A 36 -1.30 0.22 -12.47
CA ASN A 36 -0.94 -1.01 -13.18
C ASN A 36 -1.60 -2.23 -12.51
N LEU A 37 -1.77 -2.15 -11.19
CA LEU A 37 -2.38 -3.24 -10.43
C LEU A 37 -3.86 -3.39 -10.79
N GLY A 38 -4.45 -2.33 -11.33
CA GLY A 38 -5.86 -2.37 -11.70
C GLY A 38 -6.72 -1.52 -10.80
N GLU A 39 -6.19 -0.37 -10.39
CA GLU A 39 -6.93 0.54 -9.52
C GLU A 39 -6.66 1.99 -9.89
N LYS A 40 -7.70 2.71 -10.27
CA LYS A 40 -7.58 4.11 -10.66
C LYS A 40 -7.59 5.01 -9.43
N LEU A 41 -6.53 5.80 -9.28
CA LEU A 41 -6.40 6.71 -8.15
C LEU A 41 -5.77 8.03 -8.58
N THR A 42 -6.51 9.12 -8.36
CA THR A 42 -6.02 10.45 -8.73
C THR A 42 -4.96 10.93 -7.74
N ASP A 43 -4.44 12.14 -7.97
CA ASP A 43 -3.42 12.71 -7.11
C ASP A 43 -4.04 13.21 -5.80
N ASP A 44 -5.34 13.48 -5.82
CA ASP A 44 -6.04 13.96 -4.63
C ASP A 44 -6.50 12.79 -3.77
N GLU A 45 -7.03 11.75 -4.41
CA GLU A 45 -7.50 10.58 -3.70
C GLU A 45 -6.32 9.79 -3.12
N VAL A 46 -5.19 9.81 -3.83
CA VAL A 46 -4.01 9.11 -3.39
C VAL A 46 -3.40 9.77 -2.16
N ASP A 47 -3.44 11.10 -2.13
CA ASP A 47 -2.90 11.86 -1.01
C ASP A 47 -3.55 11.45 0.30
N GLU A 48 -4.84 11.11 0.24
CA GLU A 48 -5.58 10.70 1.42
C GLU A 48 -5.05 9.36 1.95
N MET A 49 -4.55 8.52 1.05
CA MET A 49 -4.02 7.22 1.43
C MET A 49 -2.63 7.36 2.04
N ILE A 50 -1.80 8.20 1.42
CA ILE A 50 -0.44 8.42 1.91
C ILE A 50 -0.44 9.01 3.31
N ARG A 51 -1.33 9.97 3.54
CA ARG A 51 -1.44 10.61 4.86
C ARG A 51 -1.80 9.60 5.93
N GLU A 52 -2.65 8.64 5.58
CA GLU A 52 -3.08 7.61 6.52
C GLU A 52 -1.89 6.76 6.97
N ALA A 53 -0.91 6.60 6.10
CA ALA A 53 0.27 5.80 6.41
C ALA A 53 1.42 6.70 6.88
N ASP A 54 1.43 7.94 6.42
CA ASP A 54 2.47 8.89 6.80
C ASP A 54 2.34 9.29 8.26
N ILE A 55 3.02 8.56 9.14
CA ILE A 55 2.97 8.83 10.57
C ILE A 55 3.87 10.03 10.92
N ASP A 56 4.94 10.20 10.16
CA ASP A 56 5.89 11.29 10.39
C ASP A 56 5.41 12.57 9.71
N GLY A 57 4.52 12.43 8.73
CA GLY A 57 4.01 13.59 8.03
C GLY A 57 5.03 14.21 7.11
N ASP A 58 5.72 13.38 6.34
CA ASP A 58 6.74 13.84 5.41
C ASP A 58 6.28 13.68 3.95
N GLY A 59 5.31 12.81 3.74
CA GLY A 59 4.81 12.58 2.40
C GLY A 59 5.43 11.35 1.75
N HIS A 60 5.82 10.39 2.56
CA HIS A 60 6.43 9.16 2.05
C HIS A 60 6.13 7.98 2.97
N ILE A 61 5.86 6.83 2.38
CA ILE A 61 5.57 5.62 3.13
C ILE A 61 6.81 4.77 3.36
N ASN A 62 7.07 4.44 4.62
CA ASN A 62 8.24 3.63 4.96
C ASN A 62 7.84 2.19 5.26
N TYR A 63 8.83 1.32 5.38
CA TYR A 63 8.57 -0.09 5.67
C TYR A 63 7.83 -0.25 6.99
N GLU A 64 8.13 0.64 7.93
CA GLU A 64 7.50 0.60 9.25
C GLU A 64 6.05 1.06 9.16
N GLU A 65 5.78 1.96 8.24
CA GLU A 65 4.42 2.49 8.06
C GLU A 65 3.57 1.51 7.26
N PHE A 66 4.18 0.87 6.26
CA PHE A 66 3.47 -0.10 5.43
C PHE A 66 2.94 -1.26 6.25
N VAL A 67 3.67 -1.59 7.31
CA VAL A 67 3.27 -2.69 8.19
C VAL A 67 1.98 -2.37 8.93
N ARG A 68 1.94 -1.20 9.57
CA ARG A 68 0.77 -0.77 10.31
C ARG A 68 -0.45 -0.66 9.40
N MET A 69 -0.21 -0.27 8.15
CA MET A 69 -1.28 -0.13 7.17
C MET A 69 -1.99 -1.46 6.95
N MET A 70 -1.21 -2.51 6.70
CA MET A 70 -1.76 -3.83 6.46
C MET A 70 -2.50 -4.34 7.69
N VAL A 71 -1.86 -4.22 8.85
CA VAL A 71 -2.46 -4.68 10.10
C VAL A 71 -3.08 -3.51 10.85
N SER A 72 -3.60 -2.53 10.11
CA SER A 72 -4.23 -1.36 10.72
C SER A 72 -5.55 -1.74 11.37
N LYS A 73 -6.25 -2.71 10.79
CA LYS A 73 -7.53 -3.17 11.32
C LYS A 73 -7.39 -4.53 11.98
N LYS B 1 -13.34 6.22 -2.00
CA LYS B 1 -14.25 7.37 -2.31
C LYS B 1 -14.89 7.91 -1.03
N ARG B 2 -14.17 7.79 0.08
CA ARG B 2 -14.67 8.27 1.36
C ARG B 2 -13.52 8.63 2.30
N LYS B 3 -13.86 9.00 3.54
CA LYS B 3 -12.85 9.36 4.52
C LYS B 3 -12.90 8.41 5.72
N GLN B 4 -12.21 7.29 5.60
CA GLN B 4 -12.17 6.30 6.67
C GLN B 4 -10.94 5.39 6.54
N GLU B 5 -10.66 4.62 7.58
CA GLU B 5 -9.52 3.72 7.57
C GLU B 5 -9.92 2.36 6.99
N GLU B 6 -11.17 1.98 7.18
CA GLU B 6 -11.67 0.71 6.67
C GLU B 6 -11.82 0.74 5.15
N VAL B 7 -12.17 1.92 4.62
CA VAL B 7 -12.34 2.09 3.19
C VAL B 7 -11.00 2.13 2.47
N SER B 8 -9.98 2.61 3.17
CA SER B 8 -8.64 2.71 2.61
C SER B 8 -7.87 1.41 2.80
N ALA B 9 -8.20 0.68 3.87
CA ALA B 9 -7.54 -0.58 4.16
C ALA B 9 -8.00 -1.69 3.22
N ILE B 10 -9.28 -1.65 2.86
CA ILE B 10 -9.85 -2.65 1.96
C ILE B 10 -9.29 -2.52 0.55
N VAL B 11 -9.00 -1.28 0.15
CA VAL B 11 -8.45 -1.02 -1.18
C VAL B 11 -7.05 -1.60 -1.32
N ILE B 12 -6.22 -1.38 -0.30
CA ILE B 12 -4.85 -1.87 -0.31
C ILE B 12 -4.81 -3.38 -0.11
N GLN B 13 -5.72 -3.90 0.71
CA GLN B 13 -5.80 -5.33 0.97
C GLN B 13 -6.37 -6.08 -0.22
N ARG B 14 -7.30 -5.43 -0.93
CA ARG B 14 -7.93 -6.04 -2.09
C ARG B 14 -6.95 -6.18 -3.24
N ALA B 15 -6.16 -5.14 -3.46
CA ALA B 15 -5.17 -5.15 -4.53
C ALA B 15 -4.11 -6.23 -4.30
N TYR B 16 -3.62 -6.31 -3.07
CA TYR B 16 -2.61 -7.29 -2.71
C TYR B 16 -3.17 -8.70 -2.78
N ARG B 17 -4.48 -8.83 -2.54
CA ARG B 17 -5.14 -10.13 -2.57
C ARG B 17 -4.97 -10.79 -3.93
N ARG B 18 -4.96 -9.97 -4.99
CA ARG B 18 -4.81 -10.49 -6.34
C ARG B 18 -3.35 -10.84 -6.63
N TYR B 19 -2.44 -10.09 -6.02
CA TYR B 19 -1.02 -10.33 -6.22
C TYR B 19 -0.62 -11.73 -5.77
N LEU B 20 -1.22 -12.19 -4.68
CA LEU B 20 -0.94 -13.52 -4.15
C LEU B 20 -1.72 -14.58 -4.91
N LEU B 21 -2.94 -14.23 -5.33
CA LEU B 21 -3.79 -15.17 -6.07
C LEU B 21 -3.24 -15.40 -7.47
N LYS B 22 -2.60 -14.37 -8.04
CA LYS B 22 -2.05 -14.46 -9.38
C LYS B 22 -0.92 -15.47 -9.43
N GLN B 23 -0.12 -15.53 -8.35
CA GLN B 23 0.99 -16.47 -8.27
C GLN B 23 0.56 -17.78 -7.62
N LYS B 24 -0.38 -17.68 -6.68
CA LYS B 24 -0.89 -18.86 -5.96
C LYS B 24 0.23 -19.82 -5.60
N VAL B 25 1.41 -19.27 -5.32
CA VAL B 25 2.56 -20.09 -4.95
C VAL B 25 2.75 -20.13 -3.45
N LYS B 26 2.52 -21.30 -2.85
CA LYS B 26 2.65 -21.47 -1.41
C LYS B 26 2.58 -22.94 -1.02
N LYS B 27 1.59 -23.63 -1.58
CA LYS B 27 1.40 -25.06 -1.30
C LYS B 27 1.22 -25.85 -2.58
N MET A 1 -4.32 -16.81 6.38
CA MET A 1 -3.00 -16.14 6.53
C MET A 1 -3.06 -15.02 7.56
N LYS A 2 -1.90 -14.53 7.97
CA LYS A 2 -1.83 -13.45 8.96
C LYS A 2 -1.38 -12.14 8.30
N GLU A 3 -1.40 -11.07 9.08
CA GLU A 3 -1.01 -9.76 8.58
C GLU A 3 0.31 -9.31 9.20
N GLN A 4 0.42 -9.48 10.52
CA GLN A 4 1.63 -9.09 11.24
C GLN A 4 2.73 -10.13 11.04
N ASP A 5 2.33 -11.39 10.89
CA ASP A 5 3.29 -12.47 10.69
C ASP A 5 3.68 -12.62 9.22
N SER A 6 3.10 -11.78 8.37
CA SER A 6 3.40 -11.83 6.94
C SER A 6 4.60 -10.96 6.59
N GLU A 7 5.33 -10.51 7.61
CA GLU A 7 6.51 -9.67 7.40
C GLU A 7 7.39 -10.21 6.27
N GLU A 8 7.36 -11.53 6.09
CA GLU A 8 8.15 -12.17 5.04
C GLU A 8 7.52 -11.93 3.67
N GLU A 9 6.19 -11.90 3.64
CA GLU A 9 5.45 -11.68 2.41
C GLU A 9 5.22 -10.19 2.16
N LEU A 10 4.69 -9.50 3.18
CA LEU A 10 4.42 -8.08 3.09
C LEU A 10 5.65 -7.31 2.63
N ILE A 11 6.82 -7.78 3.04
CA ILE A 11 8.08 -7.14 2.67
C ILE A 11 8.26 -7.10 1.16
N GLU A 12 7.72 -8.11 0.48
CA GLU A 12 7.82 -8.19 -0.98
C GLU A 12 6.99 -7.10 -1.64
N ALA A 13 5.85 -6.78 -1.04
CA ALA A 13 4.97 -5.76 -1.57
C ALA A 13 5.63 -4.39 -1.56
N PHE A 14 6.44 -4.15 -0.53
CA PHE A 14 7.14 -2.87 -0.39
C PHE A 14 8.11 -2.66 -1.54
N LYS A 15 8.81 -3.74 -1.93
CA LYS A 15 9.77 -3.68 -3.02
C LYS A 15 9.08 -3.43 -4.35
N VAL A 16 7.89 -4.00 -4.51
CA VAL A 16 7.12 -3.83 -5.74
C VAL A 16 6.60 -2.40 -5.88
N PHE A 17 6.31 -1.77 -4.74
CA PHE A 17 5.82 -0.40 -4.74
C PHE A 17 6.96 0.60 -4.90
N ASP A 18 8.13 0.23 -4.41
CA ASP A 18 9.31 1.09 -4.50
C ASP A 18 10.01 0.91 -5.85
N ARG A 19 9.65 1.75 -6.81
CA ARG A 19 10.24 1.68 -8.14
C ARG A 19 11.66 2.26 -8.13
N ASP A 20 11.86 3.30 -7.35
CA ASP A 20 13.17 3.95 -7.25
C ASP A 20 14.17 3.05 -6.53
N GLY A 21 13.66 2.08 -5.77
CA GLY A 21 14.53 1.17 -5.04
C GLY A 21 15.42 1.89 -4.06
N ASN A 22 14.91 2.97 -3.47
CA ASN A 22 15.67 3.75 -2.50
C ASN A 22 15.26 3.41 -1.07
N GLY A 23 14.04 2.86 -0.92
CA GLY A 23 13.56 2.51 0.40
C GLY A 23 12.45 3.43 0.88
N LEU A 24 11.73 4.02 -0.06
CA LEU A 24 10.63 4.93 0.28
C LEU A 24 9.69 5.11 -0.91
N ILE A 25 8.39 4.96 -0.66
CA ILE A 25 7.39 5.11 -1.70
C ILE A 25 6.74 6.49 -1.66
N SER A 26 6.66 7.13 -2.81
CA SER A 26 6.06 8.47 -2.90
C SER A 26 4.65 8.38 -3.47
N ALA A 27 4.08 9.54 -3.78
CA ALA A 27 2.73 9.60 -4.33
C ALA A 27 2.71 9.12 -5.77
N ALA A 28 3.75 9.46 -6.54
CA ALA A 28 3.84 9.06 -7.93
C ALA A 28 4.10 7.56 -8.06
N GLU A 29 4.88 7.03 -7.12
CA GLU A 29 5.20 5.60 -7.13
C GLU A 29 3.96 4.75 -6.88
N LEU A 30 3.23 5.07 -5.81
CA LEU A 30 2.02 4.34 -5.46
C LEU A 30 0.99 4.44 -6.58
N ARG A 31 0.82 5.65 -7.11
CA ARG A 31 -0.14 5.88 -8.19
C ARG A 31 0.22 5.06 -9.42
N HIS A 32 1.52 4.92 -9.69
CA HIS A 32 2.00 4.16 -10.83
C HIS A 32 1.74 2.68 -10.64
N VAL A 33 2.05 2.17 -9.45
CA VAL A 33 1.84 0.76 -9.14
C VAL A 33 0.36 0.42 -9.09
N MET A 34 -0.45 1.35 -8.59
CA MET A 34 -1.89 1.14 -8.49
C MET A 34 -2.50 0.96 -9.88
N THR A 35 -1.94 1.66 -10.87
CA THR A 35 -2.44 1.57 -12.24
C THR A 35 -2.10 0.23 -12.86
N ASN A 36 -0.89 -0.25 -12.59
CA ASN A 36 -0.44 -1.53 -13.12
C ASN A 36 -1.15 -2.69 -12.44
N LEU A 37 -1.30 -2.61 -11.13
CA LEU A 37 -1.97 -3.65 -10.37
C LEU A 37 -3.41 -3.82 -10.82
N GLY A 38 -3.96 -2.79 -11.45
CA GLY A 38 -5.33 -2.85 -11.93
C GLY A 38 -6.27 -1.99 -11.11
N GLU A 39 -5.75 -0.86 -10.63
CA GLU A 39 -6.55 0.07 -9.83
C GLU A 39 -6.29 1.51 -10.24
N LYS A 40 -7.29 2.37 -10.03
CA LYS A 40 -7.17 3.78 -10.38
C LYS A 40 -7.59 4.66 -9.21
N LEU A 41 -6.87 5.77 -9.03
CA LEU A 41 -7.16 6.70 -7.95
C LEU A 41 -6.88 8.14 -8.39
N THR A 42 -7.64 9.08 -7.82
CA THR A 42 -7.48 10.49 -8.15
C THR A 42 -6.26 11.08 -7.43
N ASP A 43 -5.89 12.29 -7.83
CA ASP A 43 -4.74 12.97 -7.22
C ASP A 43 -4.96 13.17 -5.72
N ASP A 44 -6.19 13.47 -5.35
CA ASP A 44 -6.54 13.69 -3.94
C ASP A 44 -6.59 12.37 -3.18
N GLU A 45 -6.96 11.30 -3.88
CA GLU A 45 -7.06 9.98 -3.28
C GLU A 45 -5.68 9.48 -2.86
N VAL A 46 -4.67 9.78 -3.68
CA VAL A 46 -3.30 9.35 -3.39
C VAL A 46 -2.73 10.13 -2.21
N ASP A 47 -2.99 11.43 -2.18
CA ASP A 47 -2.50 12.28 -1.10
C ASP A 47 -3.12 11.90 0.23
N GLU A 48 -4.35 11.40 0.18
CA GLU A 48 -5.07 10.98 1.38
C GLU A 48 -4.61 9.61 1.84
N MET A 49 -4.40 8.71 0.89
CA MET A 49 -3.97 7.36 1.20
C MET A 49 -2.60 7.36 1.90
N ILE A 50 -1.69 8.17 1.38
CA ILE A 50 -0.35 8.28 1.96
C ILE A 50 -0.38 8.97 3.32
N ARG A 51 -1.22 10.00 3.43
CA ARG A 51 -1.36 10.74 4.68
C ARG A 51 -1.77 9.83 5.82
N GLU A 52 -2.48 8.75 5.49
CA GLU A 52 -2.95 7.80 6.49
C GLU A 52 -1.85 6.81 6.87
N ALA A 53 -0.96 6.54 5.92
CA ALA A 53 0.14 5.61 6.15
C ALA A 53 1.36 6.33 6.70
N ASP A 54 1.53 7.59 6.31
CA ASP A 54 2.66 8.39 6.76
C ASP A 54 2.51 8.77 8.22
N ILE A 55 3.25 8.10 9.09
CA ILE A 55 3.20 8.36 10.52
C ILE A 55 4.20 9.46 10.91
N ASP A 56 5.29 9.54 10.17
CA ASP A 56 6.32 10.54 10.43
C ASP A 56 5.97 11.88 9.79
N GLY A 57 5.09 11.85 8.81
CA GLY A 57 4.68 13.07 8.12
C GLY A 57 5.75 13.59 7.18
N ASP A 58 6.48 12.67 6.57
CA ASP A 58 7.54 13.05 5.64
C ASP A 58 7.02 13.11 4.20
N GLY A 59 5.90 12.44 3.95
CA GLY A 59 5.32 12.44 2.62
C GLY A 59 5.51 11.12 1.91
N HIS A 60 6.53 10.37 2.30
CA HIS A 60 6.81 9.08 1.70
C HIS A 60 6.52 7.94 2.67
N ILE A 61 6.00 6.83 2.14
CA ILE A 61 5.67 5.67 2.95
C ILE A 61 6.90 4.81 3.21
N ASN A 62 7.10 4.46 4.48
CA ASN A 62 8.24 3.64 4.87
C ASN A 62 7.81 2.18 5.08
N TYR A 63 8.79 1.32 5.35
CA TYR A 63 8.52 -0.09 5.58
C TYR A 63 7.58 -0.29 6.77
N GLU A 64 7.97 0.27 7.92
CA GLU A 64 7.16 0.15 9.13
C GLU A 64 5.76 0.73 8.92
N GLU A 65 5.70 1.85 8.20
CA GLU A 65 4.43 2.51 7.92
C GLU A 65 3.50 1.58 7.15
N PHE A 66 4.05 0.87 6.18
CA PHE A 66 3.27 -0.06 5.36
C PHE A 66 2.63 -1.14 6.23
N VAL A 67 3.31 -1.51 7.31
CA VAL A 67 2.81 -2.53 8.22
C VAL A 67 1.63 -2.01 9.03
N ARG A 68 1.68 -0.73 9.38
CA ARG A 68 0.61 -0.11 10.16
C ARG A 68 -0.68 -0.04 9.35
N MET A 69 -0.55 0.21 8.05
CA MET A 69 -1.70 0.29 7.17
C MET A 69 -2.47 -1.02 7.14
N MET A 70 -1.74 -2.12 6.93
CA MET A 70 -2.35 -3.45 6.88
C MET A 70 -3.04 -3.77 8.20
N VAL A 71 -2.33 -3.57 9.30
CA VAL A 71 -2.88 -3.84 10.62
C VAL A 71 -3.36 -2.56 11.30
N SER A 72 -3.87 -1.63 10.50
CA SER A 72 -4.35 -0.35 11.01
C SER A 72 -5.49 -0.57 12.01
N LYS A 73 -6.13 0.52 12.41
CA LYS A 73 -7.23 0.45 13.36
C LYS A 73 -8.56 0.20 12.64
N LYS B 1 -16.75 11.46 7.30
CA LYS B 1 -16.90 11.98 8.68
C LYS B 1 -16.92 10.84 9.70
N ARG B 2 -17.57 9.74 9.33
CA ARG B 2 -17.66 8.57 10.20
C ARG B 2 -16.84 7.42 9.66
N LYS B 3 -17.02 7.13 8.37
CA LYS B 3 -16.28 6.04 7.72
C LYS B 3 -15.36 6.58 6.62
N GLN B 4 -14.09 6.21 6.70
CA GLN B 4 -13.11 6.66 5.72
C GLN B 4 -11.87 5.77 5.74
N GLU B 5 -11.39 5.46 6.94
CA GLU B 5 -10.21 4.62 7.10
C GLU B 5 -10.47 3.21 6.56
N GLU B 6 -11.67 2.71 6.80
CA GLU B 6 -12.04 1.37 6.34
C GLU B 6 -12.11 1.32 4.82
N VAL B 7 -12.75 2.32 4.23
CA VAL B 7 -12.88 2.38 2.78
C VAL B 7 -11.53 2.50 2.10
N SER B 8 -10.57 3.12 2.80
CA SER B 8 -9.23 3.30 2.26
C SER B 8 -8.35 2.09 2.57
N ALA B 9 -8.72 1.33 3.60
CA ALA B 9 -7.96 0.15 3.99
C ALA B 9 -8.41 -1.08 3.22
N ILE B 10 -9.68 -1.09 2.83
CA ILE B 10 -10.23 -2.21 2.07
C ILE B 10 -9.80 -2.18 0.61
N VAL B 11 -9.59 -0.97 0.09
CA VAL B 11 -9.18 -0.80 -1.29
C VAL B 11 -7.71 -1.17 -1.49
N ILE B 12 -6.91 -0.98 -0.44
CA ILE B 12 -5.49 -1.30 -0.49
C ILE B 12 -5.24 -2.78 -0.18
N GLN B 13 -6.09 -3.35 0.67
CA GLN B 13 -5.96 -4.75 1.05
C GLN B 13 -6.44 -5.67 -0.08
N ARG B 14 -7.47 -5.23 -0.80
CA ARG B 14 -8.00 -6.02 -1.91
C ARG B 14 -7.01 -6.09 -3.06
N ALA B 15 -6.21 -5.04 -3.22
CA ALA B 15 -5.22 -5.00 -4.29
C ALA B 15 -4.08 -6.00 -4.02
N TYR B 16 -3.81 -6.25 -2.75
CA TYR B 16 -2.75 -7.18 -2.37
C TYR B 16 -3.24 -8.62 -2.45
N ARG B 17 -4.53 -8.82 -2.22
CA ARG B 17 -5.12 -10.14 -2.26
C ARG B 17 -4.95 -10.77 -3.65
N ARG B 18 -4.98 -9.94 -4.67
CA ARG B 18 -4.82 -10.41 -6.05
C ARG B 18 -3.36 -10.73 -6.35
N TYR B 19 -2.46 -9.96 -5.74
CA TYR B 19 -1.02 -10.16 -5.94
C TYR B 19 -0.56 -11.46 -5.30
N LEU B 20 -1.18 -11.82 -4.18
CA LEU B 20 -0.83 -13.04 -3.46
C LEU B 20 -1.40 -14.26 -4.17
N LEU B 21 -2.63 -14.14 -4.66
CA LEU B 21 -3.29 -15.23 -5.35
C LEU B 21 -2.62 -15.51 -6.69
N LYS B 22 -2.30 -14.44 -7.42
CA LYS B 22 -1.65 -14.57 -8.72
C LYS B 22 -0.31 -15.29 -8.60
N GLN B 23 0.50 -14.85 -7.64
CA GLN B 23 1.82 -15.45 -7.42
C GLN B 23 1.68 -16.88 -6.92
N LYS B 24 0.62 -17.14 -6.15
CA LYS B 24 0.38 -18.47 -5.62
C LYS B 24 1.54 -18.93 -4.73
N VAL B 25 1.37 -20.08 -4.09
CA VAL B 25 2.40 -20.62 -3.21
C VAL B 25 2.94 -21.94 -3.76
N LYS B 26 2.05 -22.81 -4.21
CA LYS B 26 2.45 -24.10 -4.76
C LYS B 26 1.24 -24.83 -5.34
N LYS B 27 0.13 -24.80 -4.62
CA LYS B 27 -1.10 -25.46 -5.06
C LYS B 27 -2.14 -24.44 -5.48
N MET A 1 -4.37 -16.32 6.04
CA MET A 1 -4.24 -14.90 5.60
C MET A 1 -4.05 -13.97 6.79
N LYS A 2 -2.80 -13.57 7.03
CA LYS A 2 -2.49 -12.67 8.12
C LYS A 2 -2.09 -11.29 7.61
N GLU A 3 -2.08 -10.31 8.51
CA GLU A 3 -1.73 -8.94 8.15
C GLU A 3 -0.36 -8.57 8.72
N GLN A 4 -0.09 -9.05 9.94
CA GLN A 4 1.18 -8.76 10.60
C GLN A 4 2.15 -9.94 10.45
N ASP A 5 1.60 -11.15 10.37
CA ASP A 5 2.41 -12.35 10.23
C ASP A 5 2.86 -12.55 8.79
N SER A 6 2.43 -11.67 7.89
CA SER A 6 2.78 -11.76 6.49
C SER A 6 4.08 -10.99 6.20
N GLU A 7 4.78 -10.58 7.25
CA GLU A 7 6.02 -9.84 7.10
C GLU A 7 6.93 -10.46 6.04
N GLU A 8 6.83 -11.77 5.88
CA GLU A 8 7.63 -12.48 4.89
C GLU A 8 7.10 -12.23 3.48
N GLU A 9 5.79 -12.09 3.37
CA GLU A 9 5.15 -11.85 2.08
C GLU A 9 5.03 -10.35 1.80
N LEU A 10 4.49 -9.62 2.77
CA LEU A 10 4.32 -8.18 2.64
C LEU A 10 5.63 -7.49 2.26
N ILE A 11 6.73 -8.05 2.75
CA ILE A 11 8.05 -7.49 2.47
C ILE A 11 8.35 -7.53 0.97
N GLU A 12 7.81 -8.51 0.28
CA GLU A 12 8.01 -8.65 -1.16
C GLU A 12 7.23 -7.60 -1.92
N ALA A 13 6.09 -7.19 -1.37
CA ALA A 13 5.26 -6.18 -2.00
C ALA A 13 5.88 -4.79 -1.87
N PHE A 14 6.60 -4.57 -0.79
CA PHE A 14 7.25 -3.29 -0.54
C PHE A 14 8.39 -3.05 -1.52
N LYS A 15 9.04 -4.14 -1.94
CA LYS A 15 10.15 -4.05 -2.89
C LYS A 15 9.66 -3.68 -4.28
N VAL A 16 8.69 -4.45 -4.78
CA VAL A 16 8.13 -4.20 -6.11
C VAL A 16 7.49 -2.82 -6.18
N PHE A 17 7.05 -2.32 -5.04
CA PHE A 17 6.40 -1.01 -4.97
C PHE A 17 7.44 0.12 -5.09
N ASP A 18 8.60 -0.11 -4.51
CA ASP A 18 9.68 0.89 -4.55
C ASP A 18 10.42 0.83 -5.88
N ARG A 19 9.94 1.61 -6.84
CA ARG A 19 10.55 1.65 -8.17
C ARG A 19 11.89 2.38 -8.12
N ASP A 20 11.96 3.43 -7.30
CA ASP A 20 13.17 4.22 -7.16
C ASP A 20 14.27 3.41 -6.46
N GLY A 21 13.87 2.37 -5.73
CA GLY A 21 14.84 1.55 -5.02
C GLY A 21 15.62 2.34 -3.99
N ASN A 22 14.96 3.29 -3.35
CA ASN A 22 15.60 4.12 -2.33
C ASN A 22 15.12 3.76 -0.93
N GLY A 23 13.95 3.13 -0.85
CA GLY A 23 13.40 2.74 0.44
C GLY A 23 12.13 3.49 0.78
N LEU A 24 11.93 4.65 0.16
CA LEU A 24 10.75 5.46 0.41
C LEU A 24 9.78 5.38 -0.77
N ILE A 25 8.49 5.46 -0.47
CA ILE A 25 7.46 5.40 -1.50
C ILE A 25 6.57 6.65 -1.47
N SER A 26 6.71 7.49 -2.48
CA SER A 26 5.93 8.72 -2.57
C SER A 26 4.56 8.45 -3.19
N ALA A 27 3.73 9.48 -3.26
CA ALA A 27 2.39 9.36 -3.82
C ALA A 27 2.46 9.09 -5.32
N ALA A 28 3.49 9.65 -5.97
CA ALA A 28 3.66 9.48 -7.41
C ALA A 28 3.97 8.02 -7.75
N GLU A 29 4.58 7.31 -6.82
CA GLU A 29 4.92 5.91 -7.02
C GLU A 29 3.72 5.00 -6.79
N LEU A 30 2.99 5.26 -5.72
CA LEU A 30 1.80 4.47 -5.38
C LEU A 30 0.78 4.52 -6.50
N ARG A 31 0.51 5.73 -6.99
CA ARG A 31 -0.45 5.91 -8.08
C ARG A 31 -0.04 5.13 -9.32
N HIS A 32 1.26 4.95 -9.49
CA HIS A 32 1.78 4.21 -10.64
C HIS A 32 1.60 2.71 -10.45
N VAL A 33 1.69 2.25 -9.20
CA VAL A 33 1.54 0.84 -8.89
C VAL A 33 0.07 0.43 -8.93
N MET A 34 -0.78 1.22 -8.28
CA MET A 34 -2.21 0.94 -8.24
C MET A 34 -2.79 0.86 -9.64
N THR A 35 -2.19 1.59 -10.58
CA THR A 35 -2.66 1.59 -11.96
C THR A 35 -2.53 0.21 -12.59
N ASN A 36 -1.29 -0.26 -12.74
CA ASN A 36 -1.02 -1.57 -13.32
C ASN A 36 -1.69 -2.67 -12.51
N LEU A 37 -1.81 -2.45 -11.20
CA LEU A 37 -2.43 -3.42 -10.32
C LEU A 37 -3.90 -3.63 -10.66
N GLY A 38 -4.49 -2.65 -11.34
CA GLY A 38 -5.90 -2.76 -11.72
C GLY A 38 -6.79 -1.88 -10.86
N GLU A 39 -6.25 -0.76 -10.42
CA GLU A 39 -7.01 0.18 -9.59
C GLU A 39 -6.70 1.62 -9.98
N LYS A 40 -7.71 2.31 -10.49
CA LYS A 40 -7.54 3.71 -10.91
C LYS A 40 -7.76 4.65 -9.73
N LEU A 41 -6.73 5.41 -9.38
CA LEU A 41 -6.80 6.35 -8.27
C LEU A 41 -6.39 7.75 -8.71
N THR A 42 -7.13 8.76 -8.26
CA THR A 42 -6.83 10.14 -8.62
C THR A 42 -5.66 10.67 -7.79
N ASP A 43 -5.14 11.83 -8.18
CA ASP A 43 -4.02 12.44 -7.49
C ASP A 43 -4.39 12.74 -6.03
N ASP A 44 -5.61 13.21 -5.82
CA ASP A 44 -6.09 13.53 -4.48
C ASP A 44 -6.45 12.27 -3.71
N GLU A 45 -6.97 11.28 -4.42
CA GLU A 45 -7.36 10.01 -3.80
C GLU A 45 -6.16 9.34 -3.14
N VAL A 46 -4.99 9.49 -3.75
CA VAL A 46 -3.78 8.88 -3.23
C VAL A 46 -3.12 9.80 -2.18
N ASP A 47 -3.08 11.09 -2.48
CA ASP A 47 -2.48 12.06 -1.58
C ASP A 47 -3.08 11.96 -0.17
N GLU A 48 -4.35 11.52 -0.12
CA GLU A 48 -5.04 11.39 1.17
C GLU A 48 -4.68 10.06 1.83
N MET A 49 -4.39 9.05 1.01
CA MET A 49 -4.02 7.73 1.52
C MET A 49 -2.64 7.75 2.14
N ILE A 50 -1.71 8.46 1.51
CA ILE A 50 -0.34 8.55 2.01
C ILE A 50 -0.30 9.26 3.35
N ARG A 51 -1.07 10.34 3.48
CA ARG A 51 -1.11 11.10 4.72
C ARG A 51 -1.57 10.23 5.88
N GLU A 52 -2.52 9.34 5.61
CA GLU A 52 -3.05 8.45 6.64
C GLU A 52 -2.02 7.39 7.02
N ALA A 53 -1.18 7.01 6.06
CA ALA A 53 -0.16 6.01 6.29
C ALA A 53 1.12 6.63 6.83
N ASP A 54 1.35 7.89 6.47
CA ASP A 54 2.55 8.60 6.92
C ASP A 54 2.55 8.76 8.43
N ILE A 55 3.40 7.99 9.10
CA ILE A 55 3.50 8.04 10.56
C ILE A 55 4.52 9.09 10.99
N ASP A 56 5.53 9.32 10.16
CA ASP A 56 6.57 10.30 10.45
C ASP A 56 6.17 11.68 9.94
N GLY A 57 5.25 11.72 8.98
CA GLY A 57 4.82 12.99 8.42
C GLY A 57 5.89 13.64 7.57
N ASP A 58 6.53 12.85 6.71
CA ASP A 58 7.58 13.36 5.83
C ASP A 58 7.12 13.39 4.38
N GLY A 59 6.10 12.59 4.07
CA GLY A 59 5.59 12.53 2.71
C GLY A 59 6.07 11.31 1.95
N HIS A 60 6.23 10.20 2.68
CA HIS A 60 6.69 8.96 2.07
C HIS A 60 6.28 7.76 2.93
N ILE A 61 5.96 6.65 2.27
CA ILE A 61 5.55 5.44 2.96
C ILE A 61 6.73 4.50 3.16
N ASN A 62 7.09 4.26 4.42
CA ASN A 62 8.21 3.39 4.74
C ASN A 62 7.70 1.99 5.10
N TYR A 63 8.63 1.05 5.25
CA TYR A 63 8.29 -0.32 5.59
C TYR A 63 7.53 -0.39 6.91
N GLU A 64 7.86 0.53 7.81
CA GLU A 64 7.20 0.58 9.12
C GLU A 64 5.80 1.16 9.01
N GLU A 65 5.57 1.97 7.98
CA GLU A 65 4.26 2.59 7.77
C GLU A 65 3.37 1.69 6.91
N PHE A 66 4.00 0.89 6.04
CA PHE A 66 3.24 0.00 5.17
C PHE A 66 2.64 -1.16 5.95
N VAL A 67 3.31 -1.56 7.02
CA VAL A 67 2.84 -2.66 7.85
C VAL A 67 1.63 -2.24 8.69
N ARG A 68 1.69 -1.03 9.24
CA ARG A 68 0.59 -0.51 10.06
C ARG A 68 -0.66 -0.30 9.22
N MET A 69 -0.48 0.06 7.96
CA MET A 69 -1.60 0.30 7.06
C MET A 69 -2.32 -1.01 6.74
N MET A 70 -1.57 -2.10 6.71
CA MET A 70 -2.14 -3.41 6.42
C MET A 70 -3.07 -3.87 7.54
N VAL A 71 -2.63 -3.66 8.78
CA VAL A 71 -3.43 -4.05 9.95
C VAL A 71 -4.45 -2.97 10.29
N SER A 72 -4.11 -1.71 10.01
CA SER A 72 -5.01 -0.61 10.29
C SER A 72 -6.30 -0.72 9.49
N LYS A 73 -7.38 -0.19 10.03
CA LYS A 73 -8.68 -0.24 9.37
C LYS A 73 -9.05 1.13 8.80
N LYS B 1 -21.25 13.13 10.10
CA LYS B 1 -19.78 12.89 10.03
C LYS B 1 -19.45 11.73 9.08
N ARG B 2 -18.44 11.92 8.25
CA ARG B 2 -18.03 10.91 7.29
C ARG B 2 -16.54 11.04 6.96
N LYS B 3 -15.92 9.91 6.61
CA LYS B 3 -14.51 9.90 6.28
C LYS B 3 -14.16 8.68 5.42
N GLN B 4 -13.12 8.82 4.60
CA GLN B 4 -12.69 7.74 3.72
C GLN B 4 -11.51 6.98 4.33
N GLU B 5 -11.51 6.88 5.66
CA GLU B 5 -10.46 6.17 6.36
C GLU B 5 -10.55 4.66 6.14
N GLU B 6 -11.79 4.15 6.12
CA GLU B 6 -12.02 2.73 5.91
C GLU B 6 -12.06 2.39 4.42
N VAL B 7 -12.69 3.26 3.64
CA VAL B 7 -12.80 3.05 2.21
C VAL B 7 -11.43 3.03 1.55
N SER B 8 -10.51 3.81 2.09
CA SER B 8 -9.15 3.88 1.56
C SER B 8 -8.37 2.61 1.88
N ALA B 9 -8.70 1.99 3.01
CA ALA B 9 -8.03 0.76 3.43
C ALA B 9 -8.43 -0.41 2.55
N ILE B 10 -9.66 -0.37 2.04
CA ILE B 10 -10.16 -1.44 1.19
C ILE B 10 -9.48 -1.42 -0.18
N VAL B 11 -9.08 -0.22 -0.62
CA VAL B 11 -8.42 -0.07 -1.90
C VAL B 11 -7.06 -0.77 -1.91
N ILE B 12 -6.32 -0.61 -0.81
CA ILE B 12 -5.00 -1.22 -0.69
C ILE B 12 -5.11 -2.71 -0.36
N GLN B 13 -6.16 -3.07 0.37
CA GLN B 13 -6.39 -4.46 0.77
C GLN B 13 -6.89 -5.29 -0.42
N ARG B 14 -7.71 -4.66 -1.26
CA ARG B 14 -8.26 -5.33 -2.42
C ARG B 14 -7.19 -5.56 -3.48
N ALA B 15 -6.32 -4.57 -3.66
CA ALA B 15 -5.24 -4.67 -4.64
C ALA B 15 -4.27 -5.80 -4.29
N TYR B 16 -3.90 -5.88 -3.02
CA TYR B 16 -2.98 -6.92 -2.56
C TYR B 16 -3.60 -8.30 -2.72
N ARG B 17 -4.92 -8.36 -2.61
CA ARG B 17 -5.64 -9.63 -2.74
C ARG B 17 -5.37 -10.28 -4.09
N ARG B 18 -5.36 -9.46 -5.14
CA ARG B 18 -5.10 -9.96 -6.49
C ARG B 18 -3.62 -10.27 -6.69
N TYR B 19 -2.77 -9.57 -5.96
CA TYR B 19 -1.32 -9.76 -6.05
C TYR B 19 -0.96 -11.21 -5.74
N LEU B 20 -1.58 -11.77 -4.70
CA LEU B 20 -1.31 -13.15 -4.31
C LEU B 20 -1.93 -14.13 -5.30
N LEU B 21 -3.21 -13.92 -5.61
CA LEU B 21 -3.92 -14.77 -6.54
C LEU B 21 -3.29 -14.72 -7.92
N LYS B 22 -2.73 -13.56 -8.27
CA LYS B 22 -2.10 -13.39 -9.57
C LYS B 22 -0.76 -14.11 -9.62
N GLN B 23 -0.02 -14.08 -8.51
CA GLN B 23 1.28 -14.72 -8.44
C GLN B 23 1.13 -16.23 -8.30
N LYS B 24 0.10 -16.65 -7.58
CA LYS B 24 -0.16 -18.07 -7.36
C LYS B 24 0.96 -18.73 -6.57
N VAL B 25 2.08 -18.98 -7.24
CA VAL B 25 3.24 -19.60 -6.58
C VAL B 25 2.94 -21.05 -6.20
N LYS B 26 3.58 -21.98 -6.89
CA LYS B 26 3.39 -23.40 -6.62
C LYS B 26 4.67 -24.19 -6.91
N LYS B 27 5.27 -23.92 -8.06
CA LYS B 27 6.50 -24.61 -8.45
C LYS B 27 7.38 -23.70 -9.30
N MET A 1 -7.15 -13.06 9.28
CA MET A 1 -6.19 -13.49 10.33
C MET A 1 -4.75 -13.44 9.83
N LYS A 2 -3.82 -13.16 10.73
CA LYS A 2 -2.41 -13.07 10.37
C LYS A 2 -2.16 -11.94 9.38
N GLU A 3 -1.32 -10.99 9.77
CA GLU A 3 -1.00 -9.86 8.91
C GLU A 3 0.39 -9.32 9.22
N GLN A 4 0.65 -9.05 10.50
CA GLN A 4 1.94 -8.53 10.93
C GLN A 4 3.04 -9.60 10.78
N ASP A 5 2.63 -10.86 10.82
CA ASP A 5 3.58 -11.96 10.69
C ASP A 5 3.96 -12.19 9.23
N SER A 6 3.37 -11.42 8.33
CA SER A 6 3.67 -11.55 6.90
C SER A 6 4.88 -10.71 6.50
N GLU A 7 5.60 -10.19 7.50
CA GLU A 7 6.78 -9.36 7.23
C GLU A 7 7.67 -9.96 6.15
N GLU A 8 7.65 -11.29 6.05
CA GLU A 8 8.44 -12.00 5.05
C GLU A 8 7.82 -11.85 3.67
N GLU A 9 6.50 -11.82 3.62
CA GLU A 9 5.77 -11.69 2.37
C GLU A 9 5.52 -10.22 2.03
N LEU A 10 4.99 -9.48 3.00
CA LEU A 10 4.70 -8.07 2.81
C LEU A 10 5.94 -7.32 2.32
N ILE A 11 7.11 -7.76 2.77
CA ILE A 11 8.37 -7.13 2.37
C ILE A 11 8.57 -7.20 0.86
N GLU A 12 8.05 -8.26 0.25
CA GLU A 12 8.16 -8.44 -1.19
C GLU A 12 7.35 -7.41 -1.94
N ALA A 13 6.23 -6.99 -1.34
CA ALA A 13 5.36 -5.99 -1.95
C ALA A 13 6.02 -4.62 -1.97
N PHE A 14 6.86 -4.35 -0.98
CA PHE A 14 7.55 -3.07 -0.88
C PHE A 14 8.52 -2.89 -2.05
N LYS A 15 9.16 -3.98 -2.46
CA LYS A 15 10.11 -3.94 -3.57
C LYS A 15 9.41 -3.54 -4.86
N VAL A 16 8.34 -4.25 -5.20
CA VAL A 16 7.60 -3.98 -6.42
C VAL A 16 6.95 -2.60 -6.37
N PHE A 17 6.52 -2.20 -5.17
CA PHE A 17 5.88 -0.91 -4.98
C PHE A 17 6.87 0.23 -5.20
N ASP A 18 8.12 0.01 -4.77
CA ASP A 18 9.16 1.02 -4.92
C ASP A 18 9.74 1.00 -6.33
N ARG A 19 9.19 1.83 -7.20
CA ARG A 19 9.64 1.91 -8.59
C ARG A 19 11.02 2.55 -8.66
N ASP A 20 11.16 3.74 -8.09
CA ASP A 20 12.43 4.46 -8.09
C ASP A 20 13.42 3.83 -7.12
N GLY A 21 12.90 3.06 -6.16
CA GLY A 21 13.76 2.41 -5.18
C GLY A 21 14.50 3.41 -4.31
N ASN A 22 13.76 4.22 -3.57
CA ASN A 22 14.36 5.22 -2.69
C ASN A 22 14.20 4.83 -1.23
N GLY A 23 13.69 3.62 -0.98
CA GLY A 23 13.50 3.16 0.39
C GLY A 23 12.09 3.42 0.88
N LEU A 24 11.43 4.41 0.29
CA LEU A 24 10.07 4.77 0.68
C LEU A 24 9.14 4.77 -0.54
N ILE A 25 7.85 4.57 -0.30
CA ILE A 25 6.87 4.55 -1.37
C ILE A 25 6.20 5.91 -1.53
N SER A 26 6.74 6.73 -2.42
CA SER A 26 6.21 8.06 -2.67
C SER A 26 4.82 7.98 -3.31
N ALA A 27 4.19 9.14 -3.51
CA ALA A 27 2.87 9.19 -4.09
C ALA A 27 2.89 8.74 -5.56
N ALA A 28 3.91 9.17 -6.28
CA ALA A 28 4.06 8.79 -7.69
C ALA A 28 4.33 7.30 -7.84
N GLU A 29 4.98 6.71 -6.84
CA GLU A 29 5.30 5.29 -6.87
C GLU A 29 4.06 4.45 -6.60
N LEU A 30 3.15 5.00 -5.79
CA LEU A 30 1.91 4.29 -5.45
C LEU A 30 0.93 4.30 -6.62
N ARG A 31 0.69 5.48 -7.18
CA ARG A 31 -0.22 5.62 -8.30
C ARG A 31 0.25 4.79 -9.49
N HIS A 32 1.56 4.64 -9.62
CA HIS A 32 2.14 3.87 -10.72
C HIS A 32 1.84 2.38 -10.55
N VAL A 33 2.05 1.88 -9.34
CA VAL A 33 1.82 0.47 -9.05
C VAL A 33 0.32 0.18 -8.92
N MET A 34 -0.42 1.15 -8.40
CA MET A 34 -1.86 1.00 -8.23
C MET A 34 -2.55 0.78 -9.57
N THR A 35 -2.20 1.60 -10.56
CA THR A 35 -2.78 1.49 -11.88
C THR A 35 -2.40 0.18 -12.55
N ASN A 36 -1.17 -0.26 -12.28
CA ASN A 36 -0.67 -1.52 -12.86
C ASN A 36 -1.38 -2.72 -12.24
N LEU A 37 -1.77 -2.58 -10.98
CA LEU A 37 -2.46 -3.66 -10.27
C LEU A 37 -3.92 -3.72 -10.68
N GLY A 38 -4.45 -2.63 -11.21
CA GLY A 38 -5.83 -2.59 -11.64
C GLY A 38 -6.69 -1.72 -10.75
N GLU A 39 -6.20 -0.53 -10.43
CA GLU A 39 -6.92 0.39 -9.57
C GLU A 39 -6.63 1.84 -9.97
N LYS A 40 -7.68 2.60 -10.27
CA LYS A 40 -7.54 3.99 -10.66
C LYS A 40 -7.42 4.89 -9.43
N LEU A 41 -6.33 5.65 -9.37
CA LEU A 41 -6.09 6.55 -8.25
C LEU A 41 -5.51 7.87 -8.73
N THR A 42 -6.05 8.97 -8.22
CA THR A 42 -5.58 10.30 -8.60
C THR A 42 -4.50 10.80 -7.64
N ASP A 43 -3.90 11.94 -7.97
CA ASP A 43 -2.86 12.52 -7.14
C ASP A 43 -3.43 13.07 -5.84
N ASP A 44 -4.70 13.45 -5.88
CA ASP A 44 -5.37 13.99 -4.70
C ASP A 44 -5.91 12.87 -3.81
N GLU A 45 -6.38 11.80 -4.46
CA GLU A 45 -6.91 10.66 -3.73
C GLU A 45 -5.78 9.81 -3.17
N VAL A 46 -4.65 9.79 -3.87
CA VAL A 46 -3.50 9.01 -3.44
C VAL A 46 -2.80 9.68 -2.25
N ASP A 47 -2.87 11.01 -2.21
CA ASP A 47 -2.26 11.78 -1.13
C ASP A 47 -2.91 11.45 0.22
N GLU A 48 -4.22 11.24 0.19
CA GLU A 48 -4.97 10.91 1.40
C GLU A 48 -4.54 9.56 1.97
N MET A 49 -4.28 8.61 1.08
CA MET A 49 -3.87 7.27 1.48
C MET A 49 -2.51 7.31 2.18
N ILE A 50 -1.67 8.27 1.78
CA ILE A 50 -0.34 8.41 2.37
C ILE A 50 -0.42 9.16 3.70
N ARG A 51 -1.31 10.14 3.78
CA ARG A 51 -1.48 10.95 4.99
C ARG A 51 -1.89 10.06 6.16
N GLU A 52 -2.91 9.24 5.95
CA GLU A 52 -3.39 8.34 6.99
C GLU A 52 -2.33 7.33 7.39
N ALA A 53 -1.49 6.95 6.43
CA ALA A 53 -0.42 5.99 6.67
C ALA A 53 0.93 6.69 6.79
N ASP A 54 0.90 7.94 7.24
CA ASP A 54 2.14 8.71 7.41
C ASP A 54 2.37 9.04 8.88
N ILE A 55 3.27 8.29 9.51
CA ILE A 55 3.60 8.51 10.92
C ILE A 55 4.44 9.76 11.10
N ASP A 56 5.35 10.01 10.15
CA ASP A 56 6.22 11.19 10.21
C ASP A 56 5.65 12.33 9.38
N GLY A 57 4.77 12.00 8.44
CA GLY A 57 4.16 13.02 7.60
C GLY A 57 5.19 13.72 6.72
N ASP A 58 6.23 12.99 6.33
CA ASP A 58 7.28 13.54 5.47
C ASP A 58 6.87 13.51 4.01
N GLY A 59 5.91 12.66 3.67
CA GLY A 59 5.44 12.57 2.30
C GLY A 59 5.88 11.27 1.64
N HIS A 60 6.04 10.22 2.44
CA HIS A 60 6.46 8.92 1.93
C HIS A 60 6.02 7.80 2.86
N ILE A 61 6.21 6.56 2.43
CA ILE A 61 5.85 5.41 3.23
C ILE A 61 7.04 4.49 3.47
N ASN A 62 7.26 4.13 4.73
CA ASN A 62 8.37 3.25 5.09
C ASN A 62 7.89 1.84 5.40
N TYR A 63 8.82 0.94 5.70
CA TYR A 63 8.49 -0.43 6.00
C TYR A 63 7.57 -0.51 7.22
N GLU A 64 7.85 0.33 8.22
CA GLU A 64 7.05 0.35 9.44
C GLU A 64 5.62 0.78 9.14
N GLU A 65 5.48 1.78 8.27
CA GLU A 65 4.17 2.29 7.91
C GLU A 65 3.35 1.23 7.17
N PHE A 66 4.04 0.44 6.34
CA PHE A 66 3.38 -0.62 5.58
C PHE A 66 2.77 -1.66 6.51
N VAL A 67 3.47 -1.97 7.59
CA VAL A 67 3.00 -2.96 8.55
C VAL A 67 1.80 -2.42 9.34
N ARG A 68 1.92 -1.19 9.83
CA ARG A 68 0.86 -0.57 10.60
C ARG A 68 -0.41 -0.43 9.76
N MET A 69 -0.23 -0.07 8.50
CA MET A 69 -1.37 0.09 7.59
C MET A 69 -2.12 -1.24 7.41
N MET A 70 -1.36 -2.31 7.25
CA MET A 70 -1.95 -3.63 7.06
C MET A 70 -2.81 -4.02 8.27
N VAL A 71 -2.34 -3.63 9.46
CA VAL A 71 -3.07 -3.94 10.69
C VAL A 71 -3.79 -2.70 11.22
N SER A 72 -4.20 -1.82 10.31
CA SER A 72 -4.90 -0.61 10.69
C SER A 72 -6.38 -0.89 10.97
N LYS A 73 -7.02 0.02 11.69
CA LYS A 73 -8.43 -0.12 12.02
C LYS A 73 -9.21 1.13 11.63
N LYS B 1 -15.59 11.77 10.08
CA LYS B 1 -16.69 12.08 9.12
C LYS B 1 -16.14 12.31 7.71
N ARG B 2 -15.18 13.23 7.59
CA ARG B 2 -14.59 13.54 6.29
C ARG B 2 -13.36 12.65 6.05
N LYS B 3 -12.68 12.29 7.11
CA LYS B 3 -11.48 11.45 7.01
C LYS B 3 -11.86 10.01 6.68
N GLN B 4 -11.16 9.42 5.71
CA GLN B 4 -11.43 8.04 5.31
C GLN B 4 -10.21 7.16 5.55
N GLU B 5 -10.03 6.75 6.80
CA GLU B 5 -8.91 5.90 7.18
C GLU B 5 -9.29 4.43 7.12
N GLU B 6 -10.56 4.14 7.40
CA GLU B 6 -11.06 2.77 7.38
C GLU B 6 -11.15 2.25 5.95
N VAL B 7 -11.95 2.90 5.13
CA VAL B 7 -12.13 2.50 3.74
C VAL B 7 -10.81 2.52 2.98
N SER B 8 -9.93 3.45 3.37
CA SER B 8 -8.63 3.58 2.74
C SER B 8 -7.80 2.32 2.94
N ALA B 9 -7.97 1.68 4.09
CA ALA B 9 -7.24 0.46 4.40
C ALA B 9 -7.79 -0.73 3.63
N ILE B 10 -9.07 -0.69 3.31
CA ILE B 10 -9.73 -1.76 2.58
C ILE B 10 -9.27 -1.80 1.12
N VAL B 11 -8.93 -0.62 0.59
CA VAL B 11 -8.47 -0.52 -0.79
C VAL B 11 -7.10 -1.16 -0.96
N ILE B 12 -6.29 -1.10 0.09
CA ILE B 12 -4.94 -1.67 0.05
C ILE B 12 -4.98 -3.18 0.26
N GLN B 13 -5.96 -3.64 1.02
CA GLN B 13 -6.12 -5.07 1.30
C GLN B 13 -6.44 -5.84 0.03
N ARG B 14 -7.13 -5.18 -0.90
CA ARG B 14 -7.51 -5.81 -2.16
C ARG B 14 -6.34 -5.81 -3.14
N ALA B 15 -5.55 -4.74 -3.12
CA ALA B 15 -4.40 -4.62 -4.00
C ALA B 15 -3.41 -5.77 -3.76
N TYR B 16 -3.07 -5.99 -2.51
CA TYR B 16 -2.14 -7.06 -2.15
C TYR B 16 -2.75 -8.43 -2.41
N ARG B 17 -4.06 -8.51 -2.33
CA ARG B 17 -4.77 -9.77 -2.55
C ARG B 17 -4.45 -10.34 -3.92
N ARG B 18 -4.52 -9.50 -4.95
CA ARG B 18 -4.24 -9.92 -6.31
C ARG B 18 -2.78 -10.34 -6.46
N TYR B 19 -1.91 -9.71 -5.69
CA TYR B 19 -0.48 -10.01 -5.73
C TYR B 19 -0.22 -11.45 -5.29
N LEU B 20 -1.01 -11.92 -4.34
CA LEU B 20 -0.86 -13.28 -3.83
C LEU B 20 -1.40 -14.30 -4.82
N LEU B 21 -2.60 -14.03 -5.33
CA LEU B 21 -3.23 -14.93 -6.29
C LEU B 21 -2.38 -15.08 -7.55
N LYS B 22 -1.72 -13.99 -7.94
CA LYS B 22 -0.87 -14.00 -9.11
C LYS B 22 0.27 -15.00 -8.96
N GLN B 23 1.07 -14.82 -7.92
CA GLN B 23 2.19 -15.72 -7.67
C GLN B 23 1.71 -17.15 -7.41
N LYS B 24 0.51 -17.28 -6.85
CA LYS B 24 -0.07 -18.58 -6.56
C LYS B 24 -0.22 -19.39 -7.84
N VAL B 25 -0.65 -20.65 -7.69
CA VAL B 25 -0.84 -21.54 -8.82
C VAL B 25 0.49 -21.82 -9.54
N LYS B 26 0.69 -23.07 -9.93
CA LYS B 26 1.90 -23.47 -10.62
C LYS B 26 1.80 -23.18 -12.11
N LYS B 27 2.72 -22.36 -12.62
CA LYS B 27 2.74 -22.01 -14.04
C LYS B 27 1.44 -21.31 -14.43
N MET A 1 -5.32 -14.44 8.63
CA MET A 1 -5.53 -14.35 10.11
C MET A 1 -4.57 -13.37 10.75
N LYS A 2 -3.29 -13.46 10.37
CA LYS A 2 -2.27 -12.57 10.92
C LYS A 2 -1.68 -11.68 9.82
N GLU A 3 -1.56 -10.40 10.13
CA GLU A 3 -1.00 -9.45 9.17
C GLU A 3 0.43 -9.08 9.53
N GLN A 4 0.65 -8.72 10.79
CA GLN A 4 1.98 -8.34 11.27
C GLN A 4 2.97 -9.48 11.06
N ASP A 5 2.47 -10.71 11.10
CA ASP A 5 3.31 -11.89 10.93
C ASP A 5 3.64 -12.13 9.45
N SER A 6 3.05 -11.31 8.58
CA SER A 6 3.28 -11.44 7.15
C SER A 6 4.53 -10.67 6.70
N GLU A 7 5.32 -10.21 7.68
CA GLU A 7 6.54 -9.46 7.37
C GLU A 7 7.33 -10.10 6.23
N GLU A 8 7.34 -11.42 6.18
CA GLU A 8 8.04 -12.15 5.13
C GLU A 8 7.38 -11.92 3.78
N GLU A 9 6.06 -11.78 3.79
CA GLU A 9 5.30 -11.55 2.56
C GLU A 9 5.16 -10.06 2.27
N LEU A 10 4.68 -9.31 3.27
CA LEU A 10 4.50 -7.87 3.14
C LEU A 10 5.78 -7.19 2.66
N ILE A 11 6.92 -7.67 3.17
CA ILE A 11 8.21 -7.10 2.80
C ILE A 11 8.43 -7.16 1.29
N GLU A 12 8.03 -8.26 0.68
CA GLU A 12 8.17 -8.43 -0.76
C GLU A 12 7.38 -7.38 -1.52
N ALA A 13 6.20 -7.05 -1.01
CA ALA A 13 5.35 -6.05 -1.64
C ALA A 13 5.97 -4.66 -1.56
N PHE A 14 6.74 -4.42 -0.50
CA PHE A 14 7.39 -3.13 -0.31
C PHE A 14 8.39 -2.86 -1.42
N LYS A 15 9.18 -3.88 -1.76
CA LYS A 15 10.18 -3.75 -2.82
C LYS A 15 9.51 -3.47 -4.17
N VAL A 16 8.55 -4.31 -4.53
CA VAL A 16 7.83 -4.16 -5.78
C VAL A 16 7.14 -2.80 -5.87
N PHE A 17 6.62 -2.34 -4.73
CA PHE A 17 5.93 -1.06 -4.67
C PHE A 17 6.90 0.09 -4.93
N ASP A 18 8.07 0.03 -4.30
CA ASP A 18 9.08 1.07 -4.46
C ASP A 18 9.84 0.87 -5.77
N ARG A 19 9.30 1.39 -6.86
CA ARG A 19 9.93 1.28 -8.16
C ARG A 19 11.26 2.03 -8.19
N ASP A 20 11.38 3.06 -7.37
CA ASP A 20 12.60 3.86 -7.30
C ASP A 20 13.74 3.06 -6.69
N GLY A 21 13.40 2.00 -5.95
CA GLY A 21 14.41 1.18 -5.32
C GLY A 21 15.25 1.95 -4.32
N ASN A 22 14.62 2.89 -3.62
CA ASN A 22 15.32 3.70 -2.63
C ASN A 22 14.88 3.32 -1.21
N GLY A 23 13.71 2.72 -1.09
CA GLY A 23 13.19 2.34 0.21
C GLY A 23 11.99 3.16 0.63
N LEU A 24 11.91 4.38 0.13
CA LEU A 24 10.80 5.28 0.47
C LEU A 24 9.85 5.41 -0.72
N ILE A 25 8.56 5.22 -0.44
CA ILE A 25 7.55 5.32 -1.49
C ILE A 25 6.80 6.66 -1.40
N SER A 26 6.56 7.27 -2.56
CA SER A 26 5.86 8.54 -2.62
C SER A 26 4.47 8.38 -3.22
N ALA A 27 3.72 9.47 -3.27
CA ALA A 27 2.37 9.44 -3.82
C ALA A 27 2.39 9.07 -5.30
N ALA A 28 3.35 9.60 -6.02
CA ALA A 28 3.48 9.32 -7.45
C ALA A 28 3.90 7.88 -7.69
N GLU A 29 4.59 7.30 -6.72
CA GLU A 29 5.06 5.91 -6.84
C GLU A 29 3.91 4.94 -6.58
N LEU A 30 2.97 5.35 -5.73
CA LEU A 30 1.82 4.50 -5.40
C LEU A 30 0.84 4.44 -6.56
N ARG A 31 0.51 5.60 -7.10
CA ARG A 31 -0.43 5.69 -8.22
C ARG A 31 0.11 4.97 -9.45
N HIS A 32 1.44 4.97 -9.59
CA HIS A 32 2.08 4.33 -10.72
C HIS A 32 1.94 2.82 -10.65
N VAL A 33 1.97 2.29 -9.43
CA VAL A 33 1.84 0.85 -9.22
C VAL A 33 0.37 0.43 -9.10
N MET A 34 -0.44 1.33 -8.57
CA MET A 34 -1.87 1.07 -8.40
C MET A 34 -2.56 0.91 -9.75
N THR A 35 -2.22 1.78 -10.70
CA THR A 35 -2.80 1.74 -12.03
C THR A 35 -2.44 0.43 -12.74
N ASN A 36 -1.19 0.00 -12.58
CA ASN A 36 -0.72 -1.23 -13.20
C ASN A 36 -1.42 -2.44 -12.59
N LEU A 37 -1.58 -2.44 -11.28
CA LEU A 37 -2.23 -3.53 -10.57
C LEU A 37 -3.70 -3.65 -10.97
N GLY A 38 -4.26 -2.56 -11.49
CA GLY A 38 -5.65 -2.56 -11.89
C GLY A 38 -6.52 -1.71 -11.00
N GLU A 39 -6.09 -0.47 -10.75
CA GLU A 39 -6.83 0.44 -9.90
C GLU A 39 -6.56 1.89 -10.28
N LYS A 40 -7.62 2.62 -10.63
CA LYS A 40 -7.49 4.02 -11.02
C LYS A 40 -7.84 4.94 -9.86
N LEU A 41 -6.86 5.72 -9.42
CA LEU A 41 -7.07 6.65 -8.30
C LEU A 41 -6.68 8.07 -8.69
N THR A 42 -7.32 9.05 -8.08
CA THR A 42 -7.04 10.45 -8.37
C THR A 42 -5.85 10.95 -7.55
N ASP A 43 -5.33 12.11 -7.93
CA ASP A 43 -4.19 12.69 -7.23
C ASP A 43 -4.51 12.90 -5.74
N ASP A 44 -5.71 13.39 -5.47
CA ASP A 44 -6.14 13.64 -4.10
C ASP A 44 -6.43 12.32 -3.37
N GLU A 45 -7.00 11.37 -4.10
CA GLU A 45 -7.34 10.07 -3.53
C GLU A 45 -6.09 9.36 -3.01
N VAL A 46 -5.04 9.36 -3.81
CA VAL A 46 -3.79 8.71 -3.43
C VAL A 46 -3.10 9.47 -2.31
N ASP A 47 -3.00 10.79 -2.46
CA ASP A 47 -2.35 11.63 -1.46
C ASP A 47 -2.96 11.39 -0.08
N GLU A 48 -4.26 11.17 -0.03
CA GLU A 48 -4.95 10.93 1.23
C GLU A 48 -4.50 9.61 1.85
N MET A 49 -4.11 8.66 1.00
CA MET A 49 -3.65 7.35 1.47
C MET A 49 -2.23 7.43 1.99
N ILE A 50 -1.41 8.25 1.35
CA ILE A 50 -0.01 8.41 1.76
C ILE A 50 0.09 9.06 3.13
N ARG A 51 -0.75 10.06 3.38
CA ARG A 51 -0.75 10.76 4.65
C ARG A 51 -1.31 9.88 5.76
N GLU A 52 -2.31 9.07 5.43
CA GLU A 52 -2.93 8.18 6.39
C GLU A 52 -2.00 7.02 6.75
N ALA A 53 -1.16 6.63 5.79
CA ALA A 53 -0.22 5.54 6.00
C ALA A 53 1.12 6.06 6.52
N ASP A 54 1.56 7.19 5.97
CA ASP A 54 2.83 7.79 6.38
C ASP A 54 2.72 8.42 7.75
N ILE A 55 2.93 7.62 8.79
CA ILE A 55 2.86 8.10 10.17
C ILE A 55 4.01 9.05 10.48
N ASP A 56 5.09 8.94 9.70
CA ASP A 56 6.26 9.80 9.90
C ASP A 56 5.94 11.26 9.60
N GLY A 57 4.88 11.49 8.84
CA GLY A 57 4.48 12.84 8.49
C GLY A 57 5.54 13.56 7.67
N ASP A 58 6.22 12.81 6.80
CA ASP A 58 7.26 13.38 5.94
C ASP A 58 6.81 13.41 4.48
N GLY A 59 5.80 12.61 4.14
CA GLY A 59 5.31 12.55 2.79
C GLY A 59 5.63 11.24 2.10
N HIS A 60 6.68 10.57 2.55
CA HIS A 60 7.08 9.29 1.98
C HIS A 60 6.81 8.15 2.97
N ILE A 61 6.21 7.08 2.47
CA ILE A 61 5.90 5.93 3.30
C ILE A 61 7.11 5.01 3.45
N ASN A 62 7.34 4.54 4.68
CA ASN A 62 8.47 3.66 4.95
C ASN A 62 7.99 2.22 5.16
N TYR A 63 8.90 1.36 5.59
CA TYR A 63 8.58 -0.05 5.82
C TYR A 63 7.77 -0.22 7.10
N GLU A 64 8.05 0.63 8.09
CA GLU A 64 7.36 0.58 9.37
C GLU A 64 5.97 1.22 9.27
N GLU A 65 5.86 2.22 8.40
CA GLU A 65 4.60 2.92 8.21
C GLU A 65 3.69 2.14 7.26
N PHE A 66 4.29 1.47 6.27
CA PHE A 66 3.53 0.70 5.30
C PHE A 66 2.75 -0.43 5.99
N VAL A 67 3.41 -1.12 6.91
CA VAL A 67 2.78 -2.22 7.64
C VAL A 67 1.61 -1.71 8.49
N ARG A 68 1.71 -0.47 8.95
CA ARG A 68 0.68 0.13 9.78
C ARG A 68 -0.65 0.20 9.01
N MET A 69 -0.56 0.35 7.69
CA MET A 69 -1.74 0.43 6.85
C MET A 69 -2.34 -0.95 6.60
N MET A 70 -1.46 -1.95 6.49
CA MET A 70 -1.90 -3.32 6.25
C MET A 70 -2.66 -3.86 7.46
N VAL A 71 -2.26 -3.44 8.65
CA VAL A 71 -2.90 -3.88 9.87
C VAL A 71 -3.98 -2.90 10.32
N SER A 72 -3.84 -1.64 9.92
CA SER A 72 -4.80 -0.60 10.28
C SER A 72 -6.21 -1.00 9.83
N LYS A 73 -6.30 -1.72 8.73
CA LYS A 73 -7.58 -2.16 8.19
C LYS A 73 -7.39 -3.19 7.09
N LYS B 1 -20.42 11.56 3.64
CA LYS B 1 -19.78 11.33 4.96
C LYS B 1 -19.81 9.86 5.35
N ARG B 2 -18.91 9.46 6.24
CA ARG B 2 -18.82 8.08 6.69
C ARG B 2 -18.54 7.15 5.53
N LYS B 3 -17.81 7.64 4.54
CA LYS B 3 -17.46 6.84 3.37
C LYS B 3 -16.16 7.35 2.74
N GLN B 4 -15.04 6.95 3.31
CA GLN B 4 -13.74 7.35 2.80
C GLN B 4 -12.63 6.50 3.40
N GLU B 5 -12.49 6.55 4.73
CA GLU B 5 -11.47 5.77 5.42
C GLU B 5 -11.67 4.27 5.19
N GLU B 6 -12.93 3.85 5.15
CA GLU B 6 -13.26 2.45 4.93
C GLU B 6 -12.99 2.04 3.48
N VAL B 7 -13.56 2.78 2.54
CA VAL B 7 -13.38 2.50 1.13
C VAL B 7 -11.91 2.50 0.75
N SER B 8 -11.17 3.47 1.26
CA SER B 8 -9.74 3.59 0.97
C SER B 8 -8.99 2.38 1.51
N ALA B 9 -9.40 1.87 2.66
CA ALA B 9 -8.77 0.72 3.27
C ALA B 9 -8.87 -0.51 2.37
N ILE B 10 -10.04 -0.69 1.76
CA ILE B 10 -10.27 -1.83 0.88
C ILE B 10 -9.39 -1.75 -0.37
N VAL B 11 -9.18 -0.53 -0.87
CA VAL B 11 -8.36 -0.32 -2.05
C VAL B 11 -6.94 -0.85 -1.84
N ILE B 12 -6.47 -0.77 -0.60
CA ILE B 12 -5.12 -1.25 -0.27
C ILE B 12 -5.11 -2.77 -0.13
N GLN B 13 -6.17 -3.33 0.44
CA GLN B 13 -6.27 -4.77 0.62
C GLN B 13 -6.59 -5.47 -0.69
N ARG B 14 -7.32 -4.78 -1.57
CA ARG B 14 -7.69 -5.35 -2.86
C ARG B 14 -6.45 -5.49 -3.75
N ALA B 15 -5.59 -4.48 -3.75
CA ALA B 15 -4.38 -4.51 -4.56
C ALA B 15 -3.50 -5.70 -4.19
N TYR B 16 -3.49 -6.05 -2.91
CA TYR B 16 -2.69 -7.16 -2.43
C TYR B 16 -3.33 -8.50 -2.80
N ARG B 17 -4.66 -8.50 -2.87
CA ARG B 17 -5.40 -9.71 -3.22
C ARG B 17 -4.99 -10.22 -4.61
N ARG B 18 -4.63 -9.29 -5.48
CA ARG B 18 -4.23 -9.64 -6.84
C ARG B 18 -2.79 -10.16 -6.86
N TYR B 19 -1.97 -9.65 -5.96
CA TYR B 19 -0.57 -10.07 -5.87
C TYR B 19 -0.47 -11.50 -5.40
N LEU B 20 -1.23 -11.85 -4.36
CA LEU B 20 -1.22 -13.19 -3.81
C LEU B 20 -1.76 -14.20 -4.81
N LEU B 21 -2.72 -13.77 -5.62
CA LEU B 21 -3.33 -14.63 -6.63
C LEU B 21 -2.40 -14.79 -7.83
N LYS B 22 -1.74 -13.71 -8.21
CA LYS B 22 -0.82 -13.74 -9.34
C LYS B 22 0.45 -14.51 -8.99
N GLN B 23 0.91 -14.36 -7.75
CA GLN B 23 2.12 -15.04 -7.29
C GLN B 23 1.93 -16.56 -7.31
N LYS B 24 0.70 -16.99 -7.02
CA LYS B 24 0.39 -18.41 -7.00
C LYS B 24 0.06 -18.93 -8.40
N VAL B 25 0.75 -19.98 -8.82
CA VAL B 25 0.54 -20.56 -10.14
C VAL B 25 -0.76 -21.36 -10.18
N LYS B 26 -1.36 -21.43 -11.36
CA LYS B 26 -2.62 -22.16 -11.53
C LYS B 26 -2.47 -23.24 -12.60
N LYS B 27 -2.98 -24.43 -12.30
CA LYS B 27 -2.91 -25.55 -13.23
C LYS B 27 -4.00 -25.45 -14.28
N MET A 1 -5.50 -9.00 12.03
CA MET A 1 -5.25 -9.84 13.22
C MET A 1 -3.97 -10.65 13.07
N LYS A 2 -3.75 -11.18 11.86
CA LYS A 2 -2.57 -11.97 11.57
C LYS A 2 -1.89 -11.51 10.29
N GLU A 3 -2.00 -10.21 10.00
CA GLU A 3 -1.39 -9.65 8.81
C GLU A 3 0.05 -9.25 9.06
N GLN A 4 0.32 -8.76 10.26
CA GLN A 4 1.67 -8.33 10.63
C GLN A 4 2.64 -9.50 10.57
N ASP A 5 2.13 -10.71 10.83
CA ASP A 5 2.96 -11.91 10.80
C ASP A 5 3.40 -12.24 9.37
N SER A 6 2.78 -11.61 8.40
CA SER A 6 3.11 -11.84 7.00
C SER A 6 4.28 -10.97 6.55
N GLU A 7 4.96 -10.32 7.51
CA GLU A 7 6.09 -9.46 7.20
C GLU A 7 7.01 -10.09 6.15
N GLU A 8 7.28 -11.38 6.29
CA GLU A 8 8.14 -12.10 5.35
C GLU A 8 7.56 -12.03 3.95
N GLU A 9 6.23 -12.01 3.86
CA GLU A 9 5.54 -11.95 2.58
C GLU A 9 5.29 -10.50 2.16
N LEU A 10 4.83 -9.70 3.12
CA LEU A 10 4.55 -8.29 2.86
C LEU A 10 5.78 -7.57 2.32
N ILE A 11 6.95 -8.03 2.74
CA ILE A 11 8.20 -7.43 2.30
C ILE A 11 8.35 -7.50 0.79
N GLU A 12 7.79 -8.55 0.19
CA GLU A 12 7.86 -8.73 -1.25
C GLU A 12 7.03 -7.67 -1.97
N ALA A 13 5.88 -7.32 -1.37
CA ALA A 13 5.00 -6.32 -1.96
C ALA A 13 5.59 -4.92 -1.83
N PHE A 14 6.30 -4.68 -0.73
CA PHE A 14 6.92 -3.38 -0.50
C PHE A 14 8.02 -3.11 -1.52
N LYS A 15 8.67 -4.16 -1.98
CA LYS A 15 9.74 -4.03 -2.97
C LYS A 15 9.18 -3.67 -4.34
N VAL A 16 8.04 -4.26 -4.68
CA VAL A 16 7.40 -4.00 -5.96
C VAL A 16 6.90 -2.57 -6.04
N PHE A 17 6.25 -2.11 -4.97
CA PHE A 17 5.71 -0.75 -4.93
C PHE A 17 6.83 0.28 -5.08
N ASP A 18 8.02 -0.06 -4.60
CA ASP A 18 9.17 0.83 -4.69
C ASP A 18 9.83 0.73 -6.05
N ARG A 19 9.42 1.59 -6.97
CA ARG A 19 9.97 1.60 -8.32
C ARG A 19 11.39 2.18 -8.32
N ASP A 20 11.58 3.25 -7.57
CA ASP A 20 12.89 3.89 -7.49
C ASP A 20 13.88 3.03 -6.71
N GLY A 21 13.36 2.11 -5.92
CA GLY A 21 14.22 1.23 -5.14
C GLY A 21 15.07 1.99 -4.13
N ASN A 22 14.47 3.01 -3.52
CA ASN A 22 15.17 3.81 -2.53
C ASN A 22 14.73 3.45 -1.11
N GLY A 23 13.55 2.86 -0.98
CA GLY A 23 13.03 2.48 0.32
C GLY A 23 11.79 3.26 0.70
N LEU A 24 11.68 4.48 0.19
CA LEU A 24 10.54 5.34 0.49
C LEU A 24 9.63 5.47 -0.73
N ILE A 25 8.32 5.28 -0.51
CA ILE A 25 7.35 5.38 -1.59
C ILE A 25 6.66 6.74 -1.58
N SER A 26 6.51 7.33 -2.77
CA SER A 26 5.87 8.63 -2.90
C SER A 26 4.47 8.50 -3.50
N ALA A 27 3.77 9.62 -3.63
CA ALA A 27 2.42 9.62 -4.18
C ALA A 27 2.42 9.18 -5.65
N ALA A 28 3.41 9.65 -6.40
CA ALA A 28 3.53 9.30 -7.81
C ALA A 28 3.89 7.83 -7.99
N GLU A 29 4.62 7.28 -7.02
CA GLU A 29 5.03 5.88 -7.07
C GLU A 29 3.87 4.97 -6.75
N LEU A 30 3.09 5.34 -5.74
CA LEU A 30 1.93 4.54 -5.33
C LEU A 30 0.86 4.54 -6.41
N ARG A 31 0.75 5.66 -7.13
CA ARG A 31 -0.24 5.78 -8.19
C ARG A 31 0.23 5.08 -9.46
N HIS A 32 1.54 5.05 -9.66
CA HIS A 32 2.13 4.40 -10.83
C HIS A 32 1.97 2.89 -10.76
N VAL A 33 2.21 2.34 -9.56
CA VAL A 33 2.11 0.90 -9.35
C VAL A 33 0.65 0.47 -9.25
N MET A 34 -0.19 1.35 -8.70
CA MET A 34 -1.61 1.06 -8.54
C MET A 34 -2.30 0.93 -9.90
N THR A 35 -2.02 1.87 -10.78
CA THR A 35 -2.61 1.87 -12.12
C THR A 35 -2.20 0.62 -12.89
N ASN A 36 -0.95 0.19 -12.69
CA ASN A 36 -0.44 -1.00 -13.36
C ASN A 36 -1.05 -2.27 -12.79
N LEU A 37 -1.20 -2.29 -11.46
CA LEU A 37 -1.78 -3.45 -10.78
C LEU A 37 -3.25 -3.62 -11.15
N GLY A 38 -3.88 -2.54 -11.60
CA GLY A 38 -5.28 -2.60 -11.98
C GLY A 38 -6.17 -1.84 -11.01
N GLU A 39 -5.76 -0.62 -10.67
CA GLU A 39 -6.53 0.20 -9.74
C GLU A 39 -6.31 1.69 -10.02
N LYS A 40 -7.31 2.33 -10.62
CA LYS A 40 -7.22 3.75 -10.95
C LYS A 40 -7.52 4.60 -9.72
N LEU A 41 -6.60 5.53 -9.42
CA LEU A 41 -6.76 6.41 -8.27
C LEU A 41 -6.29 7.82 -8.61
N THR A 42 -7.02 8.82 -8.12
CA THR A 42 -6.68 10.21 -8.36
C THR A 42 -5.54 10.66 -7.45
N ASP A 43 -4.98 11.83 -7.74
CA ASP A 43 -3.89 12.37 -6.94
C ASP A 43 -4.31 12.55 -5.48
N ASP A 44 -5.49 13.11 -5.29
CA ASP A 44 -6.02 13.34 -3.95
C ASP A 44 -6.22 12.02 -3.21
N GLU A 45 -6.70 11.02 -3.94
CA GLU A 45 -6.95 9.70 -3.35
C GLU A 45 -5.66 9.09 -2.84
N VAL A 46 -4.59 9.20 -3.63
CA VAL A 46 -3.30 8.65 -3.25
C VAL A 46 -2.71 9.40 -2.05
N ASP A 47 -2.71 10.72 -2.14
CA ASP A 47 -2.18 11.56 -1.07
C ASP A 47 -2.92 11.30 0.25
N GLU A 48 -4.20 10.96 0.14
CA GLU A 48 -5.03 10.69 1.30
C GLU A 48 -4.60 9.39 1.98
N MET A 49 -4.13 8.45 1.18
CA MET A 49 -3.69 7.15 1.70
C MET A 49 -2.31 7.27 2.36
N ILE A 50 -1.48 8.16 1.82
CA ILE A 50 -0.15 8.36 2.35
C ILE A 50 -0.20 9.10 3.70
N ARG A 51 -0.96 10.18 3.74
CA ARG A 51 -1.10 10.98 4.96
C ARG A 51 -1.59 10.12 6.12
N GLU A 52 -2.52 9.21 5.82
CA GLU A 52 -3.08 8.33 6.84
C GLU A 52 -2.01 7.38 7.37
N ALA A 53 -1.06 7.02 6.51
CA ALA A 53 0.01 6.11 6.89
C ALA A 53 1.35 6.84 6.96
N ASP A 54 1.30 8.13 7.30
CA ASP A 54 2.51 8.94 7.41
C ASP A 54 2.79 9.31 8.87
N ILE A 55 3.61 8.49 9.52
CA ILE A 55 3.97 8.74 10.92
C ILE A 55 4.94 9.89 11.04
N ASP A 56 5.78 10.07 10.03
CA ASP A 56 6.76 11.16 10.02
C ASP A 56 6.18 12.43 9.42
N GLY A 57 5.10 12.28 8.64
CA GLY A 57 4.48 13.43 8.03
C GLY A 57 5.37 14.09 6.99
N ASP A 58 6.00 13.29 6.15
CA ASP A 58 6.88 13.81 5.11
C ASP A 58 6.28 13.62 3.72
N GLY A 59 5.33 12.69 3.61
CA GLY A 59 4.69 12.44 2.33
C GLY A 59 5.09 11.10 1.74
N HIS A 60 6.03 10.40 2.39
CA HIS A 60 6.49 9.11 1.90
C HIS A 60 6.01 7.99 2.82
N ILE A 61 6.10 6.76 2.33
CA ILE A 61 5.69 5.59 3.11
C ILE A 61 6.85 4.64 3.34
N ASN A 62 7.14 4.36 4.60
CA ASN A 62 8.23 3.46 4.96
C ASN A 62 7.71 2.05 5.24
N TYR A 63 8.62 1.09 5.31
CA TYR A 63 8.25 -0.30 5.57
C TYR A 63 7.49 -0.42 6.89
N GLU A 64 7.92 0.33 7.90
CA GLU A 64 7.29 0.31 9.20
C GLU A 64 5.89 0.89 9.13
N GLU A 65 5.71 1.88 8.27
CA GLU A 65 4.41 2.53 8.10
C GLU A 65 3.45 1.64 7.33
N PHE A 66 3.99 0.86 6.40
CA PHE A 66 3.19 -0.05 5.59
C PHE A 66 2.54 -1.12 6.46
N VAL A 67 3.30 -1.64 7.42
CA VAL A 67 2.79 -2.67 8.31
C VAL A 67 1.57 -2.18 9.10
N ARG A 68 1.68 -0.97 9.64
CA ARG A 68 0.59 -0.38 10.42
C ARG A 68 -0.61 -0.12 9.52
N MET A 69 -0.36 0.21 8.26
CA MET A 69 -1.43 0.49 7.31
C MET A 69 -2.25 -0.76 7.04
N MET A 70 -1.59 -1.91 7.08
CA MET A 70 -2.27 -3.19 6.84
C MET A 70 -3.15 -3.58 8.02
N VAL A 71 -2.62 -3.40 9.23
CA VAL A 71 -3.36 -3.74 10.45
C VAL A 71 -3.97 -2.49 11.07
N SER A 72 -4.32 -1.52 10.23
CA SER A 72 -4.92 -0.28 10.71
C SER A 72 -6.42 -0.45 10.94
N LYS A 73 -7.04 -1.31 10.14
CA LYS A 73 -8.47 -1.56 10.25
C LYS A 73 -8.74 -3.06 10.42
N LYS B 1 -24.44 8.58 4.26
CA LYS B 1 -23.16 7.92 4.65
C LYS B 1 -21.96 8.71 4.14
N ARG B 2 -21.08 9.09 5.06
CA ARG B 2 -19.88 9.83 4.70
C ARG B 2 -18.63 9.19 5.30
N LYS B 3 -17.76 8.68 4.44
CA LYS B 3 -16.53 8.05 4.89
C LYS B 3 -15.34 8.51 4.06
N GLN B 4 -14.16 7.97 4.35
CA GLN B 4 -12.96 8.33 3.63
C GLN B 4 -11.80 7.38 3.99
N GLU B 5 -11.68 7.07 5.28
CA GLU B 5 -10.62 6.19 5.75
C GLU B 5 -10.89 4.75 5.30
N GLU B 6 -12.15 4.35 5.32
CA GLU B 6 -12.54 3.00 4.92
C GLU B 6 -12.29 2.79 3.42
N VAL B 7 -12.72 3.73 2.61
CA VAL B 7 -12.54 3.65 1.17
C VAL B 7 -11.07 3.63 0.81
N SER B 8 -10.25 4.30 1.61
CA SER B 8 -8.82 4.36 1.37
C SER B 8 -8.11 3.12 1.93
N ALA B 9 -8.74 2.48 2.91
CA ALA B 9 -8.17 1.28 3.52
C ALA B 9 -8.55 0.02 2.75
N ILE B 10 -9.71 0.06 2.10
CA ILE B 10 -10.19 -1.08 1.32
C ILE B 10 -9.54 -1.13 -0.06
N VAL B 11 -9.20 0.04 -0.60
CA VAL B 11 -8.57 0.12 -1.91
C VAL B 11 -7.16 -0.44 -1.88
N ILE B 12 -6.45 -0.21 -0.78
CA ILE B 12 -5.08 -0.70 -0.63
C ILE B 12 -5.07 -2.20 -0.37
N GLN B 13 -5.98 -2.65 0.48
CA GLN B 13 -6.07 -4.07 0.82
C GLN B 13 -6.49 -4.89 -0.39
N ARG B 14 -7.36 -4.33 -1.22
CA ARG B 14 -7.83 -5.00 -2.42
C ARG B 14 -6.70 -5.22 -3.41
N ALA B 15 -5.79 -4.24 -3.48
CA ALA B 15 -4.66 -4.32 -4.39
C ALA B 15 -3.75 -5.50 -4.04
N TYR B 16 -3.56 -5.73 -2.74
CA TYR B 16 -2.72 -6.81 -2.27
C TYR B 16 -3.42 -8.17 -2.45
N ARG B 17 -4.75 -8.15 -2.39
CA ARG B 17 -5.53 -9.38 -2.55
C ARG B 17 -5.25 -10.03 -3.90
N ARG B 18 -5.30 -9.23 -4.96
CA ARG B 18 -5.04 -9.75 -6.30
C ARG B 18 -3.65 -10.36 -6.40
N TYR B 19 -2.70 -9.77 -5.67
CA TYR B 19 -1.32 -10.25 -5.67
C TYR B 19 -1.24 -11.65 -5.08
N LEU B 20 -1.74 -11.81 -3.86
CA LEU B 20 -1.72 -13.10 -3.18
C LEU B 20 -2.58 -14.12 -3.92
N LEU B 21 -3.68 -13.66 -4.48
CA LEU B 21 -4.60 -14.53 -5.22
C LEU B 21 -3.93 -15.09 -6.47
N LYS B 22 -2.83 -14.46 -6.89
CA LYS B 22 -2.10 -14.91 -8.07
C LYS B 22 -1.05 -15.96 -7.71
N GLN B 23 -0.62 -15.96 -6.46
CA GLN B 23 0.39 -16.91 -5.99
C GLN B 23 -0.25 -18.08 -5.25
N LYS B 24 -1.09 -17.76 -4.27
CA LYS B 24 -1.77 -18.78 -3.47
C LYS B 24 -3.19 -19.00 -3.95
N VAL B 25 -3.83 -17.92 -4.42
CA VAL B 25 -5.20 -18.00 -4.91
C VAL B 25 -6.18 -18.25 -3.77
N LYS B 26 -6.11 -19.43 -3.18
CA LYS B 26 -6.98 -19.79 -2.07
C LYS B 26 -6.46 -21.03 -1.35
N LYS B 27 -6.26 -22.11 -2.10
CA LYS B 27 -5.77 -23.36 -1.53
C LYS B 27 -4.39 -23.71 -2.10
N MET A 1 -4.50 -14.60 5.29
CA MET A 1 -5.60 -14.26 6.23
C MET A 1 -5.14 -13.22 7.25
N LYS A 2 -3.89 -13.34 7.70
CA LYS A 2 -3.34 -12.42 8.68
C LYS A 2 -2.83 -11.14 7.99
N GLU A 3 -2.16 -10.30 8.76
CA GLU A 3 -1.61 -9.05 8.23
C GLU A 3 -0.25 -8.75 8.85
N GLN A 4 -0.18 -8.78 10.18
CA GLN A 4 1.07 -8.52 10.89
C GLN A 4 2.07 -9.64 10.66
N ASP A 5 1.56 -10.85 10.46
CA ASP A 5 2.41 -12.01 10.24
C ASP A 5 2.80 -12.15 8.77
N SER A 6 2.32 -11.22 7.94
CA SER A 6 2.61 -11.25 6.51
C SER A 6 3.94 -10.54 6.20
N GLU A 7 4.72 -10.23 7.23
CA GLU A 7 6.00 -9.55 7.05
C GLU A 7 6.80 -10.18 5.92
N GLU A 8 6.61 -11.48 5.70
CA GLU A 8 7.31 -12.19 4.63
C GLU A 8 6.73 -11.83 3.26
N GLU A 9 5.42 -11.59 3.23
CA GLU A 9 4.74 -11.24 1.99
C GLU A 9 4.72 -9.73 1.79
N LEU A 10 4.25 -9.02 2.82
CA LEU A 10 4.18 -7.56 2.78
C LEU A 10 5.52 -6.95 2.37
N ILE A 11 6.60 -7.57 2.82
CA ILE A 11 7.95 -7.09 2.51
C ILE A 11 8.23 -7.18 1.01
N GLU A 12 7.85 -8.30 0.41
CA GLU A 12 8.06 -8.52 -1.02
C GLU A 12 7.31 -7.46 -1.84
N ALA A 13 6.18 -7.01 -1.33
CA ALA A 13 5.37 -6.01 -2.01
C ALA A 13 6.04 -4.65 -1.96
N PHE A 14 6.79 -4.40 -0.90
CA PHE A 14 7.48 -3.13 -0.73
C PHE A 14 8.55 -2.94 -1.80
N LYS A 15 9.13 -4.05 -2.26
CA LYS A 15 10.16 -4.01 -3.28
C LYS A 15 9.58 -3.64 -4.64
N VAL A 16 8.54 -4.36 -5.05
CA VAL A 16 7.88 -4.11 -6.33
C VAL A 16 7.23 -2.74 -6.34
N PHE A 17 6.77 -2.28 -5.17
CA PHE A 17 6.14 -0.98 -5.05
C PHE A 17 7.14 0.15 -5.24
N ASP A 18 8.29 0.02 -4.58
CA ASP A 18 9.33 1.04 -4.68
C ASP A 18 10.01 1.00 -6.05
N ARG A 19 9.48 1.80 -6.97
CA ARG A 19 10.03 1.86 -8.33
C ARG A 19 11.40 2.53 -8.34
N ASP A 20 11.59 3.49 -7.43
CA ASP A 20 12.86 4.21 -7.33
C ASP A 20 13.93 3.33 -6.68
N GLY A 21 13.51 2.29 -5.97
CA GLY A 21 14.45 1.40 -5.32
C GLY A 21 15.30 2.12 -4.29
N ASN A 22 14.70 3.06 -3.58
CA ASN A 22 15.41 3.82 -2.55
C ASN A 22 14.93 3.45 -1.15
N GLY A 23 13.72 2.90 -1.07
CA GLY A 23 13.18 2.51 0.21
C GLY A 23 11.96 3.32 0.60
N LEU A 24 11.80 4.48 -0.02
CA LEU A 24 10.67 5.36 0.28
C LEU A 24 9.71 5.43 -0.91
N ILE A 25 8.42 5.42 -0.62
CA ILE A 25 7.40 5.48 -1.66
C ILE A 25 6.64 6.80 -1.61
N SER A 26 6.53 7.45 -2.76
CA SER A 26 5.84 8.73 -2.86
C SER A 26 4.43 8.54 -3.44
N ALA A 27 3.72 9.65 -3.61
CA ALA A 27 2.37 9.62 -4.16
C ALA A 27 2.38 9.08 -5.58
N ALA A 28 3.21 9.66 -6.43
CA ALA A 28 3.31 9.25 -7.83
C ALA A 28 3.72 7.78 -7.93
N GLU A 29 4.52 7.32 -6.97
CA GLU A 29 4.97 5.94 -6.95
C GLU A 29 3.81 4.98 -6.76
N LEU A 30 3.05 5.18 -5.68
CA LEU A 30 1.90 4.34 -5.39
C LEU A 30 0.84 4.45 -6.48
N ARG A 31 0.69 5.64 -7.04
CA ARG A 31 -0.28 5.88 -8.10
C ARG A 31 0.10 5.12 -9.36
N HIS A 32 1.40 5.03 -9.62
CA HIS A 32 1.90 4.34 -10.81
C HIS A 32 1.73 2.83 -10.66
N VAL A 33 1.98 2.32 -9.46
CA VAL A 33 1.86 0.89 -9.20
C VAL A 33 0.39 0.49 -9.06
N MET A 34 -0.42 1.41 -8.54
CA MET A 34 -1.84 1.15 -8.35
C MET A 34 -2.55 0.95 -9.70
N THR A 35 -2.17 1.77 -10.68
CA THR A 35 -2.76 1.68 -12.00
C THR A 35 -2.42 0.35 -12.67
N ASN A 36 -1.21 -0.13 -12.43
CA ASN A 36 -0.76 -1.40 -13.00
C ASN A 36 -1.47 -2.57 -12.36
N LEU A 37 -1.67 -2.49 -11.04
CA LEU A 37 -2.34 -3.54 -10.30
C LEU A 37 -3.80 -3.68 -10.73
N GLY A 38 -4.34 -2.63 -11.33
CA GLY A 38 -5.71 -2.65 -11.78
C GLY A 38 -6.62 -1.76 -10.96
N GLU A 39 -6.13 -0.57 -10.63
CA GLU A 39 -6.89 0.38 -9.83
C GLU A 39 -6.49 1.81 -10.14
N LYS A 40 -7.38 2.54 -10.81
CA LYS A 40 -7.11 3.93 -11.18
C LYS A 40 -7.38 4.86 -10.00
N LEU A 41 -6.33 5.47 -9.48
CA LEU A 41 -6.45 6.39 -8.35
C LEU A 41 -6.11 7.81 -8.77
N THR A 42 -6.73 8.79 -8.11
CA THR A 42 -6.50 10.19 -8.42
C THR A 42 -5.33 10.74 -7.60
N ASP A 43 -4.89 11.95 -7.94
CA ASP A 43 -3.78 12.59 -7.24
C ASP A 43 -4.15 12.86 -5.78
N ASP A 44 -5.40 13.26 -5.56
CA ASP A 44 -5.88 13.55 -4.21
C ASP A 44 -6.14 12.27 -3.43
N GLU A 45 -6.60 11.24 -4.14
CA GLU A 45 -6.89 9.95 -3.52
C GLU A 45 -5.62 9.32 -2.96
N VAL A 46 -4.59 9.24 -3.78
CA VAL A 46 -3.31 8.65 -3.37
C VAL A 46 -2.71 9.43 -2.20
N ASP A 47 -2.71 10.75 -2.31
CA ASP A 47 -2.16 11.61 -1.26
C ASP A 47 -2.90 11.40 0.06
N GLU A 48 -4.18 11.06 -0.04
CA GLU A 48 -5.00 10.82 1.14
C GLU A 48 -4.67 9.48 1.78
N MET A 49 -4.39 8.49 0.93
CA MET A 49 -4.06 7.15 1.42
C MET A 49 -2.72 7.15 2.14
N ILE A 50 -1.82 8.02 1.71
CA ILE A 50 -0.50 8.11 2.32
C ILE A 50 -0.53 8.98 3.58
N ARG A 51 -1.33 10.04 3.55
CA ARG A 51 -1.46 10.93 4.69
C ARG A 51 -1.88 10.17 5.94
N GLU A 52 -2.69 9.14 5.75
CA GLU A 52 -3.18 8.33 6.86
C GLU A 52 -2.10 7.35 7.33
N ALA A 53 -1.24 6.92 6.40
CA ALA A 53 -0.18 5.99 6.72
C ALA A 53 1.17 6.70 6.79
N ASP A 54 1.15 7.96 7.21
CA ASP A 54 2.37 8.75 7.32
C ASP A 54 2.61 9.16 8.78
N ILE A 55 3.39 8.35 9.49
CA ILE A 55 3.69 8.64 10.89
C ILE A 55 4.77 9.72 11.00
N ASP A 56 5.70 9.72 10.06
CA ASP A 56 6.79 10.70 10.06
C ASP A 56 6.33 12.02 9.43
N GLY A 57 5.26 11.96 8.64
CA GLY A 57 4.76 13.16 8.00
C GLY A 57 5.73 13.74 6.99
N ASP A 58 6.55 12.87 6.40
CA ASP A 58 7.53 13.30 5.42
C ASP A 58 6.95 13.27 4.00
N GLY A 59 5.88 12.49 3.81
CA GLY A 59 5.26 12.39 2.51
C GLY A 59 5.61 11.11 1.80
N HIS A 60 5.89 10.06 2.57
CA HIS A 60 6.25 8.76 2.00
C HIS A 60 5.94 7.64 2.99
N ILE A 61 5.61 6.47 2.45
CA ILE A 61 5.30 5.31 3.29
C ILE A 61 6.52 4.42 3.47
N ASN A 62 6.89 4.18 4.73
CA ASN A 62 8.04 3.33 5.04
C ASN A 62 7.60 1.92 5.39
N TYR A 63 8.58 1.03 5.59
CA TYR A 63 8.29 -0.35 5.93
C TYR A 63 7.53 -0.44 7.24
N GLU A 64 7.91 0.40 8.20
CA GLU A 64 7.26 0.43 9.51
C GLU A 64 5.83 0.97 9.40
N GLU A 65 5.64 1.94 8.51
CA GLU A 65 4.33 2.54 8.31
C GLU A 65 3.43 1.63 7.49
N PHE A 66 4.02 0.93 6.53
CA PHE A 66 3.27 0.01 5.68
C PHE A 66 2.61 -1.09 6.51
N VAL A 67 3.27 -1.47 7.60
CA VAL A 67 2.74 -2.50 8.48
C VAL A 67 1.56 -1.99 9.30
N ARG A 68 1.59 -0.70 9.63
CA ARG A 68 0.52 -0.08 10.41
C ARG A 68 -0.74 0.09 9.57
N MET A 69 -0.55 0.43 8.30
CA MET A 69 -1.68 0.63 7.38
C MET A 69 -2.32 -0.70 7.02
N MET A 70 -1.50 -1.73 6.84
CA MET A 70 -1.99 -3.05 6.49
C MET A 70 -2.81 -3.64 7.64
N VAL A 71 -2.45 -3.28 8.86
CA VAL A 71 -3.17 -3.77 10.04
C VAL A 71 -4.36 -2.89 10.38
N SER A 72 -4.22 -1.59 10.13
CA SER A 72 -5.29 -0.64 10.41
C SER A 72 -6.46 -0.85 9.46
N LYS A 73 -7.56 -1.38 10.01
CA LYS A 73 -8.76 -1.63 9.21
C LYS A 73 -8.46 -2.61 8.07
N LYS B 1 -12.94 13.69 10.01
CA LYS B 1 -14.02 14.43 9.32
C LYS B 1 -13.57 14.94 7.96
N ARG B 2 -14.49 14.94 6.99
CA ARG B 2 -14.20 15.40 5.65
C ARG B 2 -13.10 14.55 5.01
N LYS B 3 -13.04 13.27 5.40
CA LYS B 3 -12.04 12.36 4.86
C LYS B 3 -12.67 11.02 4.49
N GLN B 4 -11.83 10.03 4.21
CA GLN B 4 -12.30 8.71 3.83
C GLN B 4 -11.15 7.69 3.86
N GLU B 5 -10.96 7.05 5.01
CA GLU B 5 -9.91 6.06 5.16
C GLU B 5 -10.41 4.66 4.83
N GLU B 6 -11.70 4.43 5.06
CA GLU B 6 -12.32 3.14 4.78
C GLU B 6 -12.17 2.77 3.30
N VAL B 7 -12.69 3.62 2.44
CA VAL B 7 -12.61 3.39 1.00
C VAL B 7 -11.18 3.40 0.51
N SER B 8 -10.32 4.12 1.22
CA SER B 8 -8.91 4.21 0.85
C SER B 8 -8.13 3.00 1.37
N ALA B 9 -8.62 2.41 2.45
CA ALA B 9 -7.97 1.25 3.05
C ALA B 9 -8.40 -0.04 2.36
N ILE B 10 -9.65 -0.09 1.93
CA ILE B 10 -10.18 -1.27 1.25
C ILE B 10 -9.58 -1.45 -0.14
N VAL B 11 -9.39 -0.34 -0.84
CA VAL B 11 -8.81 -0.38 -2.18
C VAL B 11 -7.39 -0.95 -2.16
N ILE B 12 -6.65 -0.59 -1.13
CA ILE B 12 -5.27 -1.06 -0.99
C ILE B 12 -5.23 -2.51 -0.51
N GLN B 13 -6.23 -2.89 0.28
CA GLN B 13 -6.31 -4.23 0.82
C GLN B 13 -6.81 -5.22 -0.24
N ARG B 14 -7.71 -4.74 -1.09
CA ARG B 14 -8.26 -5.58 -2.15
C ARG B 14 -7.25 -5.78 -3.28
N ALA B 15 -6.62 -4.69 -3.70
CA ALA B 15 -5.62 -4.76 -4.77
C ALA B 15 -4.46 -5.66 -4.39
N TYR B 16 -4.17 -5.72 -3.09
CA TYR B 16 -3.08 -6.55 -2.60
C TYR B 16 -3.51 -8.01 -2.46
N ARG B 17 -4.79 -8.21 -2.18
CA ARG B 17 -5.33 -9.55 -2.03
C ARG B 17 -5.17 -10.36 -3.31
N ARG B 18 -5.29 -9.69 -4.45
CA ARG B 18 -5.14 -10.34 -5.75
C ARG B 18 -3.68 -10.68 -6.02
N TYR B 19 -2.79 -9.79 -5.62
CA TYR B 19 -1.36 -10.00 -5.83
C TYR B 19 -0.89 -11.26 -5.12
N LEU B 20 -1.53 -11.59 -4.01
CA LEU B 20 -1.18 -12.77 -3.22
C LEU B 20 -1.83 -14.03 -3.80
N LEU B 21 -3.13 -13.94 -4.05
CA LEU B 21 -3.89 -15.06 -4.60
C LEU B 21 -3.32 -15.48 -5.96
N LYS B 22 -2.76 -14.52 -6.68
CA LYS B 22 -2.19 -14.79 -8.00
C LYS B 22 -0.89 -15.60 -7.89
N GLN B 23 -0.12 -15.32 -6.84
CA GLN B 23 1.14 -16.01 -6.61
C GLN B 23 0.93 -17.26 -5.77
N LYS B 24 -0.04 -17.21 -4.87
CA LYS B 24 -0.34 -18.33 -3.99
C LYS B 24 -1.49 -19.17 -4.55
N VAL B 25 -1.79 -20.28 -3.88
CA VAL B 25 -2.87 -21.16 -4.30
C VAL B 25 -2.52 -21.87 -5.61
N LYS B 26 -2.45 -21.10 -6.69
CA LYS B 26 -2.13 -21.64 -8.00
C LYS B 26 -1.83 -20.53 -9.00
N LYS B 27 -2.85 -19.76 -9.35
CA LYS B 27 -2.71 -18.66 -10.29
C LYS B 27 -3.50 -17.44 -9.84
N MET A 1 -5.45 -10.35 8.70
CA MET A 1 -4.71 -9.42 9.59
C MET A 1 -3.67 -10.15 10.43
N LYS A 2 -2.40 -9.88 10.15
CA LYS A 2 -1.30 -10.51 10.88
C LYS A 2 -0.15 -9.54 11.09
N GLU A 3 0.33 -9.47 12.32
CA GLU A 3 1.43 -8.56 12.66
C GLU A 3 2.78 -9.24 12.39
N GLN A 4 2.90 -10.50 12.79
CA GLN A 4 4.13 -11.24 12.60
C GLN A 4 4.31 -11.62 11.13
N ASP A 5 3.22 -11.97 10.48
CA ASP A 5 3.25 -12.35 9.07
C ASP A 5 3.40 -11.12 8.17
N SER A 6 3.36 -9.94 8.78
CA SER A 6 3.50 -8.69 8.03
C SER A 6 4.96 -8.27 7.89
N GLU A 7 5.87 -9.17 8.26
CA GLU A 7 7.30 -8.88 8.16
C GLU A 7 7.88 -9.40 6.86
N GLU A 8 7.47 -10.60 6.46
CA GLU A 8 7.95 -11.22 5.23
C GLU A 8 6.98 -10.99 4.08
N GLU A 9 5.73 -10.68 4.41
CA GLU A 9 4.71 -10.45 3.39
C GLU A 9 4.71 -8.99 2.93
N LEU A 10 4.97 -8.09 3.87
CA LEU A 10 5.01 -6.66 3.55
C LEU A 10 6.35 -6.26 2.96
N ILE A 11 7.41 -6.92 3.39
CA ILE A 11 8.75 -6.63 2.90
C ILE A 11 8.83 -6.81 1.39
N GLU A 12 8.27 -7.91 0.90
CA GLU A 12 8.28 -8.21 -0.53
C GLU A 12 7.37 -7.24 -1.30
N ALA A 13 6.28 -6.84 -0.65
CA ALA A 13 5.33 -5.91 -1.27
C ALA A 13 5.85 -4.48 -1.20
N PHE A 14 6.67 -4.19 -0.20
CA PHE A 14 7.23 -2.86 -0.02
C PHE A 14 8.33 -2.59 -1.04
N LYS A 15 9.03 -3.64 -1.46
CA LYS A 15 10.10 -3.51 -2.44
C LYS A 15 9.54 -3.42 -3.85
N VAL A 16 8.51 -4.21 -4.13
CA VAL A 16 7.88 -4.22 -5.45
C VAL A 16 7.13 -2.92 -5.71
N PHE A 17 6.62 -2.31 -4.65
CA PHE A 17 5.88 -1.05 -4.77
C PHE A 17 6.76 0.04 -5.37
N ASP A 18 7.80 0.42 -4.64
CA ASP A 18 8.72 1.46 -5.10
C ASP A 18 9.47 1.01 -6.35
N ARG A 19 8.93 1.35 -7.51
CA ARG A 19 9.53 0.97 -8.79
C ARG A 19 10.95 1.54 -8.90
N ASP A 20 11.13 2.79 -8.47
CA ASP A 20 12.43 3.43 -8.53
C ASP A 20 13.40 2.81 -7.52
N GLY A 21 12.86 2.13 -6.53
CA GLY A 21 13.69 1.50 -5.52
C GLY A 21 14.54 2.51 -4.76
N ASN A 22 13.91 3.58 -4.31
CA ASN A 22 14.61 4.62 -3.56
C ASN A 22 14.66 4.29 -2.07
N GLY A 23 13.89 3.30 -1.65
CA GLY A 23 13.87 2.91 -0.25
C GLY A 23 12.52 3.16 0.40
N LEU A 24 11.78 4.13 -0.13
CA LEU A 24 10.46 4.46 0.41
C LEU A 24 9.41 4.43 -0.69
N ILE A 25 8.16 4.72 -0.32
CA ILE A 25 7.06 4.72 -1.28
C ILE A 25 6.29 6.02 -1.22
N SER A 26 6.59 6.94 -2.13
CA SER A 26 5.91 8.23 -2.18
C SER A 26 4.53 8.10 -2.82
N ALA A 27 3.93 9.24 -3.14
CA ALA A 27 2.61 9.26 -3.76
C ALA A 27 2.68 8.79 -5.21
N ALA A 28 3.73 9.18 -5.90
CA ALA A 28 3.91 8.81 -7.30
C ALA A 28 4.16 7.31 -7.44
N GLU A 29 4.96 6.76 -6.53
CA GLU A 29 5.28 5.34 -6.56
C GLU A 29 4.04 4.50 -6.30
N LEU A 30 3.21 4.94 -5.35
CA LEU A 30 1.99 4.23 -5.01
C LEU A 30 0.99 4.27 -6.16
N ARG A 31 1.03 5.35 -6.94
CA ARG A 31 0.13 5.51 -8.07
C ARG A 31 0.61 4.69 -9.27
N HIS A 32 1.92 4.52 -9.38
CA HIS A 32 2.51 3.75 -10.46
C HIS A 32 2.09 2.29 -10.40
N VAL A 33 2.07 1.74 -9.18
CA VAL A 33 1.68 0.35 -8.98
C VAL A 33 0.17 0.18 -9.03
N MET A 34 -0.55 1.22 -8.62
CA MET A 34 -2.01 1.19 -8.62
C MET A 34 -2.56 1.17 -10.04
N THR A 35 -1.85 1.84 -10.95
CA THR A 35 -2.27 1.89 -12.35
C THR A 35 -1.98 0.56 -13.06
N ASN A 36 -0.94 -0.12 -12.62
CA ASN A 36 -0.56 -1.40 -13.22
C ASN A 36 -1.39 -2.53 -12.64
N LEU A 37 -1.72 -2.42 -11.36
CA LEU A 37 -2.52 -3.45 -10.68
C LEU A 37 -3.95 -3.49 -11.24
N GLY A 38 -4.36 -2.39 -11.88
CA GLY A 38 -5.70 -2.34 -12.45
C GLY A 38 -6.66 -1.54 -11.60
N GLU A 39 -6.23 -0.36 -11.18
CA GLU A 39 -7.07 0.51 -10.35
C GLU A 39 -6.70 1.98 -10.54
N LYS A 40 -7.66 2.76 -11.00
CA LYS A 40 -7.44 4.18 -11.23
C LYS A 40 -7.64 4.99 -9.95
N LEU A 41 -6.83 6.02 -9.77
CA LEU A 41 -6.93 6.86 -8.58
C LEU A 41 -6.51 8.30 -8.91
N THR A 42 -7.31 9.25 -8.45
CA THR A 42 -7.03 10.66 -8.68
C THR A 42 -5.80 11.11 -7.89
N ASP A 43 -5.45 12.38 -8.04
CA ASP A 43 -4.30 12.94 -7.33
C ASP A 43 -4.62 13.18 -5.86
N ASP A 44 -5.89 13.48 -5.58
CA ASP A 44 -6.34 13.73 -4.22
C ASP A 44 -6.60 12.41 -3.48
N GLU A 45 -7.20 11.46 -4.18
CA GLU A 45 -7.51 10.16 -3.60
C GLU A 45 -6.24 9.47 -3.11
N VAL A 46 -5.17 9.58 -3.89
CA VAL A 46 -3.90 8.96 -3.55
C VAL A 46 -3.20 9.74 -2.43
N ASP A 47 -3.11 11.05 -2.59
CA ASP A 47 -2.46 11.91 -1.59
C ASP A 47 -3.07 11.69 -0.21
N GLU A 48 -4.36 11.38 -0.18
CA GLU A 48 -5.06 11.14 1.08
C GLU A 48 -4.66 9.81 1.69
N MET A 49 -4.31 8.86 0.82
CA MET A 49 -3.90 7.53 1.28
C MET A 49 -2.49 7.55 1.84
N ILE A 50 -1.63 8.39 1.26
CA ILE A 50 -0.25 8.50 1.70
C ILE A 50 -0.17 9.14 3.08
N ARG A 51 -0.92 10.23 3.27
CA ARG A 51 -0.92 10.94 4.54
C ARG A 51 -1.32 10.01 5.69
N GLU A 52 -2.36 9.20 5.46
CA GLU A 52 -2.84 8.27 6.48
C GLU A 52 -1.84 7.15 6.70
N ALA A 53 -1.09 6.81 5.66
CA ALA A 53 -0.10 5.74 5.74
C ALA A 53 1.23 6.25 6.27
N ASP A 54 1.50 7.53 6.06
CA ASP A 54 2.75 8.13 6.52
C ASP A 54 2.65 8.55 7.98
N ILE A 55 2.64 7.57 8.88
CA ILE A 55 2.57 7.85 10.31
C ILE A 55 3.75 8.71 10.77
N ASP A 56 4.86 8.59 10.05
CA ASP A 56 6.07 9.33 10.36
C ASP A 56 5.86 10.83 10.11
N GLY A 57 4.86 11.16 9.30
CA GLY A 57 4.58 12.56 9.01
C GLY A 57 5.66 13.19 8.15
N ASP A 58 6.30 12.36 7.32
CA ASP A 58 7.37 12.85 6.44
C ASP A 58 6.89 12.91 4.99
N GLY A 59 5.83 12.16 4.68
CA GLY A 59 5.30 12.16 3.33
C GLY A 59 5.63 10.89 2.57
N HIS A 60 6.66 10.18 3.02
CA HIS A 60 7.09 8.94 2.37
C HIS A 60 6.78 7.74 3.24
N ILE A 61 6.12 6.74 2.66
CA ILE A 61 5.78 5.52 3.40
C ILE A 61 6.99 4.62 3.59
N ASN A 62 7.54 4.63 4.80
CA ASN A 62 8.71 3.81 5.11
C ASN A 62 8.29 2.37 5.40
N TYR A 63 9.27 1.54 5.75
CA TYR A 63 9.00 0.13 6.05
C TYR A 63 8.08 0.01 7.26
N GLU A 64 8.33 0.82 8.27
CA GLU A 64 7.52 0.79 9.49
C GLU A 64 6.14 1.39 9.23
N GLU A 65 6.11 2.51 8.53
CA GLU A 65 4.85 3.18 8.21
C GLU A 65 3.97 2.29 7.32
N PHE A 66 4.61 1.56 6.42
CA PHE A 66 3.88 0.67 5.52
C PHE A 66 3.17 -0.43 6.28
N VAL A 67 3.75 -0.83 7.42
CA VAL A 67 3.16 -1.88 8.25
C VAL A 67 1.82 -1.44 8.83
N ARG A 68 1.80 -0.26 9.45
CA ARG A 68 0.58 0.26 10.05
C ARG A 68 -0.51 0.44 8.99
N MET A 69 -0.10 0.72 7.76
CA MET A 69 -1.05 0.91 6.66
C MET A 69 -1.65 -0.43 6.22
N MET A 70 -0.78 -1.40 5.99
CA MET A 70 -1.22 -2.73 5.56
C MET A 70 -2.15 -3.36 6.60
N VAL A 71 -1.65 -3.51 7.82
CA VAL A 71 -2.43 -4.10 8.90
C VAL A 71 -3.07 -3.01 9.77
N SER A 72 -3.50 -1.93 9.13
CA SER A 72 -4.13 -0.83 9.84
C SER A 72 -5.40 -1.28 10.54
N LYS A 73 -6.10 -2.23 9.92
CA LYS A 73 -7.35 -2.75 10.48
C LYS A 73 -7.06 -3.89 11.46
N LYS B 1 -13.70 13.73 13.35
CA LYS B 1 -14.85 12.80 13.23
C LYS B 1 -15.06 12.37 11.79
N ARG B 2 -15.46 13.32 10.95
CA ARG B 2 -15.70 13.04 9.54
C ARG B 2 -14.40 12.98 8.77
N LYS B 3 -14.01 11.78 8.35
CA LYS B 3 -12.78 11.59 7.60
C LYS B 3 -12.88 10.37 6.68
N GLN B 4 -12.07 10.36 5.62
CA GLN B 4 -12.08 9.26 4.67
C GLN B 4 -10.92 8.31 4.93
N GLU B 5 -10.52 8.19 6.21
CA GLU B 5 -9.42 7.32 6.59
C GLU B 5 -9.81 5.86 6.42
N GLU B 6 -11.09 5.56 6.61
CA GLU B 6 -11.60 4.20 6.49
C GLU B 6 -11.86 3.84 5.03
N VAL B 7 -12.23 4.84 4.24
CA VAL B 7 -12.52 4.64 2.82
C VAL B 7 -11.23 4.50 2.01
N SER B 8 -10.18 5.18 2.47
CA SER B 8 -8.90 5.15 1.78
C SER B 8 -8.18 3.82 2.04
N ALA B 9 -8.44 3.23 3.20
CA ALA B 9 -7.83 1.95 3.56
C ALA B 9 -8.31 0.83 2.66
N ILE B 10 -9.55 0.95 2.18
CA ILE B 10 -10.12 -0.06 1.30
C ILE B 10 -9.46 -0.05 -0.06
N VAL B 11 -9.21 1.15 -0.60
CA VAL B 11 -8.58 1.29 -1.90
C VAL B 11 -7.21 0.64 -1.92
N ILE B 12 -6.52 0.68 -0.78
CA ILE B 12 -5.19 0.09 -0.66
C ILE B 12 -5.27 -1.42 -0.47
N GLN B 13 -6.28 -1.87 0.26
CA GLN B 13 -6.47 -3.29 0.52
C GLN B 13 -6.81 -4.04 -0.77
N ARG B 14 -7.50 -3.36 -1.68
CA ARG B 14 -7.90 -3.96 -2.95
C ARG B 14 -6.67 -4.32 -3.78
N ALA B 15 -5.77 -3.36 -3.95
CA ALA B 15 -4.56 -3.57 -4.73
C ALA B 15 -3.71 -4.70 -4.14
N TYR B 16 -3.77 -4.85 -2.82
CA TYR B 16 -3.02 -5.90 -2.14
C TYR B 16 -3.78 -7.22 -2.15
N ARG B 17 -5.11 -7.13 -2.21
CA ARG B 17 -5.94 -8.32 -2.22
C ARG B 17 -5.61 -9.21 -3.41
N ARG B 18 -5.33 -8.59 -4.56
CA ARG B 18 -4.99 -9.32 -5.77
C ARG B 18 -3.55 -9.82 -5.72
N TYR B 19 -2.68 -9.04 -5.08
CA TYR B 19 -1.28 -9.40 -4.97
C TYR B 19 -1.11 -10.73 -4.23
N LEU B 20 -1.65 -10.80 -3.02
CA LEU B 20 -1.56 -12.02 -2.21
C LEU B 20 -2.23 -13.19 -2.92
N LEU B 21 -3.39 -12.93 -3.52
CA LEU B 21 -4.13 -13.97 -4.23
C LEU B 21 -3.30 -14.55 -5.37
N LYS B 22 -2.65 -13.68 -6.12
CA LYS B 22 -1.81 -14.10 -7.25
C LYS B 22 -0.64 -14.95 -6.76
N GLN B 23 -0.13 -14.62 -5.59
CA GLN B 23 0.99 -15.35 -5.01
C GLN B 23 0.53 -16.66 -4.38
N LYS B 24 -0.70 -16.67 -3.88
CA LYS B 24 -1.27 -17.86 -3.25
C LYS B 24 -1.31 -19.03 -4.23
N VAL B 25 -1.62 -20.21 -3.71
CA VAL B 25 -1.69 -21.41 -4.54
C VAL B 25 -3.09 -21.60 -5.12
N LYS B 26 -3.15 -21.97 -6.39
CA LYS B 26 -4.43 -22.17 -7.06
C LYS B 26 -4.23 -22.90 -8.40
N LYS B 27 -5.05 -23.91 -8.64
CA LYS B 27 -4.96 -24.68 -9.88
C LYS B 27 -6.23 -25.50 -10.10
N MET A 1 -4.39 -9.27 13.69
CA MET A 1 -3.57 -9.02 14.90
C MET A 1 -2.40 -10.00 14.99
N LYS A 2 -1.85 -10.37 13.84
CA LYS A 2 -0.74 -11.31 13.80
C LYS A 2 0.58 -10.56 13.56
N GLU A 3 0.53 -9.55 12.71
CA GLU A 3 1.71 -8.74 12.38
C GLU A 3 2.71 -9.54 11.54
N GLN A 4 3.22 -10.64 12.09
CA GLN A 4 4.19 -11.47 11.39
C GLN A 4 3.75 -11.76 9.95
N ASP A 5 2.44 -11.95 9.75
CA ASP A 5 1.90 -12.22 8.43
C ASP A 5 2.18 -11.06 7.49
N SER A 6 2.32 -9.86 8.04
CA SER A 6 2.59 -8.67 7.25
C SER A 6 4.09 -8.39 7.17
N GLU A 7 4.90 -9.34 7.63
CA GLU A 7 6.34 -9.18 7.61
C GLU A 7 6.96 -9.81 6.37
N GLU A 8 6.68 -11.08 6.15
CA GLU A 8 7.20 -11.81 5.00
C GLU A 8 6.41 -11.50 3.73
N GLU A 9 5.18 -11.06 3.89
CA GLU A 9 4.32 -10.74 2.75
C GLU A 9 4.56 -9.30 2.28
N LEU A 10 4.38 -8.35 3.18
CA LEU A 10 4.57 -6.94 2.85
C LEU A 10 5.97 -6.68 2.33
N ILE A 11 6.96 -7.32 2.94
CA ILE A 11 8.35 -7.15 2.53
C ILE A 11 8.53 -7.49 1.05
N GLU A 12 7.91 -8.57 0.61
CA GLU A 12 8.01 -9.00 -0.78
C GLU A 12 7.35 -7.99 -1.71
N ALA A 13 6.25 -7.40 -1.25
CA ALA A 13 5.52 -6.42 -2.05
C ALA A 13 6.22 -5.06 -2.02
N PHE A 14 6.88 -4.77 -0.90
CA PHE A 14 7.59 -3.51 -0.75
C PHE A 14 8.67 -3.36 -1.82
N LYS A 15 9.43 -4.43 -2.05
CA LYS A 15 10.50 -4.41 -3.05
C LYS A 15 9.94 -4.09 -4.43
N VAL A 16 8.83 -4.73 -4.78
CA VAL A 16 8.20 -4.50 -6.08
C VAL A 16 7.53 -3.13 -6.14
N PHE A 17 7.07 -2.65 -5.00
CA PHE A 17 6.42 -1.35 -4.92
C PHE A 17 7.39 -0.22 -5.29
N ASP A 18 8.55 -0.22 -4.67
CA ASP A 18 9.56 0.80 -4.94
C ASP A 18 10.48 0.37 -6.07
N ARG A 19 9.98 0.47 -7.29
CA ARG A 19 10.75 0.09 -8.47
C ARG A 19 11.89 1.07 -8.72
N ASP A 20 11.70 2.31 -8.28
CA ASP A 20 12.71 3.35 -8.45
C ASP A 20 13.93 3.09 -7.56
N GLY A 21 13.75 2.27 -6.52
CA GLY A 21 14.83 1.97 -5.62
C GLY A 21 15.06 3.09 -4.62
N ASN A 22 13.97 3.67 -4.16
CA ASN A 22 14.03 4.77 -3.19
C ASN A 22 13.90 4.26 -1.76
N GLY A 23 13.30 3.08 -1.62
CA GLY A 23 13.13 2.51 -0.29
C GLY A 23 11.76 2.82 0.29
N LEU A 24 11.21 3.96 -0.08
CA LEU A 24 9.89 4.37 0.40
C LEU A 24 9.03 4.88 -0.76
N ILE A 25 7.81 4.38 -0.84
CA ILE A 25 6.89 4.78 -1.90
C ILE A 25 6.25 6.12 -1.59
N SER A 26 6.48 7.09 -2.47
CA SER A 26 5.92 8.44 -2.30
C SER A 26 4.47 8.47 -2.80
N ALA A 27 3.95 9.69 -2.99
CA ALA A 27 2.58 9.86 -3.46
C ALA A 27 2.47 9.57 -4.95
N ALA A 28 3.57 9.74 -5.67
CA ALA A 28 3.59 9.49 -7.11
C ALA A 28 3.95 8.05 -7.42
N GLU A 29 4.71 7.42 -6.53
CA GLU A 29 5.12 6.03 -6.71
C GLU A 29 3.97 5.07 -6.40
N LEU A 30 3.23 5.38 -5.34
CA LEU A 30 2.10 4.55 -4.93
C LEU A 30 1.07 4.44 -6.05
N ARG A 31 0.64 5.59 -6.57
CA ARG A 31 -0.34 5.62 -7.65
C ARG A 31 0.16 4.86 -8.87
N HIS A 32 1.47 4.85 -9.05
CA HIS A 32 2.08 4.16 -10.19
C HIS A 32 1.88 2.65 -10.09
N VAL A 33 2.04 2.13 -8.88
CA VAL A 33 1.88 0.69 -8.64
C VAL A 33 0.41 0.30 -8.67
N MET A 34 -0.46 1.21 -8.25
CA MET A 34 -1.90 0.97 -8.22
C MET A 34 -2.46 0.88 -9.63
N THR A 35 -1.98 1.75 -10.51
CA THR A 35 -2.44 1.77 -11.89
C THR A 35 -1.96 0.53 -12.64
N ASN A 36 -0.74 0.10 -12.35
CA ASN A 36 -0.16 -1.08 -12.99
C ASN A 36 -0.94 -2.34 -12.61
N LEU A 37 -1.30 -2.44 -11.34
CA LEU A 37 -2.04 -3.60 -10.85
C LEU A 37 -3.46 -3.60 -11.39
N GLY A 38 -3.95 -2.44 -11.81
CA GLY A 38 -5.29 -2.34 -12.35
C GLY A 38 -6.23 -1.58 -11.43
N GLU A 39 -5.75 -0.46 -10.90
CA GLU A 39 -6.55 0.36 -10.00
C GLU A 39 -6.21 1.83 -10.15
N LYS A 40 -7.13 2.59 -10.74
CA LYS A 40 -6.93 4.02 -10.96
C LYS A 40 -7.25 4.81 -9.69
N LEU A 41 -6.46 5.85 -9.43
CA LEU A 41 -6.66 6.68 -8.25
C LEU A 41 -6.24 8.13 -8.53
N THR A 42 -7.16 9.06 -8.29
CA THR A 42 -6.88 10.47 -8.52
C THR A 42 -5.74 10.95 -7.62
N ASP A 43 -5.34 12.20 -7.82
CA ASP A 43 -4.26 12.79 -7.03
C ASP A 43 -4.71 13.03 -5.59
N ASP A 44 -5.99 13.33 -5.42
CA ASP A 44 -6.55 13.57 -4.09
C ASP A 44 -6.74 12.27 -3.34
N GLU A 45 -7.26 11.26 -4.02
CA GLU A 45 -7.50 9.96 -3.41
C GLU A 45 -6.20 9.35 -2.90
N VAL A 46 -5.16 9.40 -3.72
CA VAL A 46 -3.85 8.86 -3.35
C VAL A 46 -3.25 9.62 -2.18
N ASP A 47 -3.23 10.96 -2.28
CA ASP A 47 -2.69 11.79 -1.23
C ASP A 47 -3.33 11.50 0.11
N GLU A 48 -4.64 11.20 0.08
CA GLU A 48 -5.37 10.90 1.29
C GLU A 48 -4.82 9.65 1.97
N MET A 49 -4.26 8.74 1.17
CA MET A 49 -3.70 7.50 1.69
C MET A 49 -2.29 7.73 2.23
N ILE A 50 -1.54 8.63 1.58
CA ILE A 50 -0.18 8.93 1.99
C ILE A 50 -0.16 9.57 3.38
N ARG A 51 -1.10 10.48 3.62
CA ARG A 51 -1.19 11.17 4.91
C ARG A 51 -1.53 10.19 6.03
N GLU A 52 -2.48 9.29 5.74
CA GLU A 52 -2.90 8.32 6.74
C GLU A 52 -1.77 7.35 7.08
N ALA A 53 -0.90 7.10 6.11
CA ALA A 53 0.23 6.20 6.30
C ALA A 53 1.45 6.97 6.82
N ASP A 54 1.57 8.22 6.43
CA ASP A 54 2.69 9.06 6.85
C ASP A 54 2.65 9.29 8.36
N ILE A 55 3.50 8.58 9.09
CA ILE A 55 3.56 8.71 10.54
C ILE A 55 4.53 9.82 10.95
N ASP A 56 5.55 10.03 10.13
CA ASP A 56 6.55 11.06 10.41
C ASP A 56 6.10 12.42 9.86
N GLY A 57 5.18 12.39 8.91
CA GLY A 57 4.69 13.63 8.32
C GLY A 57 5.68 14.23 7.33
N ASP A 58 6.29 13.37 6.53
CA ASP A 58 7.26 13.81 5.53
C ASP A 58 6.71 13.66 4.12
N GLY A 59 5.71 12.80 3.96
CA GLY A 59 5.11 12.58 2.65
C GLY A 59 5.64 11.33 1.98
N HIS A 60 5.97 10.32 2.79
CA HIS A 60 6.51 9.07 2.26
C HIS A 60 6.10 7.89 3.15
N ILE A 61 5.86 6.75 2.53
CA ILE A 61 5.47 5.55 3.26
C ILE A 61 6.61 4.55 3.33
N ASN A 62 7.02 4.20 4.56
CA ASN A 62 8.10 3.26 4.77
C ASN A 62 7.57 1.86 5.06
N TYR A 63 8.48 0.93 5.37
CA TYR A 63 8.09 -0.44 5.67
C TYR A 63 7.29 -0.50 6.97
N GLU A 64 7.68 0.32 7.94
CA GLU A 64 7.00 0.35 9.23
C GLU A 64 5.57 0.90 9.08
N GLU A 65 5.42 1.91 8.23
CA GLU A 65 4.12 2.52 8.00
C GLU A 65 3.25 1.63 7.11
N PHE A 66 3.89 0.89 6.22
CA PHE A 66 3.17 0.00 5.32
C PHE A 66 2.47 -1.11 6.09
N VAL A 67 3.05 -1.52 7.21
CA VAL A 67 2.47 -2.56 8.05
C VAL A 67 1.29 -2.03 8.85
N ARG A 68 1.40 -0.79 9.32
CA ARG A 68 0.33 -0.17 10.10
C ARG A 68 -0.93 0.00 9.26
N MET A 69 -0.77 0.57 8.07
CA MET A 69 -1.89 0.78 7.16
C MET A 69 -2.49 -0.54 6.69
N MET A 70 -1.62 -1.53 6.51
CA MET A 70 -2.05 -2.85 6.05
C MET A 70 -3.02 -3.48 7.05
N VAL A 71 -2.60 -3.52 8.32
CA VAL A 71 -3.42 -4.10 9.38
C VAL A 71 -4.18 -3.02 10.14
N SER A 72 -4.53 -1.94 9.44
CA SER A 72 -5.26 -0.83 10.06
C SER A 72 -6.76 -1.11 10.09
N LYS A 73 -7.47 -0.39 10.95
CA LYS A 73 -8.91 -0.57 11.07
C LYS A 73 -9.66 0.39 10.16
N LYS B 1 -23.29 8.35 3.57
CA LYS B 1 -23.01 8.07 5.00
C LYS B 1 -21.60 7.53 5.18
N ARG B 2 -21.17 6.66 4.27
CA ARG B 2 -19.84 6.07 4.33
C ARG B 2 -18.77 7.12 4.07
N LYS B 3 -17.75 7.15 4.93
CA LYS B 3 -16.66 8.10 4.79
C LYS B 3 -15.62 7.61 3.78
N GLN B 4 -14.73 8.51 3.37
CA GLN B 4 -13.69 8.16 2.41
C GLN B 4 -12.53 7.46 3.10
N GLU B 5 -12.32 7.76 4.38
CA GLU B 5 -11.24 7.16 5.14
C GLU B 5 -11.36 5.63 5.14
N GLU B 6 -12.58 5.13 5.21
CA GLU B 6 -12.82 3.69 5.21
C GLU B 6 -12.51 3.09 3.84
N VAL B 7 -13.00 3.73 2.80
CA VAL B 7 -12.78 3.25 1.44
C VAL B 7 -11.30 3.26 1.09
N SER B 8 -10.56 4.19 1.68
CA SER B 8 -9.13 4.30 1.44
C SER B 8 -8.39 3.06 1.92
N ALA B 9 -8.96 2.38 2.91
CA ALA B 9 -8.34 1.17 3.45
C ALA B 9 -8.72 -0.05 2.62
N ILE B 10 -9.86 0.01 1.96
CA ILE B 10 -10.33 -1.09 1.13
C ILE B 10 -9.51 -1.21 -0.16
N VAL B 11 -9.29 -0.07 -0.82
CA VAL B 11 -8.53 -0.04 -2.05
C VAL B 11 -7.13 -0.62 -1.85
N ILE B 12 -6.54 -0.34 -0.69
CA ILE B 12 -5.20 -0.83 -0.39
C ILE B 12 -5.20 -2.35 -0.22
N GLN B 13 -6.10 -2.84 0.63
CA GLN B 13 -6.20 -4.27 0.88
C GLN B 13 -6.62 -5.03 -0.38
N ARG B 14 -7.58 -4.47 -1.10
CA ARG B 14 -8.07 -5.08 -2.33
C ARG B 14 -6.96 -5.19 -3.37
N ALA B 15 -6.03 -4.24 -3.34
CA ALA B 15 -4.92 -4.23 -4.28
C ALA B 15 -4.00 -5.42 -4.06
N TYR B 16 -3.67 -5.69 -2.80
CA TYR B 16 -2.79 -6.80 -2.46
C TYR B 16 -3.48 -8.13 -2.70
N ARG B 17 -4.80 -8.15 -2.58
CA ARG B 17 -5.59 -9.36 -2.79
C ARG B 17 -5.37 -9.91 -4.20
N ARG B 18 -5.42 -9.02 -5.18
CA ARG B 18 -5.22 -9.42 -6.57
C ARG B 18 -3.76 -9.73 -6.86
N TYR B 19 -2.86 -9.05 -6.15
CA TYR B 19 -1.43 -9.25 -6.33
C TYR B 19 -1.04 -10.70 -6.05
N LEU B 20 -1.42 -11.20 -4.88
CA LEU B 20 -1.11 -12.57 -4.50
C LEU B 20 -1.86 -13.56 -5.38
N LEU B 21 -3.11 -13.25 -5.69
CA LEU B 21 -3.93 -14.11 -6.53
C LEU B 21 -3.42 -14.14 -7.96
N LYS B 22 -2.78 -13.05 -8.38
CA LYS B 22 -2.23 -12.95 -9.73
C LYS B 22 -0.92 -13.71 -9.85
N GLN B 23 -0.05 -13.53 -8.86
CA GLN B 23 1.26 -14.19 -8.86
C GLN B 23 1.14 -15.63 -8.36
N LYS B 24 0.42 -15.81 -7.27
CA LYS B 24 0.23 -17.12 -6.68
C LYS B 24 -1.15 -17.67 -7.02
N VAL B 25 -1.18 -18.90 -7.55
CA VAL B 25 -2.45 -19.53 -7.93
C VAL B 25 -2.62 -20.87 -7.20
N LYS B 26 -3.81 -21.10 -6.68
CA LYS B 26 -4.10 -22.35 -5.97
C LYS B 26 -4.89 -23.30 -6.85
N LYS B 27 -4.21 -24.32 -7.36
CA LYS B 27 -4.85 -25.31 -8.23
C LYS B 27 -4.50 -26.73 -7.79
N MET A 1 -4.31 -9.30 14.06
CA MET A 1 -4.13 -10.78 14.01
C MET A 1 -3.29 -11.20 12.81
N LYS A 2 -3.71 -10.78 11.62
CA LYS A 2 -3.00 -11.10 10.39
C LYS A 2 -2.15 -9.92 9.93
N GLU A 3 -1.68 -10.00 8.68
CA GLU A 3 -0.86 -8.94 8.10
C GLU A 3 0.52 -8.88 8.77
N GLN A 4 0.54 -8.53 10.05
CA GLN A 4 1.78 -8.44 10.80
C GLN A 4 2.58 -9.74 10.70
N ASP A 5 1.87 -10.86 10.54
CA ASP A 5 2.50 -12.16 10.43
C ASP A 5 3.02 -12.41 9.02
N SER A 6 2.47 -11.69 8.05
CA SER A 6 2.88 -11.82 6.67
C SER A 6 4.11 -10.96 6.35
N GLU A 7 4.73 -10.42 7.40
CA GLU A 7 5.92 -9.57 7.24
C GLU A 7 6.87 -10.12 6.18
N GLU A 8 7.29 -11.37 6.37
CA GLU A 8 8.21 -12.02 5.44
C GLU A 8 7.72 -11.85 3.99
N GLU A 9 6.41 -11.77 3.84
CA GLU A 9 5.80 -11.60 2.52
C GLU A 9 5.64 -10.12 2.20
N LEU A 10 5.27 -9.34 3.23
CA LEU A 10 5.07 -7.91 3.08
C LEU A 10 6.33 -7.26 2.47
N ILE A 11 7.47 -7.91 2.67
CA ILE A 11 8.73 -7.38 2.15
C ILE A 11 8.71 -7.33 0.63
N GLU A 12 8.17 -8.38 0.01
CA GLU A 12 8.09 -8.45 -1.44
C GLU A 12 7.30 -7.27 -2.00
N ALA A 13 6.31 -6.81 -1.24
CA ALA A 13 5.48 -5.69 -1.66
C ALA A 13 6.25 -4.38 -1.57
N PHE A 14 7.07 -4.25 -0.54
CA PHE A 14 7.87 -3.04 -0.34
C PHE A 14 8.89 -2.87 -1.46
N LYS A 15 9.34 -3.99 -2.02
CA LYS A 15 10.33 -3.97 -3.09
C LYS A 15 9.68 -3.57 -4.41
N VAL A 16 8.61 -4.27 -4.77
CA VAL A 16 7.89 -3.99 -6.02
C VAL A 16 7.36 -2.56 -6.02
N PHE A 17 6.75 -2.15 -4.91
CA PHE A 17 6.20 -0.81 -4.80
C PHE A 17 7.28 0.24 -5.00
N ASP A 18 8.40 0.06 -4.33
CA ASP A 18 9.52 1.01 -4.44
C ASP A 18 10.25 0.84 -5.76
N ARG A 19 9.84 1.61 -6.77
CA ARG A 19 10.46 1.53 -8.08
C ARG A 19 11.82 2.22 -8.09
N ASP A 20 11.95 3.25 -7.25
CA ASP A 20 13.19 4.00 -7.15
C ASP A 20 14.23 3.26 -6.31
N GLY A 21 13.76 2.32 -5.49
CA GLY A 21 14.65 1.56 -4.64
C GLY A 21 15.44 2.44 -3.69
N ASN A 22 14.77 3.42 -3.10
CA ASN A 22 15.40 4.33 -2.16
C ASN A 22 14.94 4.05 -0.72
N GLY A 23 13.78 3.42 -0.59
CA GLY A 23 13.27 3.10 0.73
C GLY A 23 11.98 3.84 1.04
N LEU A 24 11.75 4.94 0.33
CA LEU A 24 10.54 5.74 0.53
C LEU A 24 9.59 5.60 -0.66
N ILE A 25 8.33 5.31 -0.37
CA ILE A 25 7.33 5.14 -1.41
C ILE A 25 6.44 6.38 -1.52
N SER A 26 6.74 7.23 -2.49
CA SER A 26 5.98 8.45 -2.70
C SER A 26 4.60 8.14 -3.28
N ALA A 27 3.78 9.18 -3.44
CA ALA A 27 2.44 9.01 -3.98
C ALA A 27 2.48 8.50 -5.41
N ALA A 28 3.45 8.99 -6.18
CA ALA A 28 3.60 8.59 -7.58
C ALA A 28 3.83 7.08 -7.68
N GLU A 29 4.67 6.55 -6.80
CA GLU A 29 4.98 5.13 -6.79
C GLU A 29 3.74 4.31 -6.45
N LEU A 30 2.87 4.88 -5.63
CA LEU A 30 1.65 4.20 -5.23
C LEU A 30 0.59 4.27 -6.32
N ARG A 31 0.61 5.36 -7.09
CA ARG A 31 -0.34 5.56 -8.16
C ARG A 31 0.07 4.79 -9.42
N HIS A 32 1.38 4.65 -9.61
CA HIS A 32 1.92 3.94 -10.75
C HIS A 32 1.62 2.44 -10.66
N VAL A 33 1.55 1.94 -9.44
CA VAL A 33 1.28 0.53 -9.20
C VAL A 33 -0.22 0.25 -9.22
N MET A 34 -1.00 1.22 -8.76
CA MET A 34 -2.45 1.09 -8.73
C MET A 34 -3.02 0.98 -10.13
N THR A 35 -2.47 1.75 -11.05
CA THR A 35 -2.92 1.74 -12.44
C THR A 35 -2.58 0.43 -13.13
N ASN A 36 -1.46 -0.17 -12.71
CA ASN A 36 -1.02 -1.44 -13.27
C ASN A 36 -1.75 -2.62 -12.64
N LEU A 37 -2.06 -2.48 -11.35
CA LEU A 37 -2.76 -3.53 -10.62
C LEU A 37 -4.21 -3.67 -11.12
N GLY A 38 -4.72 -2.62 -11.74
CA GLY A 38 -6.08 -2.65 -12.24
C GLY A 38 -7.01 -1.76 -11.45
N GLU A 39 -6.55 -0.55 -11.16
CA GLU A 39 -7.36 0.41 -10.39
C GLU A 39 -6.99 1.84 -10.76
N LYS A 40 -7.97 2.74 -10.66
CA LYS A 40 -7.74 4.14 -10.99
C LYS A 40 -7.79 5.01 -9.74
N LEU A 41 -6.79 5.87 -9.58
CA LEU A 41 -6.71 6.75 -8.42
C LEU A 41 -6.28 8.15 -8.83
N THR A 42 -6.75 9.16 -8.09
CA THR A 42 -6.42 10.55 -8.39
C THR A 42 -5.27 11.02 -7.51
N ASP A 43 -4.75 12.21 -7.82
CA ASP A 43 -3.64 12.78 -7.05
C ASP A 43 -4.05 13.01 -5.60
N ASP A 44 -5.29 13.46 -5.39
CA ASP A 44 -5.79 13.71 -4.05
C ASP A 44 -6.05 12.41 -3.30
N GLU A 45 -6.62 11.43 -4.01
CA GLU A 45 -6.91 10.14 -3.41
C GLU A 45 -5.64 9.47 -2.91
N VAL A 46 -4.62 9.43 -3.76
CA VAL A 46 -3.34 8.82 -3.39
C VAL A 46 -2.70 9.56 -2.23
N ASP A 47 -2.63 10.88 -2.34
CA ASP A 47 -2.02 11.70 -1.30
C ASP A 47 -2.76 11.53 0.02
N GLU A 48 -4.08 11.41 -0.05
CA GLU A 48 -4.90 11.24 1.14
C GLU A 48 -4.58 9.92 1.84
N MET A 49 -4.26 8.90 1.04
CA MET A 49 -3.94 7.59 1.59
C MET A 49 -2.59 7.62 2.31
N ILE A 50 -1.66 8.41 1.78
CA ILE A 50 -0.34 8.53 2.37
C ILE A 50 -0.38 9.35 3.67
N ARG A 51 -1.18 10.41 3.66
CA ARG A 51 -1.31 11.27 4.82
C ARG A 51 -1.84 10.50 6.01
N GLU A 52 -2.72 9.54 5.74
CA GLU A 52 -3.30 8.72 6.81
C GLU A 52 -2.31 7.68 7.30
N ALA A 53 -1.44 7.22 6.41
CA ALA A 53 -0.43 6.23 6.76
C ALA A 53 0.95 6.86 6.84
N ASP A 54 1.01 8.13 7.22
CA ASP A 54 2.27 8.85 7.33
C ASP A 54 2.61 9.12 8.80
N ILE A 55 3.49 8.29 9.36
CA ILE A 55 3.90 8.44 10.75
C ILE A 55 4.89 9.58 10.90
N ASP A 56 5.69 9.81 9.86
CA ASP A 56 6.69 10.87 9.89
C ASP A 56 6.12 12.17 9.33
N GLY A 57 5.04 12.07 8.56
CA GLY A 57 4.44 13.25 7.98
C GLY A 57 5.30 13.89 6.93
N ASP A 58 5.99 13.07 6.14
CA ASP A 58 6.86 13.57 5.08
C ASP A 58 6.28 13.28 3.71
N GLY A 59 5.36 12.33 3.63
CA GLY A 59 4.75 11.97 2.37
C GLY A 59 5.37 10.74 1.74
N HIS A 60 5.70 9.76 2.57
CA HIS A 60 6.30 8.52 2.09
C HIS A 60 5.91 7.34 2.97
N ILE A 61 5.81 6.17 2.36
CA ILE A 61 5.44 4.96 3.09
C ILE A 61 6.62 4.00 3.20
N ASN A 62 7.24 3.97 4.37
CA ASN A 62 8.38 3.09 4.62
C ASN A 62 7.92 1.69 5.00
N TYR A 63 8.88 0.83 5.31
CA TYR A 63 8.57 -0.55 5.70
C TYR A 63 7.83 -0.58 7.04
N GLU A 64 8.18 0.33 7.93
CA GLU A 64 7.55 0.41 9.24
C GLU A 64 6.13 0.94 9.13
N GLU A 65 5.90 1.80 8.15
CA GLU A 65 4.59 2.39 7.94
C GLU A 65 3.71 1.47 7.10
N PHE A 66 4.33 0.71 6.20
CA PHE A 66 3.61 -0.22 5.34
C PHE A 66 2.92 -1.30 6.16
N VAL A 67 3.53 -1.66 7.29
CA VAL A 67 2.98 -2.68 8.17
C VAL A 67 1.78 -2.14 8.95
N ARG A 68 1.88 -0.89 9.39
CA ARG A 68 0.81 -0.26 10.15
C ARG A 68 -0.41 -0.03 9.27
N MET A 69 -0.18 0.46 8.05
CA MET A 69 -1.27 0.72 7.12
C MET A 69 -2.04 -0.56 6.81
N MET A 70 -1.31 -1.65 6.62
CA MET A 70 -1.93 -2.94 6.32
C MET A 70 -2.79 -3.42 7.48
N VAL A 71 -2.40 -3.04 8.69
CA VAL A 71 -3.15 -3.43 9.89
C VAL A 71 -3.86 -2.23 10.50
N SER A 72 -4.30 -1.32 9.64
CA SER A 72 -5.00 -0.12 10.10
C SER A 72 -6.37 -0.01 9.44
N LYS A 73 -7.37 -0.63 10.06
CA LYS A 73 -8.72 -0.62 9.53
C LYS A 73 -9.71 -0.20 10.62
N LYS B 1 -17.07 15.86 7.30
CA LYS B 1 -15.73 15.86 6.67
C LYS B 1 -14.84 14.76 7.23
N ARG B 2 -14.07 14.12 6.36
CA ARG B 2 -13.18 13.05 6.79
C ARG B 2 -13.96 11.91 7.43
N LYS B 3 -14.71 11.17 6.62
CA LYS B 3 -15.50 10.05 7.10
C LYS B 3 -15.09 8.74 6.43
N GLN B 4 -14.80 8.81 5.13
CA GLN B 4 -14.39 7.63 4.37
C GLN B 4 -12.96 7.24 4.70
N GLU B 5 -12.71 6.89 5.95
CA GLU B 5 -11.38 6.50 6.39
C GLU B 5 -11.15 5.00 6.15
N GLU B 6 -12.22 4.22 6.26
CA GLU B 6 -12.14 2.78 6.05
C GLU B 6 -12.18 2.44 4.56
N VAL B 7 -12.87 3.27 3.79
CA VAL B 7 -12.98 3.06 2.35
C VAL B 7 -11.63 3.17 1.67
N SER B 8 -10.77 4.04 2.20
CA SER B 8 -9.44 4.24 1.65
C SER B 8 -8.51 3.08 2.02
N ALA B 9 -8.79 2.45 3.15
CA ALA B 9 -7.98 1.33 3.62
C ALA B 9 -8.24 0.08 2.80
N ILE B 10 -9.52 -0.24 2.59
CA ILE B 10 -9.90 -1.42 1.82
C ILE B 10 -9.31 -1.37 0.42
N VAL B 11 -9.08 -0.17 -0.09
CA VAL B 11 -8.52 0.00 -1.43
C VAL B 11 -7.12 -0.59 -1.51
N ILE B 12 -6.30 -0.30 -0.51
CA ILE B 12 -4.93 -0.80 -0.48
C ILE B 12 -4.91 -2.30 -0.19
N GLN B 13 -5.84 -2.76 0.63
CA GLN B 13 -5.92 -4.17 1.00
C GLN B 13 -6.36 -5.01 -0.19
N ARG B 14 -7.36 -4.52 -0.92
CA ARG B 14 -7.88 -5.22 -2.09
C ARG B 14 -6.79 -5.43 -3.13
N ALA B 15 -5.99 -4.39 -3.35
CA ALA B 15 -4.90 -4.46 -4.33
C ALA B 15 -3.84 -5.46 -3.91
N TYR B 16 -3.48 -5.43 -2.62
CA TYR B 16 -2.47 -6.34 -2.09
C TYR B 16 -3.01 -7.77 -2.03
N ARG B 17 -4.31 -7.91 -1.82
CA ARG B 17 -4.94 -9.21 -1.74
C ARG B 17 -4.74 -10.00 -3.04
N ARG B 18 -4.71 -9.28 -4.15
CA ARG B 18 -4.52 -9.91 -5.46
C ARG B 18 -3.08 -10.39 -5.63
N TYR B 19 -2.14 -9.64 -5.05
CA TYR B 19 -0.73 -9.98 -5.15
C TYR B 19 -0.45 -11.31 -4.44
N LEU B 20 -1.03 -11.47 -3.26
CA LEU B 20 -0.84 -12.69 -2.49
C LEU B 20 -1.59 -13.85 -3.11
N LEU B 21 -2.79 -13.58 -3.63
CA LEU B 21 -3.61 -14.61 -4.26
C LEU B 21 -2.88 -15.23 -5.45
N LYS B 22 -2.06 -14.43 -6.12
CA LYS B 22 -1.30 -14.91 -7.27
C LYS B 22 -0.12 -15.77 -6.83
N GLN B 23 0.43 -15.46 -5.66
CA GLN B 23 1.56 -16.21 -5.12
C GLN B 23 1.09 -17.43 -4.35
N LYS B 24 -0.08 -17.31 -3.72
CA LYS B 24 -0.64 -18.41 -2.94
C LYS B 24 -1.34 -19.42 -3.84
N VAL B 25 -1.27 -20.69 -3.45
CA VAL B 25 -1.89 -21.76 -4.22
C VAL B 25 -2.63 -22.75 -3.32
N LYS B 26 -1.96 -23.16 -2.25
CA LYS B 26 -2.56 -24.11 -1.30
C LYS B 26 -2.24 -23.70 0.13
N LYS B 27 -3.19 -23.97 1.03
CA LYS B 27 -3.02 -23.64 2.44
C LYS B 27 -4.05 -24.36 3.31
N MET A 1 -8.06 -10.96 12.23
CA MET A 1 -7.31 -10.31 11.12
C MET A 1 -5.86 -10.76 11.08
N LYS A 2 -5.45 -11.33 9.96
CA LYS A 2 -4.07 -11.81 9.80
C LYS A 2 -3.33 -10.99 8.74
N GLU A 3 -2.41 -10.16 9.19
CA GLU A 3 -1.62 -9.32 8.28
C GLU A 3 -0.20 -9.13 8.80
N GLN A 4 -0.08 -8.81 10.09
CA GLN A 4 1.22 -8.60 10.70
C GLN A 4 2.12 -9.81 10.51
N ASP A 5 1.52 -10.99 10.39
CA ASP A 5 2.27 -12.22 10.20
C ASP A 5 2.71 -12.38 8.75
N SER A 6 2.31 -11.45 7.90
CA SER A 6 2.67 -11.49 6.49
C SER A 6 3.99 -10.77 6.22
N GLU A 7 4.70 -10.42 7.29
CA GLU A 7 5.98 -9.72 7.18
C GLU A 7 6.85 -10.32 6.07
N GLU A 8 6.70 -11.62 5.85
CA GLU A 8 7.48 -12.31 4.82
C GLU A 8 6.94 -11.99 3.43
N GLU A 9 5.63 -11.79 3.34
CA GLU A 9 4.99 -11.47 2.07
C GLU A 9 4.93 -9.96 1.86
N LEU A 10 4.43 -9.25 2.87
CA LEU A 10 4.31 -7.79 2.80
C LEU A 10 5.65 -7.15 2.43
N ILE A 11 6.74 -7.75 2.91
CA ILE A 11 8.08 -7.24 2.63
C ILE A 11 8.36 -7.25 1.14
N GLU A 12 7.83 -8.25 0.44
CA GLU A 12 8.03 -8.38 -1.00
C GLU A 12 7.32 -7.25 -1.74
N ALA A 13 6.21 -6.79 -1.18
CA ALA A 13 5.44 -5.71 -1.80
C ALA A 13 6.21 -4.39 -1.74
N PHE A 14 6.96 -4.19 -0.67
CA PHE A 14 7.75 -2.97 -0.50
C PHE A 14 8.75 -2.80 -1.64
N LYS A 15 9.41 -3.89 -2.01
CA LYS A 15 10.39 -3.86 -3.10
C LYS A 15 9.75 -3.41 -4.40
N VAL A 16 8.67 -4.09 -4.78
CA VAL A 16 7.96 -3.75 -6.02
C VAL A 16 7.39 -2.34 -5.96
N PHE A 17 6.87 -1.96 -4.79
CA PHE A 17 6.29 -0.64 -4.61
C PHE A 17 7.34 0.45 -4.78
N ASP A 18 8.55 0.17 -4.29
CA ASP A 18 9.65 1.14 -4.38
C ASP A 18 10.27 1.11 -5.78
N ARG A 19 9.76 1.96 -6.67
CA ARG A 19 10.26 2.04 -8.03
C ARG A 19 11.70 2.54 -8.05
N ASP A 20 11.98 3.53 -7.22
CA ASP A 20 13.32 4.10 -7.14
C ASP A 20 14.28 3.16 -6.41
N GLY A 21 13.73 2.24 -5.63
CA GLY A 21 14.56 1.30 -4.90
C GLY A 21 15.41 1.98 -3.84
N ASN A 22 14.93 3.11 -3.33
CA ASN A 22 15.65 3.85 -2.30
C ASN A 22 15.14 3.50 -0.90
N GLY A 23 13.91 3.00 -0.83
CA GLY A 23 13.34 2.64 0.46
C GLY A 23 12.20 3.55 0.86
N LEU A 24 11.57 4.18 -0.13
CA LEU A 24 10.46 5.09 0.14
C LEU A 24 9.43 5.03 -0.99
N ILE A 25 8.16 5.18 -0.62
CA ILE A 25 7.08 5.15 -1.60
C ILE A 25 6.37 6.49 -1.69
N SER A 26 6.53 7.16 -2.83
CA SER A 26 5.91 8.47 -3.03
C SER A 26 4.50 8.32 -3.62
N ALA A 27 3.84 9.45 -3.86
CA ALA A 27 2.49 9.43 -4.42
C ALA A 27 2.51 9.02 -5.88
N ALA A 28 3.57 9.41 -6.59
CA ALA A 28 3.72 9.08 -8.00
C ALA A 28 3.99 7.59 -8.20
N GLU A 29 4.65 6.99 -7.22
CA GLU A 29 4.98 5.56 -7.28
C GLU A 29 3.77 4.71 -6.91
N LEU A 30 2.94 5.23 -6.02
CA LEU A 30 1.74 4.51 -5.58
C LEU A 30 0.69 4.48 -6.69
N ARG A 31 0.58 5.57 -7.43
CA ARG A 31 -0.39 5.65 -8.52
C ARG A 31 0.09 4.86 -9.74
N HIS A 32 1.41 4.76 -9.90
CA HIS A 32 1.99 4.04 -11.03
C HIS A 32 1.82 2.54 -10.85
N VAL A 33 1.99 2.06 -9.62
CA VAL A 33 1.85 0.63 -9.33
C VAL A 33 0.39 0.24 -9.16
N MET A 34 -0.42 1.18 -8.69
CA MET A 34 -1.84 0.94 -8.48
C MET A 34 -2.58 0.85 -9.81
N THR A 35 -2.26 1.76 -10.73
CA THR A 35 -2.90 1.78 -12.03
C THR A 35 -2.66 0.47 -12.78
N ASN A 36 -1.46 -0.09 -12.61
CA ASN A 36 -1.10 -1.35 -13.27
C ASN A 36 -1.76 -2.53 -12.57
N LEU A 37 -1.79 -2.48 -11.24
CA LEU A 37 -2.39 -3.55 -10.45
C LEU A 37 -3.90 -3.66 -10.71
N GLY A 38 -4.49 -2.58 -11.21
CA GLY A 38 -5.91 -2.57 -11.49
C GLY A 38 -6.69 -1.71 -10.51
N GLU A 39 -6.21 -0.50 -10.29
CA GLU A 39 -6.88 0.42 -9.36
C GLU A 39 -6.87 1.85 -9.90
N LYS A 40 -8.02 2.50 -9.88
CA LYS A 40 -8.14 3.87 -10.38
C LYS A 40 -8.30 4.84 -9.21
N LEU A 41 -7.34 5.76 -9.08
CA LEU A 41 -7.38 6.75 -8.02
C LEU A 41 -6.75 8.07 -8.47
N THR A 42 -7.43 9.17 -8.20
CA THR A 42 -6.94 10.49 -8.57
C THR A 42 -5.73 10.88 -7.73
N ASP A 43 -5.11 12.00 -8.10
CA ASP A 43 -3.94 12.48 -7.38
C ASP A 43 -4.28 12.77 -5.92
N ASP A 44 -5.40 13.43 -5.69
CA ASP A 44 -5.84 13.77 -4.35
C ASP A 44 -6.05 12.51 -3.52
N GLU A 45 -6.66 11.49 -4.13
CA GLU A 45 -6.92 10.23 -3.45
C GLU A 45 -5.62 9.58 -3.00
N VAL A 46 -4.56 9.80 -3.77
CA VAL A 46 -3.25 9.23 -3.45
C VAL A 46 -2.60 9.97 -2.29
N ASP A 47 -2.59 11.29 -2.36
CA ASP A 47 -2.00 12.11 -1.31
C ASP A 47 -2.68 11.87 0.03
N GLU A 48 -3.97 11.52 -0.02
CA GLU A 48 -4.74 11.26 1.19
C GLU A 48 -4.40 9.88 1.74
N MET A 49 -4.19 8.92 0.85
CA MET A 49 -3.87 7.56 1.26
C MET A 49 -2.50 7.50 1.94
N ILE A 50 -1.57 8.31 1.46
CA ILE A 50 -0.23 8.34 2.03
C ILE A 50 -0.22 9.06 3.38
N ARG A 51 -0.92 10.19 3.44
CA ARG A 51 -0.99 10.97 4.67
C ARG A 51 -1.62 10.16 5.80
N GLU A 52 -2.47 9.20 5.44
CA GLU A 52 -3.14 8.36 6.43
C GLU A 52 -2.21 7.24 6.90
N ALA A 53 -1.32 6.80 6.01
CA ALA A 53 -0.38 5.73 6.34
C ALA A 53 0.91 6.29 6.91
N ASP A 54 1.28 7.49 6.49
CA ASP A 54 2.49 8.13 6.97
C ASP A 54 2.37 8.54 8.42
N ILE A 55 3.13 7.88 9.29
CA ILE A 55 3.10 8.17 10.72
C ILE A 55 4.03 9.33 11.06
N ASP A 56 5.09 9.48 10.27
CA ASP A 56 6.06 10.56 10.49
C ASP A 56 5.65 11.82 9.73
N GLY A 57 4.81 11.66 8.71
CA GLY A 57 4.36 12.80 7.93
C GLY A 57 5.42 13.28 6.97
N ASP A 58 6.29 12.38 6.53
CA ASP A 58 7.36 12.72 5.61
C ASP A 58 6.86 12.74 4.16
N GLY A 59 5.74 12.07 3.93
CA GLY A 59 5.18 12.02 2.59
C GLY A 59 5.28 10.65 1.96
N HIS A 60 6.25 9.85 2.42
CA HIS A 60 6.46 8.51 1.89
C HIS A 60 6.08 7.46 2.94
N ILE A 61 5.59 6.32 2.46
CA ILE A 61 5.18 5.23 3.35
C ILE A 61 6.34 4.26 3.58
N ASN A 62 7.12 4.51 4.62
CA ASN A 62 8.24 3.65 4.96
C ASN A 62 7.78 2.24 5.28
N TYR A 63 8.70 1.28 5.20
CA TYR A 63 8.38 -0.12 5.49
C TYR A 63 7.77 -0.27 6.87
N GLU A 64 8.19 0.59 7.79
CA GLU A 64 7.69 0.56 9.16
C GLU A 64 6.19 0.85 9.19
N GLU A 65 5.82 2.06 8.80
CA GLU A 65 4.41 2.47 8.79
C GLU A 65 3.62 1.65 7.77
N PHE A 66 4.31 1.14 6.76
CA PHE A 66 3.65 0.34 5.72
C PHE A 66 2.93 -0.85 6.32
N VAL A 67 3.62 -1.58 7.19
CA VAL A 67 3.04 -2.74 7.84
C VAL A 67 1.85 -2.36 8.72
N ARG A 68 1.97 -1.23 9.40
CA ARG A 68 0.91 -0.74 10.27
C ARG A 68 -0.37 -0.49 9.48
N MET A 69 -0.20 0.05 8.27
CA MET A 69 -1.34 0.35 7.40
C MET A 69 -2.13 -0.92 7.08
N MET A 70 -1.41 -2.03 6.92
CA MET A 70 -2.04 -3.31 6.62
C MET A 70 -2.99 -3.74 7.75
N VAL A 71 -2.63 -3.38 8.97
CA VAL A 71 -3.43 -3.72 10.14
C VAL A 71 -4.09 -2.48 10.73
N SER A 72 -4.38 -1.50 9.88
CA SER A 72 -5.02 -0.26 10.32
C SER A 72 -6.48 -0.22 9.89
N LYS A 73 -7.38 -0.48 10.85
CA LYS A 73 -8.81 -0.46 10.57
C LYS A 73 -9.44 0.87 10.98
N LYS B 1 -16.50 18.67 8.62
CA LYS B 1 -15.38 17.75 8.29
C LYS B 1 -15.71 16.32 8.68
N ARG B 2 -15.27 15.37 7.85
CA ARG B 2 -15.51 13.95 8.11
C ARG B 2 -14.27 13.13 7.84
N LYS B 3 -14.29 11.88 8.30
CA LYS B 3 -13.15 10.98 8.10
C LYS B 3 -13.54 9.81 7.21
N GLN B 4 -12.56 9.29 6.46
CA GLN B 4 -12.81 8.17 5.56
C GLN B 4 -11.57 7.26 5.49
N GLU B 5 -11.00 6.96 6.65
CA GLU B 5 -9.82 6.10 6.72
C GLU B 5 -10.18 4.65 6.45
N GLU B 6 -11.37 4.24 6.91
CA GLU B 6 -11.83 2.88 6.72
C GLU B 6 -11.91 2.53 5.23
N VAL B 7 -12.71 3.28 4.49
CA VAL B 7 -12.88 3.06 3.06
C VAL B 7 -11.54 3.15 2.33
N SER B 8 -10.65 3.99 2.86
CA SER B 8 -9.34 4.17 2.24
C SER B 8 -8.45 2.95 2.48
N ALA B 9 -8.65 2.29 3.62
CA ALA B 9 -7.87 1.10 3.96
C ALA B 9 -8.29 -0.09 3.13
N ILE B 10 -9.57 -0.13 2.76
CA ILE B 10 -10.11 -1.22 1.96
C ILE B 10 -9.56 -1.20 0.54
N VAL B 11 -9.43 0.01 -0.01
CA VAL B 11 -8.92 0.17 -1.37
C VAL B 11 -7.51 -0.40 -1.50
N ILE B 12 -6.67 -0.10 -0.52
CA ILE B 12 -5.30 -0.59 -0.53
C ILE B 12 -5.23 -2.08 -0.20
N GLN B 13 -6.16 -2.54 0.63
CA GLN B 13 -6.21 -3.94 1.02
C GLN B 13 -6.73 -4.81 -0.13
N ARG B 14 -7.66 -4.27 -0.89
CA ARG B 14 -8.24 -4.99 -2.02
C ARG B 14 -7.23 -5.16 -3.14
N ALA B 15 -6.55 -4.06 -3.49
CA ALA B 15 -5.56 -4.09 -4.56
C ALA B 15 -4.44 -5.07 -4.23
N TYR B 16 -4.16 -5.26 -2.94
CA TYR B 16 -3.11 -6.16 -2.51
C TYR B 16 -3.61 -7.61 -2.50
N ARG B 17 -4.90 -7.78 -2.25
CA ARG B 17 -5.51 -9.11 -2.20
C ARG B 17 -5.33 -9.83 -3.54
N ARG B 18 -5.38 -9.07 -4.62
CA ARG B 18 -5.22 -9.64 -5.96
C ARG B 18 -3.76 -9.98 -6.24
N TYR B 19 -2.86 -9.20 -5.65
CA TYR B 19 -1.43 -9.41 -5.84
C TYR B 19 -0.98 -10.70 -5.16
N LEU B 20 -1.64 -11.05 -4.07
CA LEU B 20 -1.30 -12.26 -3.32
C LEU B 20 -2.01 -13.48 -3.91
N LEU B 21 -3.19 -13.26 -4.46
CA LEU B 21 -3.97 -14.35 -5.07
C LEU B 21 -3.26 -14.90 -6.30
N LYS B 22 -2.65 -14.01 -7.08
CA LYS B 22 -1.94 -14.41 -8.29
C LYS B 22 -0.66 -15.17 -7.94
N GLN B 23 0.07 -14.67 -6.94
CA GLN B 23 1.31 -15.29 -6.50
C GLN B 23 1.07 -16.27 -5.35
N LYS B 24 -0.19 -16.62 -5.13
CA LYS B 24 -0.54 -17.55 -4.06
C LYS B 24 -0.11 -17.01 -2.70
N VAL B 25 -0.38 -17.77 -1.65
CA VAL B 25 -0.01 -17.37 -0.30
C VAL B 25 1.28 -18.05 0.14
N LYS B 26 1.51 -19.25 -0.36
CA LYS B 26 2.71 -20.01 -0.02
C LYS B 26 3.51 -20.36 -1.27
N LYS B 27 4.82 -20.13 -1.21
CA LYS B 27 5.70 -20.42 -2.33
C LYS B 27 7.17 -20.47 -1.89
N MET A 1 -7.88 -12.55 11.89
CA MET A 1 -7.04 -11.44 11.38
C MET A 1 -5.59 -11.58 11.82
N LYS A 2 -4.68 -11.65 10.86
CA LYS A 2 -3.26 -11.80 11.15
C LYS A 2 -2.42 -11.38 9.95
N GLU A 3 -1.97 -10.12 9.96
CA GLU A 3 -1.15 -9.60 8.86
C GLU A 3 0.29 -9.39 9.32
N GLN A 4 0.47 -9.10 10.61
CA GLN A 4 1.79 -8.87 11.18
C GLN A 4 2.71 -10.08 10.93
N ASP A 5 2.10 -11.26 10.82
CA ASP A 5 2.86 -12.48 10.58
C ASP A 5 3.26 -12.61 9.11
N SER A 6 2.84 -11.67 8.29
CA SER A 6 3.15 -11.70 6.86
C SER A 6 4.48 -11.01 6.58
N GLU A 7 5.24 -10.70 7.63
CA GLU A 7 6.53 -10.03 7.48
C GLU A 7 7.35 -10.64 6.36
N GLU A 8 7.16 -11.94 6.12
CA GLU A 8 7.88 -12.64 5.06
C GLU A 8 7.32 -12.28 3.69
N GLU A 9 6.01 -12.05 3.62
CA GLU A 9 5.36 -11.70 2.38
C GLU A 9 5.33 -10.17 2.19
N LEU A 10 4.88 -9.47 3.22
CA LEU A 10 4.80 -8.01 3.17
C LEU A 10 6.13 -7.40 2.76
N ILE A 11 7.22 -8.08 3.10
CA ILE A 11 8.56 -7.61 2.76
C ILE A 11 8.78 -7.60 1.26
N GLU A 12 8.13 -8.53 0.56
CA GLU A 12 8.26 -8.63 -0.89
C GLU A 12 7.50 -7.51 -1.59
N ALA A 13 6.42 -7.05 -0.97
CA ALA A 13 5.61 -5.98 -1.54
C ALA A 13 6.30 -4.64 -1.41
N PHE A 14 7.17 -4.50 -0.41
CA PHE A 14 7.90 -3.26 -0.19
C PHE A 14 8.96 -3.04 -1.27
N LYS A 15 9.54 -4.14 -1.75
CA LYS A 15 10.57 -4.05 -2.78
C LYS A 15 9.95 -3.80 -4.15
N VAL A 16 8.87 -4.51 -4.45
CA VAL A 16 8.18 -4.37 -5.73
C VAL A 16 7.52 -2.99 -5.85
N PHE A 17 7.12 -2.43 -4.71
CA PHE A 17 6.48 -1.12 -4.69
C PHE A 17 7.39 -0.05 -5.27
N ASP A 18 8.45 0.28 -4.54
CA ASP A 18 9.40 1.28 -5.00
C ASP A 18 10.36 0.71 -6.03
N ARG A 19 9.92 0.70 -7.29
CA ARG A 19 10.73 0.18 -8.38
C ARG A 19 12.01 0.99 -8.55
N ASP A 20 11.93 2.28 -8.20
CA ASP A 20 13.08 3.17 -8.30
C ASP A 20 14.16 2.81 -7.29
N GLY A 21 13.78 2.08 -6.24
CA GLY A 21 14.74 1.70 -5.23
C GLY A 21 14.99 2.81 -4.24
N ASN A 22 13.99 3.66 -4.05
CA ASN A 22 14.10 4.79 -3.14
C ASN A 22 13.90 4.35 -1.68
N GLY A 23 13.23 3.21 -1.50
CA GLY A 23 12.98 2.71 -0.16
C GLY A 23 11.72 3.30 0.46
N LEU A 24 11.18 4.34 -0.16
CA LEU A 24 9.98 4.99 0.33
C LEU A 24 8.98 5.23 -0.79
N ILE A 25 7.74 4.83 -0.59
CA ILE A 25 6.70 5.01 -1.59
C ILE A 25 6.09 6.41 -1.51
N SER A 26 6.23 7.17 -2.59
CA SER A 26 5.69 8.52 -2.64
C SER A 26 4.30 8.54 -3.29
N ALA A 27 3.72 9.73 -3.40
CA ALA A 27 2.40 9.88 -4.00
C ALA A 27 2.44 9.58 -5.50
N ALA A 28 3.51 10.04 -6.15
CA ALA A 28 3.66 9.83 -7.59
C ALA A 28 3.93 8.37 -7.91
N GLU A 29 4.76 7.74 -7.08
CA GLU A 29 5.11 6.33 -7.28
C GLU A 29 3.87 5.45 -7.19
N LEU A 30 3.26 5.42 -6.00
CA LEU A 30 2.07 4.61 -5.77
C LEU A 30 0.99 4.90 -6.82
N ARG A 31 1.04 6.10 -7.39
CA ARG A 31 0.07 6.49 -8.41
C ARG A 31 0.10 5.53 -9.61
N HIS A 32 1.30 5.14 -10.02
CA HIS A 32 1.46 4.23 -11.15
C HIS A 32 1.33 2.77 -10.71
N VAL A 33 1.67 2.50 -9.45
CA VAL A 33 1.60 1.15 -8.92
C VAL A 33 0.14 0.70 -8.77
N MET A 34 -0.73 1.65 -8.46
CA MET A 34 -2.15 1.35 -8.29
C MET A 34 -2.83 1.14 -9.64
N THR A 35 -2.36 1.88 -10.65
CA THR A 35 -2.92 1.78 -12.00
C THR A 35 -2.52 0.46 -12.65
N ASN A 36 -1.26 0.06 -12.46
CA ASN A 36 -0.74 -1.17 -13.02
C ASN A 36 -1.44 -2.38 -12.40
N LEU A 37 -1.61 -2.35 -11.09
CA LEU A 37 -2.26 -3.44 -10.38
C LEU A 37 -3.71 -3.61 -10.82
N GLY A 38 -4.28 -2.55 -11.39
CA GLY A 38 -5.65 -2.62 -11.85
C GLY A 38 -6.58 -1.78 -11.01
N GLU A 39 -6.19 -0.53 -10.75
CA GLU A 39 -7.00 0.37 -9.94
C GLU A 39 -6.62 1.82 -10.22
N LYS A 40 -7.55 2.58 -10.80
CA LYS A 40 -7.32 3.98 -11.12
C LYS A 40 -7.52 4.85 -9.89
N LEU A 41 -6.60 5.79 -9.67
CA LEU A 41 -6.69 6.69 -8.53
C LEU A 41 -6.18 8.09 -8.90
N THR A 42 -6.70 9.10 -8.23
CA THR A 42 -6.30 10.48 -8.48
C THR A 42 -5.15 10.89 -7.57
N ASP A 43 -4.50 12.00 -7.90
CA ASP A 43 -3.39 12.50 -7.11
C ASP A 43 -3.82 12.78 -5.68
N ASP A 44 -5.07 13.20 -5.51
CA ASP A 44 -5.60 13.51 -4.19
C ASP A 44 -5.95 12.23 -3.43
N GLU A 45 -6.45 11.24 -4.16
CA GLU A 45 -6.82 9.96 -3.56
C GLU A 45 -5.60 9.27 -2.96
N VAL A 46 -4.51 9.24 -3.72
CA VAL A 46 -3.28 8.61 -3.26
C VAL A 46 -2.71 9.32 -2.05
N ASP A 47 -2.70 10.65 -2.09
CA ASP A 47 -2.17 11.45 -1.00
C ASP A 47 -2.95 11.18 0.29
N GLU A 48 -4.25 10.93 0.16
CA GLU A 48 -5.09 10.65 1.30
C GLU A 48 -4.70 9.34 1.97
N MET A 49 -4.22 8.40 1.16
CA MET A 49 -3.81 7.09 1.68
C MET A 49 -2.44 7.18 2.35
N ILE A 50 -1.58 8.03 1.82
CA ILE A 50 -0.24 8.20 2.36
C ILE A 50 -0.28 8.95 3.69
N ARG A 51 -1.08 10.02 3.72
CA ARG A 51 -1.21 10.83 4.94
C ARG A 51 -1.70 9.98 6.11
N GLU A 52 -2.67 9.11 5.84
CA GLU A 52 -3.22 8.25 6.87
C GLU A 52 -2.15 7.30 7.41
N ALA A 53 -1.21 6.93 6.54
CA ALA A 53 -0.13 6.02 6.93
C ALA A 53 1.21 6.75 6.97
N ASP A 54 1.17 8.03 7.33
CA ASP A 54 2.38 8.83 7.42
C ASP A 54 2.71 9.18 8.87
N ILE A 55 3.60 8.39 9.47
CA ILE A 55 4.01 8.61 10.85
C ILE A 55 5.01 9.76 10.95
N ASP A 56 5.84 9.92 9.93
CA ASP A 56 6.84 10.97 9.91
C ASP A 56 6.24 12.29 9.41
N GLY A 57 5.12 12.20 8.70
CA GLY A 57 4.47 13.39 8.19
C GLY A 57 5.30 14.07 7.12
N ASP A 58 6.00 13.28 6.31
CA ASP A 58 6.83 13.81 5.24
C ASP A 58 6.20 13.55 3.87
N GLY A 59 5.30 12.57 3.81
CA GLY A 59 4.66 12.24 2.55
C GLY A 59 5.25 11.01 1.90
N HIS A 60 5.65 10.04 2.72
CA HIS A 60 6.23 8.80 2.22
C HIS A 60 5.78 7.61 3.05
N ILE A 61 5.80 6.43 2.44
CA ILE A 61 5.39 5.20 3.12
C ILE A 61 6.56 4.23 3.25
N ASN A 62 6.94 3.94 4.49
CA ASN A 62 8.05 3.02 4.75
C ASN A 62 7.53 1.66 5.18
N TYR A 63 8.44 0.72 5.38
CA TYR A 63 8.08 -0.63 5.81
C TYR A 63 7.35 -0.60 7.15
N GLU A 64 7.77 0.32 8.02
CA GLU A 64 7.15 0.45 9.33
C GLU A 64 5.75 1.04 9.22
N GLU A 65 5.56 1.91 8.24
CA GLU A 65 4.26 2.55 8.02
C GLU A 65 3.34 1.64 7.21
N PHE A 66 3.93 0.91 6.26
CA PHE A 66 3.15 0.00 5.42
C PHE A 66 2.44 -1.05 6.25
N VAL A 67 3.14 -1.56 7.27
CA VAL A 67 2.57 -2.58 8.15
C VAL A 67 1.43 -2.01 8.98
N ARG A 68 1.58 -0.76 9.40
CA ARG A 68 0.56 -0.09 10.22
C ARG A 68 -0.76 -0.02 9.47
N MET A 69 -0.69 0.32 8.19
CA MET A 69 -1.89 0.42 7.36
C MET A 69 -2.54 -0.95 7.17
N MET A 70 -1.72 -1.97 6.97
CA MET A 70 -2.21 -3.32 6.77
C MET A 70 -2.96 -3.81 8.00
N VAL A 71 -2.40 -3.56 9.17
CA VAL A 71 -3.02 -3.97 10.42
C VAL A 71 -3.65 -2.78 11.15
N SER A 72 -4.13 -1.82 10.37
CA SER A 72 -4.76 -0.63 10.94
C SER A 72 -6.12 -0.97 11.53
N LYS A 73 -6.48 -0.30 12.61
CA LYS A 73 -7.75 -0.52 13.28
C LYS A 73 -8.58 0.75 13.32
N LYS B 1 -16.99 13.65 2.20
CA LYS B 1 -17.45 12.36 2.74
C LYS B 1 -17.12 12.23 4.21
N ARG B 2 -17.68 11.21 4.87
CA ARG B 2 -17.44 10.97 6.28
C ARG B 2 -16.42 9.85 6.48
N LYS B 3 -15.37 10.15 7.26
CA LYS B 3 -14.32 9.17 7.53
C LYS B 3 -13.57 8.80 6.25
N GLN B 4 -14.19 7.96 5.42
CA GLN B 4 -13.59 7.54 4.17
C GLN B 4 -12.29 6.76 4.43
N GLU B 5 -12.23 6.10 5.58
CA GLU B 5 -11.05 5.32 5.95
C GLU B 5 -11.23 3.86 5.53
N GLU B 6 -12.44 3.34 5.66
CA GLU B 6 -12.73 1.96 5.29
C GLU B 6 -12.69 1.78 3.77
N VAL B 7 -13.19 2.77 3.06
CA VAL B 7 -13.21 2.72 1.60
C VAL B 7 -11.80 2.62 1.03
N SER B 8 -10.90 3.46 1.53
CA SER B 8 -9.52 3.46 1.08
C SER B 8 -8.79 2.20 1.55
N ALA B 9 -9.21 1.67 2.69
CA ALA B 9 -8.61 0.46 3.24
C ALA B 9 -8.86 -0.75 2.35
N ILE B 10 -10.08 -0.85 1.83
CA ILE B 10 -10.45 -1.96 0.96
C ILE B 10 -9.64 -1.94 -0.33
N VAL B 11 -9.29 -0.74 -0.78
CA VAL B 11 -8.51 -0.59 -2.01
C VAL B 11 -7.17 -1.32 -1.91
N ILE B 12 -6.44 -1.07 -0.84
CA ILE B 12 -5.15 -1.71 -0.62
C ILE B 12 -5.32 -3.16 -0.19
N GLN B 13 -6.35 -3.42 0.62
CA GLN B 13 -6.62 -4.76 1.11
C GLN B 13 -6.99 -5.69 -0.05
N ARG B 14 -7.94 -5.26 -0.87
CA ARG B 14 -8.38 -6.06 -2.01
C ARG B 14 -7.27 -6.19 -3.04
N ALA B 15 -6.68 -5.07 -3.42
CA ALA B 15 -5.60 -5.05 -4.41
C ALA B 15 -4.44 -5.92 -3.96
N TYR B 16 -4.20 -5.95 -2.65
CA TYR B 16 -3.11 -6.74 -2.09
C TYR B 16 -3.53 -8.19 -1.90
N ARG B 17 -4.83 -8.40 -1.69
CA ARG B 17 -5.36 -9.75 -1.49
C ARG B 17 -5.02 -10.66 -2.68
N ARG B 18 -4.93 -10.06 -3.86
CA ARG B 18 -4.61 -10.81 -5.08
C ARG B 18 -3.11 -11.00 -5.21
N TYR B 19 -2.34 -9.97 -4.85
CA TYR B 19 -0.88 -10.03 -4.93
C TYR B 19 -0.33 -11.09 -3.98
N LEU B 20 -0.99 -11.25 -2.84
CA LEU B 20 -0.56 -12.22 -1.84
C LEU B 20 -0.95 -13.64 -2.27
N LEU B 21 -2.16 -13.79 -2.79
CA LEU B 21 -2.65 -15.09 -3.23
C LEU B 21 -1.89 -15.55 -4.47
N LYS B 22 -1.71 -14.64 -5.43
CA LYS B 22 -1.01 -14.97 -6.66
C LYS B 22 0.45 -15.32 -6.38
N GLN B 23 1.02 -14.69 -5.35
CA GLN B 23 2.40 -14.96 -4.98
C GLN B 23 2.56 -16.36 -4.40
N LYS B 24 1.51 -16.85 -3.74
CA LYS B 24 1.55 -18.18 -3.16
C LYS B 24 1.00 -19.22 -4.13
N VAL B 25 -0.30 -19.12 -4.44
CA VAL B 25 -0.93 -20.05 -5.36
C VAL B 25 -2.11 -19.40 -6.08
N LYS B 26 -2.29 -19.75 -7.34
CA LYS B 26 -3.38 -19.19 -8.14
C LYS B 26 -3.81 -20.17 -9.22
N LYS B 27 -5.11 -20.47 -9.23
CA LYS B 27 -5.67 -21.40 -10.21
C LYS B 27 -5.61 -20.81 -11.62
N MET A 1 -3.14 -15.04 6.14
CA MET A 1 -4.26 -14.86 7.11
C MET A 1 -3.94 -13.76 8.11
N LYS A 2 -2.66 -13.60 8.43
CA LYS A 2 -2.23 -12.58 9.37
C LYS A 2 -1.60 -11.40 8.65
N GLU A 3 -1.47 -10.27 9.36
CA GLU A 3 -0.89 -9.06 8.78
C GLU A 3 0.47 -8.78 9.40
N GLN A 4 0.64 -9.14 10.67
CA GLN A 4 1.89 -8.91 11.38
C GLN A 4 2.86 -10.06 11.14
N ASP A 5 2.33 -11.26 10.93
CA ASP A 5 3.15 -12.44 10.70
C ASP A 5 3.55 -12.54 9.23
N SER A 6 3.08 -11.61 8.40
CA SER A 6 3.39 -11.62 6.98
C SER A 6 4.69 -10.85 6.70
N GLU A 7 5.42 -10.50 7.75
CA GLU A 7 6.67 -9.75 7.61
C GLU A 7 7.53 -10.31 6.47
N GLU A 8 7.41 -11.62 6.23
CA GLU A 8 8.17 -12.27 5.18
C GLU A 8 7.60 -11.94 3.81
N GLU A 9 6.28 -11.78 3.74
CA GLU A 9 5.60 -11.46 2.50
C GLU A 9 5.49 -9.94 2.31
N LEU A 10 4.97 -9.26 3.34
CA LEU A 10 4.82 -7.82 3.30
C LEU A 10 6.13 -7.13 2.91
N ILE A 11 7.24 -7.72 3.33
CA ILE A 11 8.56 -7.16 3.03
C ILE A 11 8.82 -7.14 1.53
N GLU A 12 8.23 -8.11 0.82
CA GLU A 12 8.41 -8.21 -0.62
C GLU A 12 7.63 -7.11 -1.33
N ALA A 13 6.50 -6.72 -0.75
CA ALA A 13 5.67 -5.67 -1.33
C ALA A 13 6.33 -4.31 -1.22
N PHE A 14 7.15 -4.14 -0.19
CA PHE A 14 7.86 -2.88 0.02
C PHE A 14 8.97 -2.70 -1.00
N LYS A 15 9.56 -3.80 -1.44
CA LYS A 15 10.65 -3.77 -2.41
C LYS A 15 10.10 -3.59 -3.82
N VAL A 16 9.04 -4.34 -4.14
CA VAL A 16 8.43 -4.26 -5.46
C VAL A 16 7.72 -2.93 -5.67
N PHE A 17 7.30 -2.32 -4.58
CA PHE A 17 6.60 -1.03 -4.65
C PHE A 17 7.55 0.07 -5.10
N ASP A 18 8.78 0.04 -4.60
CA ASP A 18 9.77 1.04 -4.95
C ASP A 18 10.72 0.52 -6.02
N ARG A 19 10.25 0.50 -7.26
CA ARG A 19 11.05 0.02 -8.38
C ARG A 19 12.07 1.08 -8.80
N ASP A 20 11.76 2.34 -8.53
CA ASP A 20 12.65 3.44 -8.88
C ASP A 20 13.91 3.43 -8.01
N GLY A 21 13.86 2.69 -6.90
CA GLY A 21 15.01 2.63 -6.02
C GLY A 21 15.10 3.83 -5.10
N ASN A 22 13.94 4.38 -4.75
CA ASN A 22 13.87 5.55 -3.89
C ASN A 22 13.95 5.16 -2.41
N GLY A 23 13.61 3.90 -2.12
CA GLY A 23 13.65 3.43 -0.75
C GLY A 23 12.32 3.59 -0.03
N LEU A 24 11.56 4.60 -0.43
CA LEU A 24 10.25 4.87 0.16
C LEU A 24 9.19 5.06 -0.91
N ILE A 25 7.96 4.64 -0.62
CA ILE A 25 6.86 4.77 -1.56
C ILE A 25 6.34 6.20 -1.61
N SER A 26 6.66 6.90 -2.69
CA SER A 26 6.23 8.29 -2.86
C SER A 26 4.79 8.34 -3.38
N ALA A 27 4.31 9.54 -3.65
CA ALA A 27 2.96 9.73 -4.16
C ALA A 27 2.85 9.31 -5.62
N ALA A 28 3.97 9.41 -6.34
CA ALA A 28 4.00 9.03 -7.74
C ALA A 28 4.08 7.52 -7.91
N GLU A 29 4.70 6.85 -6.94
CA GLU A 29 4.84 5.40 -6.99
C GLU A 29 3.57 4.71 -6.53
N LEU A 30 2.83 5.36 -5.65
CA LEU A 30 1.57 4.81 -5.13
C LEU A 30 0.54 4.67 -6.25
N ARG A 31 0.46 5.68 -7.10
CA ARG A 31 -0.50 5.67 -8.21
C ARG A 31 0.01 4.80 -9.36
N HIS A 32 1.32 4.72 -9.51
CA HIS A 32 1.92 3.92 -10.57
C HIS A 32 1.67 2.44 -10.35
N VAL A 33 1.74 2.02 -9.09
CA VAL A 33 1.51 0.61 -8.74
C VAL A 33 0.02 0.29 -8.70
N MET A 34 -0.78 1.28 -8.34
CA MET A 34 -2.23 1.10 -8.25
C MET A 34 -2.85 1.02 -9.65
N THR A 35 -2.34 1.82 -10.57
CA THR A 35 -2.85 1.84 -11.94
C THR A 35 -2.54 0.53 -12.65
N ASN A 36 -1.38 -0.05 -12.35
CA ASN A 36 -0.98 -1.31 -12.95
C ASN A 36 -1.72 -2.49 -12.32
N LEU A 37 -2.01 -2.38 -11.04
CA LEU A 37 -2.72 -3.43 -10.31
C LEU A 37 -4.19 -3.48 -10.74
N GLY A 38 -4.69 -2.38 -11.29
CA GLY A 38 -6.07 -2.34 -11.74
C GLY A 38 -6.92 -1.43 -10.88
N GLU A 39 -6.39 -0.24 -10.57
CA GLU A 39 -7.12 0.71 -9.74
C GLU A 39 -6.79 2.14 -10.18
N LYS A 40 -7.82 2.93 -10.43
CA LYS A 40 -7.65 4.32 -10.86
C LYS A 40 -7.62 5.25 -9.66
N LEU A 41 -6.48 5.90 -9.44
CA LEU A 41 -6.32 6.83 -8.33
C LEU A 41 -5.84 8.19 -8.81
N THR A 42 -6.46 9.25 -8.29
CA THR A 42 -6.10 10.61 -8.67
C THR A 42 -4.95 11.12 -7.82
N ASP A 43 -4.38 12.26 -8.22
CA ASP A 43 -3.28 12.86 -7.49
C ASP A 43 -3.72 13.38 -6.13
N ASP A 44 -5.02 13.69 -6.02
CA ASP A 44 -5.58 14.20 -4.77
C ASP A 44 -6.02 13.05 -3.88
N GLU A 45 -6.54 11.99 -4.49
CA GLU A 45 -7.01 10.83 -3.75
C GLU A 45 -5.84 10.03 -3.19
N VAL A 46 -4.72 10.06 -3.91
CA VAL A 46 -3.52 9.34 -3.49
C VAL A 46 -2.87 10.02 -2.29
N ASP A 47 -2.99 11.34 -2.23
CA ASP A 47 -2.41 12.11 -1.14
C ASP A 47 -3.09 11.78 0.18
N GLU A 48 -4.38 11.50 0.12
CA GLU A 48 -5.15 11.17 1.32
C GLU A 48 -4.82 9.76 1.81
N MET A 49 -4.69 8.82 0.86
CA MET A 49 -4.38 7.45 1.20
C MET A 49 -3.03 7.34 1.91
N ILE A 50 -2.05 8.08 1.41
CA ILE A 50 -0.71 8.08 1.98
C ILE A 50 -0.69 8.82 3.32
N ARG A 51 -1.51 9.86 3.42
CA ARG A 51 -1.59 10.66 4.63
C ARG A 51 -1.99 9.81 5.83
N GLU A 52 -2.78 8.77 5.56
CA GLU A 52 -3.24 7.87 6.62
C GLU A 52 -2.15 6.86 6.98
N ALA A 53 -1.32 6.51 6.01
CA ALA A 53 -0.24 5.56 6.23
C ALA A 53 1.02 6.25 6.75
N ASP A 54 1.20 7.51 6.35
CA ASP A 54 2.36 8.29 6.78
C ASP A 54 2.17 8.81 8.20
N ILE A 55 2.71 8.08 9.17
CA ILE A 55 2.61 8.47 10.57
C ILE A 55 3.72 9.43 10.96
N ASP A 56 4.84 9.34 10.26
CA ASP A 56 5.98 10.21 10.54
C ASP A 56 5.92 11.50 9.72
N GLY A 57 4.78 11.74 9.06
CA GLY A 57 4.63 12.93 8.26
C GLY A 57 5.74 13.10 7.23
N ASP A 58 6.37 11.98 6.86
CA ASP A 58 7.45 12.01 5.89
C ASP A 58 6.90 12.13 4.47
N GLY A 59 5.64 11.77 4.29
CA GLY A 59 5.02 11.85 2.98
C GLY A 59 5.14 10.54 2.19
N HIS A 60 6.04 9.66 2.64
CA HIS A 60 6.25 8.38 1.98
C HIS A 60 5.89 7.23 2.90
N ILE A 61 5.68 6.05 2.32
CA ILE A 61 5.33 4.86 3.10
C ILE A 61 6.57 4.03 3.42
N ASN A 62 7.03 4.11 4.66
CA ASN A 62 8.20 3.36 5.09
C ASN A 62 7.83 1.93 5.48
N TYR A 63 8.83 1.11 5.74
CA TYR A 63 8.62 -0.28 6.12
C TYR A 63 7.74 -0.37 7.36
N GLU A 64 8.06 0.44 8.37
CA GLU A 64 7.30 0.44 9.61
C GLU A 64 5.89 0.98 9.38
N GLU A 65 5.77 1.97 8.49
CA GLU A 65 4.48 2.56 8.18
C GLU A 65 3.56 1.56 7.49
N PHE A 66 4.13 0.82 6.54
CA PHE A 66 3.37 -0.18 5.80
C PHE A 66 2.80 -1.24 6.73
N VAL A 67 3.53 -1.53 7.80
CA VAL A 67 3.09 -2.53 8.78
C VAL A 67 1.89 -2.02 9.56
N ARG A 68 1.99 -0.80 10.07
CA ARG A 68 0.91 -0.21 10.85
C ARG A 68 -0.35 -0.07 10.01
N MET A 69 -0.17 0.29 8.75
CA MET A 69 -1.31 0.46 7.83
C MET A 69 -1.91 -0.89 7.47
N MET A 70 -1.08 -1.91 7.36
CA MET A 70 -1.53 -3.25 7.02
C MET A 70 -2.44 -3.81 8.11
N VAL A 71 -1.97 -3.76 9.35
CA VAL A 71 -2.74 -4.26 10.48
C VAL A 71 -3.87 -3.30 10.86
N SER A 72 -3.68 -2.02 10.54
CA SER A 72 -4.68 -1.01 10.85
C SER A 72 -6.04 -1.38 10.26
N LYS A 73 -7.06 -1.39 11.12
CA LYS A 73 -8.42 -1.74 10.69
C LYS A 73 -8.47 -3.15 10.12
N LYS B 1 -20.53 11.59 6.16
CA LYS B 1 -19.76 10.32 6.16
C LYS B 1 -18.98 10.13 7.45
N ARG B 2 -18.71 8.89 7.81
CA ARG B 2 -17.98 8.59 9.04
C ARG B 2 -16.73 7.75 8.72
N LYS B 3 -16.91 6.69 7.95
CA LYS B 3 -15.80 5.82 7.58
C LYS B 3 -14.86 6.51 6.61
N GLN B 4 -13.64 6.79 7.07
CA GLN B 4 -12.65 7.46 6.24
C GLN B 4 -11.33 6.68 6.24
N GLU B 5 -10.89 6.27 7.42
CA GLU B 5 -9.65 5.52 7.55
C GLU B 5 -9.86 4.06 7.17
N GLU B 6 -10.97 3.49 7.61
CA GLU B 6 -11.29 2.10 7.32
C GLU B 6 -11.38 1.87 5.82
N VAL B 7 -11.99 2.81 5.10
CA VAL B 7 -12.14 2.70 3.66
C VAL B 7 -10.78 2.62 2.97
N SER B 8 -9.88 3.53 3.34
CA SER B 8 -8.55 3.55 2.75
C SER B 8 -7.80 2.25 3.03
N ALA B 9 -8.11 1.62 4.17
CA ALA B 9 -7.47 0.36 4.53
C ALA B 9 -7.88 -0.76 3.60
N ILE B 10 -9.12 -0.70 3.12
CA ILE B 10 -9.64 -1.72 2.21
C ILE B 10 -9.00 -1.61 0.82
N VAL B 11 -8.79 -0.37 0.38
CA VAL B 11 -8.19 -0.12 -0.93
C VAL B 11 -6.79 -0.74 -1.01
N ILE B 12 -6.03 -0.63 0.07
CA ILE B 12 -4.69 -1.18 0.12
C ILE B 12 -4.71 -2.68 0.38
N GLN B 13 -5.73 -3.14 1.10
CA GLN B 13 -5.86 -4.55 1.42
C GLN B 13 -6.28 -5.36 0.20
N ARG B 14 -7.11 -4.76 -0.65
CA ARG B 14 -7.59 -5.42 -1.85
C ARG B 14 -6.51 -5.44 -2.93
N ALA B 15 -5.65 -4.41 -2.93
CA ALA B 15 -4.57 -4.32 -3.90
C ALA B 15 -3.54 -5.41 -3.69
N TYR B 16 -3.34 -5.78 -2.44
CA TYR B 16 -2.36 -6.83 -2.10
C TYR B 16 -3.01 -8.20 -2.14
N ARG B 17 -4.31 -8.26 -1.87
CA ARG B 17 -5.04 -9.52 -1.89
C ARG B 17 -4.93 -10.21 -3.24
N ARG B 18 -4.78 -9.41 -4.30
CA ARG B 18 -4.66 -9.94 -5.65
C ARG B 18 -3.20 -10.26 -5.98
N TYR B 19 -2.29 -9.44 -5.47
CA TYR B 19 -0.86 -9.63 -5.72
C TYR B 19 -0.37 -10.94 -5.11
N LEU B 20 -0.87 -11.24 -3.91
CA LEU B 20 -0.49 -12.46 -3.22
C LEU B 20 -1.16 -13.68 -3.83
N LEU B 21 -2.36 -13.48 -4.36
CA LEU B 21 -3.12 -14.56 -4.98
C LEU B 21 -2.55 -14.90 -6.35
N LYS B 22 -2.02 -13.89 -7.03
CA LYS B 22 -1.44 -14.09 -8.36
C LYS B 22 -0.01 -14.60 -8.27
N GLN B 23 0.79 -13.99 -7.40
CA GLN B 23 2.18 -14.38 -7.21
C GLN B 23 2.27 -15.84 -6.77
N LYS B 24 1.28 -16.29 -6.00
CA LYS B 24 1.25 -17.66 -5.51
C LYS B 24 0.71 -18.61 -6.57
N VAL B 25 1.32 -19.77 -6.69
CA VAL B 25 0.89 -20.77 -7.66
C VAL B 25 0.65 -22.13 -7.00
N LYS B 26 -0.42 -22.80 -7.39
CA LYS B 26 -0.76 -24.11 -6.84
C LYS B 26 -0.66 -25.19 -7.90
N LYS B 27 -0.02 -26.30 -7.55
CA LYS B 27 0.14 -27.42 -8.48
C LYS B 27 -0.58 -28.66 -7.96
N MET A 1 -5.99 -16.21 11.20
CA MET A 1 -5.71 -14.88 10.60
C MET A 1 -4.31 -14.40 10.95
N LYS A 2 -3.74 -13.57 10.09
CA LYS A 2 -2.40 -13.03 10.31
C LYS A 2 -2.19 -11.75 9.51
N GLU A 3 -1.52 -10.78 10.14
CA GLU A 3 -1.25 -9.50 9.48
C GLU A 3 0.20 -9.07 9.72
N GLN A 4 0.60 -9.05 10.99
CA GLN A 4 1.97 -8.66 11.35
C GLN A 4 2.95 -9.80 11.07
N ASP A 5 2.44 -11.02 11.04
CA ASP A 5 3.28 -12.20 10.80
C ASP A 5 3.60 -12.34 9.31
N SER A 6 3.04 -11.46 8.49
CA SER A 6 3.28 -11.51 7.05
C SER A 6 4.56 -10.75 6.67
N GLU A 7 5.36 -10.37 7.67
CA GLU A 7 6.59 -9.64 7.42
C GLU A 7 7.38 -10.24 6.25
N GLU A 8 7.25 -11.55 6.06
CA GLU A 8 7.94 -12.24 4.98
C GLU A 8 7.28 -11.93 3.63
N GLU A 9 5.96 -11.76 3.65
CA GLU A 9 5.21 -11.46 2.44
C GLU A 9 5.10 -9.94 2.23
N LEU A 10 4.69 -9.24 3.28
CA LEU A 10 4.54 -7.79 3.22
C LEU A 10 5.83 -7.13 2.74
N ILE A 11 6.97 -7.72 3.13
CA ILE A 11 8.27 -7.18 2.74
C ILE A 11 8.44 -7.19 1.22
N GLU A 12 7.84 -8.18 0.57
CA GLU A 12 7.92 -8.30 -0.88
C GLU A 12 7.17 -7.16 -1.56
N ALA A 13 6.10 -6.70 -0.92
CA ALA A 13 5.28 -5.62 -1.46
C ALA A 13 6.02 -4.29 -1.36
N PHE A 14 6.89 -4.16 -0.37
CA PHE A 14 7.66 -2.94 -0.17
C PHE A 14 8.68 -2.74 -1.28
N LYS A 15 9.22 -3.86 -1.78
CA LYS A 15 10.22 -3.81 -2.85
C LYS A 15 9.56 -3.56 -4.20
N VAL A 16 8.53 -4.32 -4.50
CA VAL A 16 7.81 -4.18 -5.77
C VAL A 16 7.24 -2.77 -5.92
N PHE A 17 6.64 -2.26 -4.85
CA PHE A 17 6.05 -0.93 -4.87
C PHE A 17 7.11 0.12 -5.18
N ASP A 18 8.19 0.10 -4.42
CA ASP A 18 9.28 1.06 -4.61
C ASP A 18 10.02 0.78 -5.91
N ARG A 19 9.49 1.30 -7.02
CA ARG A 19 10.11 1.11 -8.32
C ARG A 19 11.48 1.75 -8.38
N ASP A 20 11.66 2.83 -7.61
CA ASP A 20 12.94 3.53 -7.56
C ASP A 20 13.95 2.80 -6.68
N GLY A 21 13.44 1.94 -5.80
CA GLY A 21 14.32 1.19 -4.91
C GLY A 21 15.15 2.10 -4.02
N ASN A 22 14.52 3.15 -3.50
CA ASN A 22 15.21 4.09 -2.62
C ASN A 22 14.79 3.90 -1.17
N GLY A 23 13.61 3.32 -0.97
CA GLY A 23 13.11 3.10 0.37
C GLY A 23 11.90 3.95 0.69
N LEU A 24 11.75 5.05 -0.03
CA LEU A 24 10.62 5.96 0.19
C LEU A 24 9.60 5.84 -0.94
N ILE A 25 8.33 5.71 -0.57
CA ILE A 25 7.26 5.58 -1.55
C ILE A 25 6.38 6.83 -1.56
N SER A 26 6.60 7.70 -2.53
CA SER A 26 5.82 8.93 -2.65
C SER A 26 4.43 8.64 -3.19
N ALA A 27 3.63 9.69 -3.35
CA ALA A 27 2.27 9.56 -3.86
C ALA A 27 2.27 9.04 -5.29
N ALA A 28 3.21 9.52 -6.09
CA ALA A 28 3.32 9.11 -7.48
C ALA A 28 3.63 7.61 -7.59
N GLU A 29 4.38 7.10 -6.62
CA GLU A 29 4.74 5.69 -6.61
C GLU A 29 3.53 4.81 -6.31
N LEU A 30 2.72 5.25 -5.34
CA LEU A 30 1.52 4.51 -4.96
C LEU A 30 0.51 4.47 -6.11
N ARG A 31 0.53 5.49 -6.93
CA ARG A 31 -0.40 5.57 -8.07
C ARG A 31 0.17 4.83 -9.27
N HIS A 32 1.50 4.81 -9.39
CA HIS A 32 2.16 4.14 -10.50
C HIS A 32 1.95 2.64 -10.43
N VAL A 33 1.82 2.11 -9.21
CA VAL A 33 1.61 0.69 -9.01
C VAL A 33 0.12 0.34 -9.02
N MET A 34 -0.71 1.30 -8.59
CA MET A 34 -2.14 1.10 -8.55
C MET A 34 -2.71 0.93 -9.96
N THR A 35 -2.20 1.73 -10.90
CA THR A 35 -2.66 1.68 -12.28
C THR A 35 -2.25 0.36 -12.93
N ASN A 36 -1.05 -0.11 -12.61
CA ASN A 36 -0.54 -1.36 -13.17
C ASN A 36 -1.27 -2.56 -12.56
N LEU A 37 -1.61 -2.46 -11.28
CA LEU A 37 -2.31 -3.53 -10.59
C LEU A 37 -3.74 -3.68 -11.12
N GLY A 38 -4.25 -2.63 -11.73
CA GLY A 38 -5.60 -2.69 -12.27
C GLY A 38 -6.58 -1.86 -11.46
N GLU A 39 -6.11 -0.72 -10.95
CA GLU A 39 -6.96 0.15 -10.14
C GLU A 39 -6.74 1.61 -10.52
N LYS A 40 -7.83 2.37 -10.58
CA LYS A 40 -7.75 3.78 -10.92
C LYS A 40 -7.86 4.66 -9.67
N LEU A 41 -6.89 5.54 -9.49
CA LEU A 41 -6.88 6.43 -8.34
C LEU A 41 -6.47 7.84 -8.75
N THR A 42 -7.16 8.84 -8.20
CA THR A 42 -6.88 10.24 -8.51
C THR A 42 -5.71 10.75 -7.68
N ASP A 43 -5.24 11.95 -8.00
CA ASP A 43 -4.13 12.56 -7.26
C ASP A 43 -4.52 12.85 -5.83
N ASP A 44 -5.75 13.34 -5.64
CA ASP A 44 -6.25 13.67 -4.31
C ASP A 44 -6.51 12.39 -3.51
N GLU A 45 -6.98 11.36 -4.18
CA GLU A 45 -7.27 10.08 -3.54
C GLU A 45 -6.00 9.42 -3.03
N VAL A 46 -4.94 9.52 -3.83
CA VAL A 46 -3.66 8.93 -3.47
C VAL A 46 -2.96 9.76 -2.39
N ASP A 47 -2.98 11.07 -2.55
CA ASP A 47 -2.35 11.98 -1.60
C ASP A 47 -2.89 11.75 -0.18
N GLU A 48 -4.15 11.34 -0.11
CA GLU A 48 -4.79 11.08 1.19
C GLU A 48 -4.27 9.79 1.81
N MET A 49 -3.88 8.85 0.97
CA MET A 49 -3.37 7.57 1.42
C MET A 49 -1.97 7.72 2.00
N ILE A 50 -1.20 8.65 1.44
CA ILE A 50 0.16 8.90 1.89
C ILE A 50 0.18 9.45 3.32
N ARG A 51 -0.68 10.42 3.58
CA ARG A 51 -0.76 11.02 4.91
C ARG A 51 -1.15 9.99 5.95
N GLU A 52 -2.19 9.22 5.66
CA GLU A 52 -2.66 8.18 6.57
C GLU A 52 -1.60 7.11 6.78
N ALA A 53 -0.77 6.90 5.76
CA ALA A 53 0.28 5.89 5.82
C ALA A 53 1.52 6.44 6.52
N ASP A 54 1.85 7.70 6.24
CA ASP A 54 3.01 8.34 6.84
C ASP A 54 2.72 8.76 8.27
N ILE A 55 3.08 7.90 9.22
CA ILE A 55 2.85 8.18 10.63
C ILE A 55 3.94 9.09 11.21
N ASP A 56 4.94 9.42 10.39
CA ASP A 56 6.04 10.28 10.83
C ASP A 56 5.93 11.67 10.22
N GLY A 57 5.18 11.79 9.12
CA GLY A 57 5.04 13.07 8.46
C GLY A 57 6.11 13.31 7.41
N ASP A 58 6.64 12.23 6.86
CA ASP A 58 7.68 12.31 5.84
C ASP A 58 7.08 12.41 4.45
N GLY A 59 5.83 12.00 4.30
CA GLY A 59 5.18 12.03 3.01
C GLY A 59 5.50 10.81 2.17
N HIS A 60 6.26 9.87 2.75
CA HIS A 60 6.63 8.65 2.05
C HIS A 60 6.32 7.43 2.90
N ILE A 61 5.69 6.43 2.29
CA ILE A 61 5.33 5.21 2.99
C ILE A 61 6.55 4.31 3.20
N ASN A 62 7.10 4.36 4.41
CA ASN A 62 8.27 3.55 4.74
C ASN A 62 7.87 2.10 4.98
N TYR A 63 8.83 1.29 5.46
CA TYR A 63 8.57 -0.12 5.73
C TYR A 63 7.61 -0.28 6.91
N GLU A 64 7.95 0.38 8.02
CA GLU A 64 7.13 0.30 9.22
C GLU A 64 5.79 1.01 9.00
N GLU A 65 5.80 2.04 8.16
CA GLU A 65 4.59 2.78 7.86
C GLU A 65 3.67 1.99 6.93
N PHE A 66 4.27 1.28 5.99
CA PHE A 66 3.51 0.47 5.03
C PHE A 66 2.77 -0.65 5.75
N VAL A 67 3.44 -1.29 6.69
CA VAL A 67 2.84 -2.39 7.44
C VAL A 67 1.72 -1.89 8.35
N ARG A 68 1.89 -0.68 8.89
CA ARG A 68 0.90 -0.09 9.77
C ARG A 68 -0.43 0.07 9.05
N MET A 69 -0.37 0.45 7.78
CA MET A 69 -1.58 0.64 6.98
C MET A 69 -2.32 -0.68 6.80
N MET A 70 -1.56 -1.77 6.75
CA MET A 70 -2.15 -3.10 6.57
C MET A 70 -2.83 -3.56 7.86
N VAL A 71 -2.19 -3.28 8.99
CA VAL A 71 -2.75 -3.67 10.29
C VAL A 71 -3.45 -2.50 10.96
N SER A 72 -4.00 -1.60 10.14
CA SER A 72 -4.71 -0.43 10.66
C SER A 72 -6.21 -0.70 10.76
N LYS A 73 -6.71 -1.54 9.85
CA LYS A 73 -8.13 -1.88 9.83
C LYS A 73 -8.42 -2.95 8.79
N LYS B 1 -12.55 15.45 -2.81
CA LYS B 1 -13.96 15.63 -2.38
C LYS B 1 -14.33 14.66 -1.26
N ARG B 2 -14.25 13.37 -1.56
CA ARG B 2 -14.57 12.34 -0.58
C ARG B 2 -13.32 11.89 0.18
N LYS B 3 -13.27 12.23 1.46
CA LYS B 3 -12.13 11.87 2.30
C LYS B 3 -12.52 10.83 3.35
N GLN B 4 -11.77 9.74 3.41
CA GLN B 4 -12.04 8.67 4.36
C GLN B 4 -10.87 7.70 4.44
N GLU B 5 -10.62 7.18 5.64
CA GLU B 5 -9.53 6.24 5.87
C GLU B 5 -10.02 4.81 5.72
N GLU B 6 -11.29 4.57 6.06
CA GLU B 6 -11.86 3.24 5.96
C GLU B 6 -12.07 2.83 4.51
N VAL B 7 -12.45 3.79 3.67
CA VAL B 7 -12.67 3.54 2.26
C VAL B 7 -11.36 3.38 1.50
N SER B 8 -10.33 4.08 1.96
CA SER B 8 -9.01 4.02 1.33
C SER B 8 -8.28 2.74 1.73
N ALA B 9 -8.54 2.26 2.94
CA ALA B 9 -7.90 1.06 3.44
C ALA B 9 -8.34 -0.17 2.63
N ILE B 10 -9.58 -0.15 2.16
CA ILE B 10 -10.10 -1.26 1.37
C ILE B 10 -9.49 -1.29 -0.03
N VAL B 11 -9.16 -0.10 -0.54
CA VAL B 11 -8.56 0.01 -1.87
C VAL B 11 -7.15 -0.58 -1.90
N ILE B 12 -6.43 -0.42 -0.79
CA ILE B 12 -5.08 -0.94 -0.68
C ILE B 12 -5.07 -2.43 -0.36
N GLN B 13 -6.10 -2.87 0.37
CA GLN B 13 -6.21 -4.27 0.76
C GLN B 13 -6.63 -5.13 -0.44
N ARG B 14 -7.65 -4.67 -1.15
CA ARG B 14 -8.16 -5.39 -2.32
C ARG B 14 -7.09 -5.47 -3.41
N ALA B 15 -6.30 -4.41 -3.53
CA ALA B 15 -5.25 -4.36 -4.54
C ALA B 15 -4.22 -5.48 -4.31
N TYR B 16 -3.60 -5.48 -3.14
CA TYR B 16 -2.61 -6.49 -2.81
C TYR B 16 -3.23 -7.89 -2.80
N ARG B 17 -4.52 -7.96 -2.52
CA ARG B 17 -5.24 -9.23 -2.47
C ARG B 17 -5.10 -9.98 -3.80
N ARG B 18 -5.09 -9.23 -4.90
CA ARG B 18 -4.96 -9.81 -6.23
C ARG B 18 -3.52 -10.21 -6.51
N TYR B 19 -2.58 -9.47 -5.94
CA TYR B 19 -1.15 -9.74 -6.13
C TYR B 19 -0.80 -11.14 -5.63
N LEU B 20 -1.34 -11.50 -4.47
CA LEU B 20 -1.08 -12.81 -3.89
C LEU B 20 -1.84 -13.91 -4.63
N LEU B 21 -3.00 -13.55 -5.16
CA LEU B 21 -3.83 -14.51 -5.90
C LEU B 21 -3.27 -14.73 -7.30
N LYS B 22 -2.64 -13.71 -7.85
CA LYS B 22 -2.06 -13.80 -9.20
C LYS B 22 -0.78 -14.66 -9.18
N GLN B 23 0.00 -14.51 -8.12
CA GLN B 23 1.24 -15.27 -7.98
C GLN B 23 0.96 -16.74 -7.76
N LYS B 24 -0.14 -17.03 -7.06
CA LYS B 24 -0.53 -18.40 -6.76
C LYS B 24 -1.58 -18.89 -7.76
N VAL B 25 -1.25 -19.94 -8.50
CA VAL B 25 -2.18 -20.49 -9.49
C VAL B 25 -2.62 -21.90 -9.08
N LYS B 26 -1.69 -22.84 -9.09
CA LYS B 26 -1.99 -24.21 -8.73
C LYS B 26 -0.97 -24.75 -7.72
N LYS B 27 -1.38 -25.72 -6.92
CA LYS B 27 -0.50 -26.31 -5.93
C LYS B 27 0.35 -27.43 -6.55
#